data_5H3Z
#
_entry.id   5H3Z
#
_cell.length_a   87.761
_cell.length_b   94.784
_cell.length_c   157.943
_cell.angle_alpha   90.00
_cell.angle_beta   98.41
_cell.angle_gamma   90.00
#
_symmetry.space_group_name_H-M   'P 1 21 1'
#
loop_
_entity.id
_entity.type
_entity.pdbx_description
1 polymer 'Uncharacterized protein'
2 non-polymer GLYCEROL
3 non-polymer 'CALCIUM ION'
4 non-polymer DI(HYDROXYETHYL)ETHER
5 water water
#
_entity_poly.entity_id   1
_entity_poly.type   'polypeptide(L)'
_entity_poly.pdbx_seq_one_letter_code
;(MSE)GILKTLSAPIILENSNSTFTFLPGGDNFEWIHESI(MSE)INAFQGNTLDGSTNNLYLRIYKDNSLAFYPLIG
(MSE)NSKSTIKSGTSTLIFEGTAEDISYTVTFRLTPYGIWFWDISLSGNCNKADIIYSQDIGVGTKGSVNSNELYLAQY
LGHSIFQGDYGYVICSRQN(MSE)AQGDLFPYLQQGSLGIRSIAYSTDGTQFFGLSYKKTNIPEALYGDLPSKNKQYELA
HTALQTEAFSLSGTKQFSFYGICKTNHPEVIREIEYIQELEKAYAYHESGEILPVNVPTLQNIGAPYASSRWDAKQVEHY
FPKRLLEEKEEEALLSFFTPEKSHVVLQDKELTTERPHGHIL(MSE)TNFDVTKVPQGVVSSTNY(MSE)YGAFNCQFVV
GNTTYNKLLSNHRGLLNIQKDSGQRIFIKIGDCYRQLTLPAAYE(MSE)NVAGSTWYYQLDEDVLIITSFA(MSE)YNRP
EIVLKVQSLGHKKYDFIVTHQLTVGPNEYENEIKLTREGNILQLSPTDPVVTNHFYPELSFR(MSE)RIPEDCTLSDDSI
FFHNNTTINPSLLSIEILQKSSFDIV(MSE)QGFDTGNVIPFLDQYDYKEQLEAYRIYYDQLVCNFKLSAPDKIPLSAEK
LNAIIHWYAHDALIHFASPHGLEQSGGAAWGTRDVCQGPIEFFLTTGHFDLVRHILITLYSHQIEGGFEWPQWF(MSE)F
DHYPIHQEDCHGDVVFWPLKAISDYIQATGDTSILNELVDYRTAKDALPTNQPETILIHIKRAVTTIKNRYLSGTALISY
AGGDWDDTLQPANSELKENLVSAWTQALAEQTLELLCSAIKGIDHDFSKELSH(MSE)ANDIRTSFYQYLIKDGVIAGFL
YRESEEH(MSE)KY(MSE)LHPDDTESSIHYRLLPLTRSIIAQLADFKLATRNLEIIDEHLACPDGVRL(MSE)DHPASY
SGGISKIFLRAEQAANVGREISLQYVHAHIRYIEALAT(MSE)GLSKKAWDAL(MSE)RINPILLTDYVPNALTRQSNVY
FSSSEGCFDDRYEYAKNFDKLRTGDINVKGGWRLYSSGPGIYIRRIIADLLGIRFGHNVIHIDPVVTKELDGVTLQFTCF
GKTVFFTYHVDDT(MSE)DKHICVKSNNNILPGDNLNNIYRDGGIQIAKDVFLSAA(MSE)SDNNFHIYVKNLEHHHHHH
;
_entity_poly.pdbx_strand_id   A,B
#
# COMPACT_ATOMS: atom_id res chain seq x y z
N GLY A 2 10.07 -12.26 -55.99
CA GLY A 2 10.43 -13.07 -54.81
C GLY A 2 9.21 -13.19 -53.89
N ILE A 3 9.06 -14.37 -53.31
CA ILE A 3 7.97 -14.68 -52.42
C ILE A 3 8.57 -14.96 -51.07
N LEU A 4 8.21 -14.16 -50.08
CA LEU A 4 8.54 -14.44 -48.68
C LEU A 4 7.50 -15.38 -48.08
N LYS A 5 7.97 -16.50 -47.54
CA LYS A 5 7.11 -17.43 -46.87
C LYS A 5 6.64 -16.93 -45.49
N THR A 6 5.66 -17.63 -44.95
CA THR A 6 5.04 -17.25 -43.69
C THR A 6 5.55 -18.17 -42.61
N LEU A 7 5.61 -17.65 -41.40
CA LEU A 7 6.06 -18.44 -40.27
C LEU A 7 5.01 -19.48 -39.89
N SER A 8 5.41 -20.73 -39.77
CA SER A 8 4.53 -21.74 -39.16
C SER A 8 5.26 -22.32 -37.96
N ALA A 9 4.58 -22.45 -36.83
CA ALA A 9 5.25 -22.97 -35.62
C ALA A 9 5.62 -24.47 -35.88
N PRO A 10 6.89 -24.83 -35.81
CA PRO A 10 7.32 -26.21 -36.19
C PRO A 10 7.10 -27.26 -35.11
N ILE A 11 6.73 -26.89 -33.90
CA ILE A 11 6.45 -27.88 -32.88
C ILE A 11 4.98 -27.84 -32.65
N ILE A 12 4.33 -28.95 -32.93
CA ILE A 12 2.91 -28.99 -32.92
C ILE A 12 2.51 -30.11 -32.03
N LEU A 13 1.93 -29.78 -30.89
CA LEU A 13 1.39 -30.80 -29.98
C LEU A 13 -0.10 -30.90 -30.13
N GLU A 14 -0.63 -32.12 -30.21
CA GLU A 14 -2.05 -32.33 -30.40
C GLU A 14 -2.54 -33.40 -29.50
N ASN A 15 -3.73 -33.20 -29.00
CA ASN A 15 -4.41 -34.23 -28.24
C ASN A 15 -5.86 -33.88 -28.21
N SER A 16 -6.66 -34.75 -28.78
CA SER A 16 -8.07 -34.64 -28.67
C SER A 16 -8.46 -33.27 -29.27
N ASN A 17 -9.19 -32.43 -28.58
CA ASN A 17 -9.58 -31.15 -29.10
C ASN A 17 -8.56 -30.00 -28.83
N SER A 18 -7.31 -30.31 -28.56
CA SER A 18 -6.28 -29.32 -28.24
C SER A 18 -5.19 -29.37 -29.26
N THR A 19 -4.80 -28.18 -29.76
CA THR A 19 -3.56 -28.03 -30.52
C THR A 19 -2.72 -26.90 -29.85
N PHE A 20 -1.58 -27.23 -29.28
CA PHE A 20 -0.62 -26.26 -28.71
C PHE A 20 0.63 -26.27 -29.53
N THR A 21 0.97 -25.12 -30.14
CA THR A 21 2.14 -25.01 -30.98
C THR A 21 3.22 -24.15 -30.31
N PHE A 22 4.45 -24.43 -30.68
CA PHE A 22 5.60 -23.79 -30.08
C PHE A 22 6.59 -23.47 -31.15
N LEU A 23 7.39 -22.45 -30.87
CA LEU A 23 8.55 -22.09 -31.70
C LEU A 23 9.73 -23.04 -31.36
N PRO A 24 10.80 -23.07 -32.19
CA PRO A 24 11.82 -24.13 -32.05
C PRO A 24 12.57 -24.13 -30.72
N GLY A 25 12.65 -22.97 -30.04
CA GLY A 25 13.24 -22.90 -28.72
C GLY A 25 12.26 -23.31 -27.64
N GLY A 26 11.08 -23.76 -28.02
CA GLY A 26 10.09 -24.19 -27.06
C GLY A 26 9.26 -23.00 -26.47
N ASP A 27 9.25 -21.88 -27.14
CA ASP A 27 8.42 -20.70 -26.76
C ASP A 27 7.00 -20.90 -27.24
N ASN A 28 6.02 -20.58 -26.40
CA ASN A 28 4.62 -20.68 -26.78
C ASN A 28 4.34 -19.85 -28.00
N PHE A 29 3.56 -20.42 -28.91
CA PHE A 29 3.13 -19.68 -30.10
C PHE A 29 1.64 -19.54 -29.98
N GLU A 30 0.89 -20.60 -30.21
CA GLU A 30 -0.55 -20.55 -30.05
C GLU A 30 -1.02 -21.79 -29.30
N TRP A 31 -1.69 -21.56 -28.18
CA TRP A 31 -2.27 -22.64 -27.40
C TRP A 31 -3.76 -22.64 -27.53
N ILE A 32 -4.30 -23.62 -28.26
CA ILE A 32 -5.72 -23.60 -28.64
C ILE A 32 -6.41 -24.87 -28.11
N HIS A 33 -7.48 -24.66 -27.40
CA HIS A 33 -8.31 -25.73 -26.94
C HIS A 33 -9.70 -25.44 -27.47
N GLU A 34 -10.17 -26.34 -28.33
CA GLU A 34 -11.44 -26.16 -29.06
C GLU A 34 -11.30 -24.85 -29.82
N SER A 35 -12.12 -23.89 -29.60
CA SER A 35 -11.87 -22.67 -30.39
C SER A 35 -11.37 -21.50 -29.51
N ILE A 36 -10.81 -21.81 -28.34
CA ILE A 36 -10.32 -20.81 -27.36
C ILE A 36 -8.79 -20.75 -27.32
N ILE A 38 -5.59 -19.79 -25.34
CA ILE A 38 -5.29 -19.77 -23.94
C ILE A 38 -4.21 -18.71 -23.58
N ASN A 39 -3.15 -18.61 -24.33
CA ASN A 39 -2.12 -17.58 -24.11
C ASN A 39 -2.62 -16.24 -24.67
N ALA A 40 -1.99 -15.16 -24.23
CA ALA A 40 -2.40 -13.84 -24.69
C ALA A 40 -1.55 -13.37 -25.87
N PHE A 41 -0.26 -13.67 -25.86
CA PHE A 41 0.69 -13.20 -26.85
C PHE A 41 1.35 -14.40 -27.48
N GLN A 42 1.43 -14.35 -28.78
CA GLN A 42 2.26 -15.32 -29.52
C GLN A 42 3.72 -15.01 -29.35
N GLY A 43 4.52 -16.04 -29.16
CA GLY A 43 5.97 -15.87 -29.16
C GLY A 43 6.48 -15.40 -30.50
N ASN A 44 7.66 -14.82 -30.47
CA ASN A 44 8.38 -14.55 -31.72
C ASN A 44 9.78 -15.17 -31.66
N THR A 45 10.39 -15.24 -32.83
CA THR A 45 11.67 -16.00 -33.02
C THR A 45 12.88 -15.36 -32.38
N LEU A 46 12.83 -14.06 -32.11
CA LEU A 46 13.94 -13.41 -31.34
C LEU A 46 13.75 -13.24 -29.87
N ASP A 47 12.55 -12.81 -29.42
CA ASP A 47 12.29 -12.62 -28.00
C ASP A 47 11.87 -13.86 -27.31
N GLY A 48 11.27 -14.84 -28.00
CA GLY A 48 10.58 -15.91 -27.29
C GLY A 48 9.16 -15.48 -26.94
N SER A 49 8.61 -16.07 -25.89
CA SER A 49 7.29 -15.80 -25.46
C SER A 49 7.31 -15.16 -24.08
N THR A 50 6.13 -14.74 -23.64
CA THR A 50 5.96 -13.96 -22.40
C THR A 50 5.93 -14.86 -21.12
N ASN A 51 5.56 -16.11 -21.31
CA ASN A 51 5.56 -17.10 -20.23
C ASN A 51 6.89 -17.75 -19.98
N ASN A 52 7.06 -18.30 -18.80
CA ASN A 52 8.24 -18.99 -18.44
C ASN A 52 8.12 -19.69 -17.10
N LEU A 53 9.14 -20.42 -16.75
CA LEU A 53 9.30 -21.01 -15.41
C LEU A 53 10.68 -20.65 -14.93
N TYR A 54 10.80 -20.09 -13.74
CA TYR A 54 12.05 -19.52 -13.31
C TYR A 54 12.56 -20.27 -12.06
N LEU A 55 13.82 -20.69 -12.10
CA LEU A 55 14.45 -21.25 -10.92
C LEU A 55 15.24 -20.15 -10.27
N ARG A 56 15.01 -19.96 -8.99
CA ARG A 56 15.78 -18.95 -8.22
C ARG A 56 16.65 -19.61 -7.15
N ILE A 57 17.83 -19.09 -6.97
CA ILE A 57 18.80 -19.67 -6.06
C ILE A 57 19.21 -18.61 -5.11
N TYR A 58 19.01 -18.87 -3.82
CA TYR A 58 19.32 -17.89 -2.80
C TYR A 58 20.64 -18.20 -2.11
N LYS A 59 21.52 -17.21 -2.02
CA LYS A 59 22.77 -17.33 -1.32
C LYS A 59 22.92 -16.24 -0.30
N ASP A 60 23.99 -16.32 0.48
CA ASP A 60 24.26 -15.35 1.49
C ASP A 60 24.48 -13.98 0.93
N ASN A 61 25.08 -13.84 -0.25
CA ASN A 61 25.33 -12.53 -0.83
C ASN A 61 24.69 -12.34 -2.18
N SER A 62 23.72 -13.16 -2.53
CA SER A 62 23.08 -13.02 -3.85
C SER A 62 21.78 -13.75 -3.99
N LEU A 63 21.07 -13.30 -5.00
CA LEU A 63 19.89 -13.99 -5.52
C LEU A 63 20.04 -14.10 -7.04
N ALA A 64 19.78 -15.26 -7.58
CA ALA A 64 19.94 -15.51 -8.97
C ALA A 64 18.63 -16.11 -9.48
N PHE A 65 18.37 -15.94 -10.78
CA PHE A 65 17.09 -16.37 -11.36
C PHE A 65 17.34 -16.81 -12.77
N TYR A 66 16.79 -17.99 -13.13
CA TYR A 66 17.08 -18.58 -14.47
C TYR A 66 15.82 -19.09 -15.10
N PRO A 67 15.57 -18.69 -16.35
CA PRO A 67 14.43 -19.28 -17.06
C PRO A 67 14.73 -20.72 -17.48
N LEU A 68 13.77 -21.60 -17.32
CA LEU A 68 13.93 -23.02 -17.62
C LEU A 68 13.37 -23.45 -18.96
N ILE A 69 12.52 -22.63 -19.55
CA ILE A 69 11.91 -22.94 -20.80
C ILE A 69 12.07 -21.83 -21.75
N GLY A 70 11.79 -22.13 -22.99
CA GLY A 70 11.95 -21.20 -24.08
C GLY A 70 13.36 -20.95 -24.53
N ASN A 72 15.41 -18.55 -24.39
CA ASN A 72 16.39 -17.98 -23.46
C ASN A 72 16.92 -18.91 -22.36
N SER A 73 16.26 -20.03 -22.12
CA SER A 73 16.78 -21.01 -21.17
C SER A 73 18.04 -21.70 -21.75
N LYS A 74 18.24 -21.69 -23.07
CA LYS A 74 19.31 -22.59 -23.66
C LYS A 74 19.14 -24.13 -23.31
N SER A 75 17.90 -24.56 -23.08
CA SER A 75 17.49 -25.92 -22.83
C SER A 75 17.57 -26.73 -24.14
N THR A 76 17.93 -28.00 -24.05
CA THR A 76 17.74 -28.88 -25.20
C THR A 76 16.32 -29.39 -25.17
N ILE A 77 15.84 -29.89 -26.29
CA ILE A 77 14.43 -30.20 -26.43
C ILE A 77 14.24 -31.55 -27.12
N LYS A 78 13.32 -32.33 -26.60
CA LYS A 78 12.74 -33.47 -27.31
C LYS A 78 11.25 -33.30 -27.37
N SER A 79 10.63 -33.79 -28.43
CA SER A 79 9.16 -33.75 -28.54
C SER A 79 8.53 -35.09 -28.88
N GLY A 80 7.29 -35.22 -28.49
CA GLY A 80 6.42 -36.32 -28.91
C GLY A 80 5.22 -35.68 -29.57
N THR A 81 4.18 -36.45 -29.76
CA THR A 81 2.98 -35.90 -30.34
C THR A 81 2.21 -35.03 -29.33
N SER A 82 2.33 -35.31 -28.05
CA SER A 82 1.68 -34.50 -27.01
C SER A 82 2.58 -34.15 -25.81
N THR A 83 3.88 -34.16 -26.03
CA THR A 83 4.83 -34.00 -24.96
C THR A 83 6.01 -33.23 -25.46
N LEU A 84 6.57 -32.41 -24.60
CA LEU A 84 7.79 -31.65 -24.91
C LEU A 84 8.72 -31.70 -23.70
N ILE A 85 9.99 -32.06 -23.87
CA ILE A 85 10.86 -32.24 -22.72
C ILE A 85 12.02 -31.27 -22.83
N PHE A 86 12.21 -30.45 -21.80
CA PHE A 86 13.33 -29.49 -21.81
C PHE A 86 14.37 -30.03 -20.85
N GLU A 87 15.63 -29.98 -21.23
CA GLU A 87 16.70 -30.36 -20.33
C GLU A 87 17.84 -29.38 -20.31
N GLY A 88 18.36 -29.15 -19.11
CA GLY A 88 19.51 -28.34 -18.96
C GLY A 88 20.06 -28.29 -17.56
N THR A 89 20.96 -27.33 -17.36
CA THR A 89 21.46 -27.03 -16.01
C THR A 89 21.48 -25.52 -15.72
N ALA A 90 21.28 -25.18 -14.46
CA ALA A 90 21.41 -23.81 -14.01
C ALA A 90 22.34 -23.81 -12.81
N GLU A 91 23.49 -23.14 -12.96
CA GLU A 91 24.59 -23.25 -11.99
C GLU A 91 24.94 -24.73 -11.86
N ASP A 92 24.80 -25.31 -10.68
CA ASP A 92 25.11 -26.74 -10.46
C ASP A 92 23.84 -27.60 -10.39
N ILE A 93 22.67 -27.04 -10.68
CA ILE A 93 21.41 -27.76 -10.61
C ILE A 93 21.07 -28.27 -12.03
N SER A 94 20.73 -29.55 -12.10
CA SER A 94 20.24 -30.17 -13.34
C SER A 94 18.76 -30.11 -13.33
N TYR A 95 18.17 -29.77 -14.48
CA TYR A 95 16.72 -29.81 -14.51
C TYR A 95 16.16 -30.53 -15.71
N THR A 96 14.97 -31.02 -15.55
CA THR A 96 14.17 -31.40 -16.70
C THR A 96 12.76 -30.80 -16.47
N VAL A 97 12.23 -30.18 -17.52
CA VAL A 97 10.87 -29.77 -17.52
C VAL A 97 10.12 -30.58 -18.58
N THR A 98 9.02 -31.17 -18.17
CA THR A 98 8.21 -31.94 -19.08
C THR A 98 6.86 -31.29 -19.23
N PHE A 99 6.59 -30.84 -20.45
CA PHE A 99 5.28 -30.37 -20.81
C PHE A 99 4.39 -31.51 -21.35
N ARG A 100 3.24 -31.69 -20.76
CA ARG A 100 2.28 -32.67 -21.21
C ARG A 100 0.97 -32.03 -21.56
N LEU A 101 0.53 -32.30 -22.76
CA LEU A 101 -0.81 -31.96 -23.16
C LEU A 101 -1.66 -33.22 -23.13
N THR A 102 -2.67 -33.21 -22.27
CA THR A 102 -3.57 -34.35 -22.12
C THR A 102 -4.77 -34.26 -23.04
N PRO A 103 -5.60 -35.32 -23.05
CA PRO A 103 -6.83 -35.27 -23.85
C PRO A 103 -7.95 -34.51 -23.18
N TYR A 104 -7.73 -34.01 -21.98
CA TYR A 104 -8.81 -33.49 -21.14
C TYR A 104 -8.91 -31.96 -21.05
N GLY A 105 -8.33 -31.26 -22.00
CA GLY A 105 -8.23 -29.83 -21.94
C GLY A 105 -7.37 -29.41 -20.72
N ILE A 106 -6.38 -30.24 -20.38
CA ILE A 106 -5.51 -30.08 -19.18
C ILE A 106 -4.08 -30.34 -19.62
N TRP A 107 -3.18 -29.44 -19.18
CA TRP A 107 -1.76 -29.57 -19.41
C TRP A 107 -0.95 -29.48 -18.13
N PHE A 108 0.28 -29.94 -18.17
CA PHE A 108 1.15 -29.93 -17.01
C PHE A 108 2.51 -29.48 -17.44
N TRP A 109 3.20 -28.81 -16.53
CA TRP A 109 4.61 -28.57 -16.59
C TRP A 109 5.17 -29.38 -15.42
N ASP A 110 5.84 -30.50 -15.70
CA ASP A 110 6.41 -31.33 -14.65
C ASP A 110 7.82 -30.94 -14.53
N ILE A 111 8.23 -30.54 -13.33
CA ILE A 111 9.56 -30.06 -13.12
C ILE A 111 10.33 -31.10 -12.26
N SER A 112 11.55 -31.43 -12.70
CA SER A 112 12.43 -32.27 -11.90
C SER A 112 13.73 -31.56 -11.71
N LEU A 113 14.14 -31.34 -10.45
CA LEU A 113 15.45 -30.73 -10.18
C LEU A 113 16.43 -31.69 -9.43
N SER A 114 17.69 -31.73 -9.87
CA SER A 114 18.74 -32.56 -9.28
C SER A 114 19.98 -31.77 -8.95
N GLY A 115 20.34 -31.78 -7.67
CA GLY A 115 21.64 -31.25 -7.31
C GLY A 115 21.61 -30.96 -5.83
N ASN A 116 22.51 -30.09 -5.47
CA ASN A 116 22.65 -29.70 -4.09
C ASN A 116 22.62 -28.18 -3.94
N CYS A 117 21.62 -27.68 -3.22
CA CYS A 117 21.66 -26.26 -2.80
C CYS A 117 20.79 -25.96 -1.58
N ASN A 118 21.25 -24.99 -0.84
CA ASN A 118 20.65 -24.64 0.45
C ASN A 118 19.23 -24.09 0.34
N LYS A 119 18.98 -23.25 -0.67
CA LYS A 119 17.67 -22.59 -0.76
C LYS A 119 17.34 -22.17 -2.22
N ALA A 120 16.21 -22.65 -2.69
CA ALA A 120 15.75 -22.36 -4.02
C ALA A 120 14.28 -22.23 -4.03
N ASP A 121 13.74 -21.59 -5.07
CA ASP A 121 12.29 -21.66 -5.35
C ASP A 121 12.04 -21.62 -6.83
N ILE A 122 10.80 -21.80 -7.20
CA ILE A 122 10.35 -21.68 -8.60
C ILE A 122 9.20 -20.65 -8.68
N ILE A 123 9.20 -19.89 -9.77
CA ILE A 123 8.12 -19.01 -10.14
C ILE A 123 7.54 -19.45 -11.50
N TYR A 124 6.25 -19.74 -11.47
CA TYR A 124 5.46 -20.07 -12.68
C TYR A 124 4.91 -18.71 -13.20
N SER A 125 5.01 -18.52 -14.50
CA SER A 125 4.62 -17.28 -15.14
C SER A 125 3.89 -17.57 -16.47
N GLN A 126 2.65 -17.14 -16.58
CA GLN A 126 1.86 -17.44 -17.79
C GLN A 126 0.90 -16.31 -18.15
N ASP A 127 1.07 -15.77 -19.34
CA ASP A 127 0.18 -14.77 -19.86
C ASP A 127 -1.05 -15.50 -20.38
N ILE A 128 -2.22 -14.96 -20.09
CA ILE A 128 -3.47 -15.61 -20.50
C ILE A 128 -4.42 -14.74 -21.23
N GLY A 129 -4.94 -15.26 -22.33
CA GLY A 129 -5.94 -14.59 -23.17
C GLY A 129 -7.37 -15.00 -22.86
N VAL A 130 -7.68 -16.25 -23.17
CA VAL A 130 -8.96 -16.85 -22.84
C VAL A 130 -10.11 -16.25 -23.62
N GLY A 131 -9.94 -16.32 -24.91
CA GLY A 131 -10.92 -15.84 -25.88
C GLY A 131 -10.69 -16.51 -27.19
N THR A 132 -11.54 -16.22 -28.16
CA THR A 132 -11.26 -16.70 -29.50
C THR A 132 -10.01 -16.09 -30.05
N LYS A 133 -9.38 -16.76 -31.01
CA LYS A 133 -8.18 -16.21 -31.57
C LYS A 133 -8.37 -14.77 -32.07
N GLY A 134 -9.47 -14.54 -32.78
CA GLY A 134 -9.80 -13.23 -33.36
C GLY A 134 -9.90 -12.16 -32.24
N SER A 135 -10.46 -12.53 -31.08
CA SER A 135 -10.61 -11.57 -29.96
C SER A 135 -9.28 -11.25 -29.35
N VAL A 136 -8.44 -12.27 -29.14
CA VAL A 136 -7.10 -12.05 -28.51
C VAL A 136 -6.25 -11.17 -29.43
N ASN A 137 -6.16 -11.55 -30.69
CA ASN A 137 -5.30 -10.82 -31.62
C ASN A 137 -5.81 -9.36 -31.87
N SER A 138 -7.12 -9.18 -31.84
CA SER A 138 -7.71 -7.86 -32.08
C SER A 138 -7.42 -6.83 -30.93
N ASN A 139 -7.47 -7.24 -29.68
CA ASN A 139 -7.06 -6.30 -28.61
C ASN A 139 -6.93 -7.06 -27.29
N GLU A 140 -5.70 -7.42 -26.96
CA GLU A 140 -5.38 -8.23 -25.72
C GLU A 140 -5.81 -7.45 -24.49
N LEU A 141 -5.67 -6.15 -24.54
CA LEU A 141 -5.99 -5.26 -23.40
C LEU A 141 -7.49 -5.29 -23.03
N TYR A 142 -8.31 -5.13 -24.04
CA TYR A 142 -9.71 -5.17 -23.93
C TYR A 142 -10.14 -6.56 -23.41
N LEU A 143 -9.60 -7.62 -23.97
CA LEU A 143 -9.99 -8.98 -23.53
C LEU A 143 -9.73 -9.20 -22.06
N ALA A 144 -8.55 -8.78 -21.61
CA ALA A 144 -8.16 -8.90 -20.23
C ALA A 144 -9.05 -8.15 -19.25
N GLN A 145 -9.68 -7.09 -19.72
CA GLN A 145 -10.54 -6.28 -18.88
C GLN A 145 -11.77 -7.06 -18.46
N TYR A 146 -12.10 -8.09 -19.22
CA TYR A 146 -13.29 -8.88 -18.95
C TYR A 146 -12.98 -10.27 -18.38
N LEU A 147 -11.72 -10.51 -18.04
CA LEU A 147 -11.27 -11.78 -17.52
C LEU A 147 -11.18 -11.68 -16.04
N GLY A 148 -12.18 -12.23 -15.34
CA GLY A 148 -12.29 -12.08 -13.90
C GLY A 148 -11.62 -13.24 -13.16
N HIS A 149 -10.73 -12.91 -12.22
CA HIS A 149 -9.96 -13.92 -11.52
C HIS A 149 -10.50 -14.11 -10.13
N SER A 150 -10.56 -15.40 -9.72
CA SER A 150 -10.91 -15.82 -8.36
C SER A 150 -9.80 -16.64 -7.74
N ILE A 151 -9.48 -16.34 -6.51
CA ILE A 151 -8.28 -16.89 -5.86
C ILE A 151 -8.70 -17.81 -4.72
N PHE A 152 -8.13 -18.99 -4.67
CA PHE A 152 -8.53 -19.98 -3.66
C PHE A 152 -7.32 -20.60 -3.09
N GLN A 153 -7.50 -21.28 -1.96
CA GLN A 153 -6.49 -22.18 -1.38
C GLN A 153 -6.90 -23.60 -1.68
N GLY A 154 -6.04 -24.35 -2.34
CA GLY A 154 -6.30 -25.75 -2.70
C GLY A 154 -5.48 -26.63 -1.77
N ASP A 155 -5.21 -27.86 -2.21
CA ASP A 155 -4.35 -28.74 -1.45
C ASP A 155 -2.92 -28.27 -1.43
N TYR A 156 -2.53 -27.51 -2.47
CA TYR A 156 -1.16 -27.10 -2.65
C TYR A 156 -1.01 -25.55 -2.78
N GLY A 157 -1.68 -24.84 -1.88
CA GLY A 157 -1.61 -23.40 -1.79
C GLY A 157 -2.53 -22.75 -2.81
N TYR A 158 -2.09 -21.62 -3.37
CA TYR A 158 -2.92 -20.79 -4.25
C TYR A 158 -3.29 -21.48 -5.57
N VAL A 159 -4.55 -21.36 -5.91
CA VAL A 159 -5.02 -21.74 -7.25
C VAL A 159 -5.84 -20.59 -7.81
N ILE A 160 -5.59 -20.33 -9.07
CA ILE A 160 -6.17 -19.16 -9.75
C ILE A 160 -7.21 -19.69 -10.77
N CYS A 161 -8.44 -19.28 -10.61
CA CYS A 161 -9.52 -19.60 -11.55
C CYS A 161 -9.97 -18.34 -12.26
N SER A 162 -10.14 -18.43 -13.55
CA SER A 162 -10.47 -17.21 -14.35
C SER A 162 -11.66 -17.49 -15.27
N ARG A 163 -12.61 -16.56 -15.29
CA ARG A 163 -13.75 -16.65 -16.19
C ARG A 163 -13.80 -15.45 -17.14
N GLN A 164 -13.84 -15.73 -18.40
CA GLN A 164 -14.05 -14.68 -19.44
C GLN A 164 -15.51 -14.27 -19.50
N ASN A 165 -15.80 -13.03 -19.08
CA ASN A 165 -17.14 -12.55 -18.93
C ASN A 165 -17.79 -12.00 -20.19
N ALA A 167 -18.78 -12.73 -23.85
CA ALA A 167 -19.12 -13.89 -24.60
C ALA A 167 -18.19 -14.14 -25.79
N GLN A 168 -17.68 -15.34 -25.91
CA GLN A 168 -16.76 -15.72 -27.00
C GLN A 168 -17.45 -16.84 -27.81
N GLY A 169 -17.96 -16.53 -28.98
CA GLY A 169 -18.80 -17.51 -29.70
C GLY A 169 -19.98 -18.04 -28.85
N ASP A 170 -20.64 -17.13 -28.15
CA ASP A 170 -21.72 -17.47 -27.19
C ASP A 170 -21.30 -18.23 -25.88
N LEU A 171 -20.02 -18.51 -25.74
CA LEU A 171 -19.46 -19.21 -24.63
C LEU A 171 -18.74 -18.30 -23.63
N PHE A 172 -18.70 -18.72 -22.39
CA PHE A 172 -17.95 -18.01 -21.37
C PHE A 172 -16.77 -18.88 -20.91
N PRO A 173 -15.61 -18.79 -21.58
CA PRO A 173 -14.50 -19.69 -21.31
C PRO A 173 -13.79 -19.43 -19.95
N TYR A 174 -12.98 -20.39 -19.58
CA TYR A 174 -12.52 -20.56 -18.16
C TYR A 174 -11.19 -21.17 -18.12
N LEU A 175 -10.40 -20.71 -17.15
CA LEU A 175 -9.08 -21.32 -16.89
C LEU A 175 -8.90 -21.58 -15.42
N GLN A 176 -8.10 -22.59 -15.11
CA GLN A 176 -7.69 -22.82 -13.71
C GLN A 176 -6.23 -23.11 -13.80
N GLN A 177 -5.43 -22.46 -12.91
CA GLN A 177 -4.01 -22.78 -12.84
C GLN A 177 -3.58 -22.99 -11.39
N GLY A 178 -2.66 -23.92 -11.18
CA GLY A 178 -2.20 -24.24 -9.79
C GLY A 178 -0.98 -25.10 -9.79
N SER A 179 -0.63 -25.63 -8.60
CA SER A 179 0.59 -26.42 -8.43
C SER A 179 0.21 -27.79 -7.83
N LEU A 180 1.05 -28.79 -8.08
CA LEU A 180 0.85 -30.16 -7.47
C LEU A 180 2.17 -30.67 -6.97
N GLY A 181 2.18 -31.07 -5.71
CA GLY A 181 3.38 -31.63 -5.11
C GLY A 181 4.26 -30.56 -4.49
N ILE A 182 3.87 -29.30 -4.58
CA ILE A 182 4.57 -28.20 -3.90
C ILE A 182 3.58 -27.07 -3.64
N ARG A 183 3.69 -26.38 -2.50
CA ARG A 183 2.80 -25.32 -2.16
C ARG A 183 3.14 -24.03 -3.00
N SER A 184 2.11 -23.41 -3.55
CA SER A 184 2.22 -22.05 -4.13
C SER A 184 1.91 -21.08 -2.99
N ILE A 185 2.93 -20.41 -2.50
CA ILE A 185 2.75 -19.56 -1.31
C ILE A 185 2.44 -18.10 -1.62
N ALA A 186 2.53 -17.74 -2.90
CA ALA A 186 2.18 -16.38 -3.35
C ALA A 186 1.76 -16.39 -4.78
N TYR A 187 1.07 -15.35 -5.18
CA TYR A 187 0.51 -15.26 -6.56
C TYR A 187 0.42 -13.79 -7.05
N SER A 188 0.20 -13.65 -8.33
CA SER A 188 -0.25 -12.37 -8.90
C SER A 188 -0.99 -12.65 -10.19
N THR A 189 -1.75 -11.67 -10.63
CA THR A 189 -2.68 -11.84 -11.81
C THR A 189 -2.50 -10.87 -12.98
N ASP A 190 -1.67 -9.83 -12.80
CA ASP A 190 -1.45 -8.86 -13.88
C ASP A 190 -0.02 -8.70 -14.22
N GLY A 191 0.21 -8.50 -15.49
CA GLY A 191 1.59 -8.25 -16.03
C GLY A 191 2.34 -7.11 -15.33
N THR A 192 1.61 -6.09 -14.89
CA THR A 192 2.26 -4.94 -14.22
C THR A 192 2.79 -5.35 -12.88
N GLN A 193 2.19 -6.37 -12.26
CA GLN A 193 2.68 -6.93 -11.00
C GLN A 193 3.89 -7.82 -11.20
N PHE A 194 3.98 -8.57 -12.29
CA PHE A 194 5.09 -9.47 -12.53
C PHE A 194 6.28 -8.79 -13.15
N PHE A 195 6.11 -8.18 -14.31
CA PHE A 195 7.19 -7.51 -14.98
C PHE A 195 7.55 -6.18 -14.34
N GLY A 196 6.52 -5.43 -13.92
CA GLY A 196 6.77 -4.08 -13.29
C GLY A 196 7.08 -3.06 -14.39
N LEU A 197 6.93 -1.79 -14.04
CA LEU A 197 7.26 -0.72 -15.00
C LEU A 197 8.76 -0.67 -15.27
N SER A 198 9.56 -1.06 -14.29
CA SER A 198 11.02 -0.97 -14.40
C SER A 198 11.58 -1.88 -15.53
N TYR A 199 10.82 -2.91 -15.88
CA TYR A 199 11.15 -3.80 -17.01
C TYR A 199 11.42 -3.02 -18.27
N LYS A 200 10.68 -1.96 -18.43
CA LYS A 200 10.79 -1.13 -19.66
C LYS A 200 12.18 -0.52 -19.86
N LYS A 201 12.95 -0.41 -18.76
CA LYS A 201 14.38 -0.14 -18.83
C LYS A 201 15.28 -1.38 -18.63
N THR A 202 15.03 -2.17 -17.58
CA THR A 202 15.97 -3.23 -17.21
C THR A 202 15.89 -4.50 -18.05
N ASN A 203 14.74 -4.74 -18.70
CA ASN A 203 14.45 -5.99 -19.37
C ASN A 203 14.43 -7.18 -18.39
N ILE A 204 14.31 -6.91 -17.11
CA ILE A 204 14.22 -8.00 -16.13
C ILE A 204 12.92 -7.88 -15.37
N PRO A 205 12.13 -8.97 -15.33
CA PRO A 205 10.87 -8.90 -14.57
C PRO A 205 11.13 -8.60 -13.11
N GLU A 206 10.47 -7.56 -12.65
CA GLU A 206 10.73 -7.01 -11.32
C GLU A 206 10.47 -8.01 -10.22
N ALA A 207 9.46 -8.84 -10.40
CA ALA A 207 9.05 -9.82 -9.41
C ALA A 207 10.16 -10.83 -9.09
N LEU A 208 11.08 -11.07 -10.03
CA LEU A 208 12.12 -12.02 -9.82
C LEU A 208 13.10 -11.65 -8.67
N TYR A 209 13.09 -10.41 -8.21
CA TYR A 209 13.93 -9.98 -7.05
C TYR A 209 13.24 -10.12 -5.73
N GLY A 210 11.99 -10.54 -5.72
CA GLY A 210 11.26 -10.59 -4.44
C GLY A 210 10.13 -11.61 -4.40
N ASP A 211 9.14 -11.33 -3.58
CA ASP A 211 7.99 -12.21 -3.40
C ASP A 211 6.84 -11.64 -4.18
N LEU A 212 6.00 -12.50 -4.77
CA LEU A 212 4.81 -11.98 -5.48
C LEU A 212 3.85 -11.27 -4.48
N PRO A 213 3.07 -10.27 -4.90
CA PRO A 213 2.27 -9.50 -3.97
C PRO A 213 1.05 -10.20 -3.35
N SER A 214 0.57 -11.27 -3.98
CA SER A 214 -0.62 -12.00 -3.54
C SER A 214 -1.82 -11.09 -3.47
N LYS A 215 -2.00 -10.33 -4.53
CA LYS A 215 -3.17 -9.53 -4.77
C LYS A 215 -3.64 -9.75 -6.21
N ASN A 216 -4.93 -9.77 -6.40
CA ASN A 216 -5.48 -9.85 -7.74
C ASN A 216 -5.68 -8.46 -8.34
N LYS A 217 -4.79 -8.01 -9.20
CA LYS A 217 -4.99 -6.70 -9.87
C LYS A 217 -5.70 -6.95 -11.19
N GLN A 218 -6.91 -6.51 -11.33
CA GLN A 218 -7.67 -6.63 -12.60
C GLN A 218 -7.30 -5.44 -13.50
N TYR A 219 -6.40 -5.71 -14.42
CA TYR A 219 -5.95 -4.66 -15.35
C TYR A 219 -5.92 -5.27 -16.73
N GLU A 220 -5.00 -4.87 -17.60
CA GLU A 220 -5.06 -5.21 -19.01
C GLU A 220 -4.03 -6.24 -19.48
N LEU A 221 -3.17 -6.69 -18.58
CA LEU A 221 -2.16 -7.69 -18.92
C LEU A 221 -2.42 -8.94 -18.08
N ALA A 222 -3.40 -9.72 -18.48
CA ALA A 222 -3.79 -10.88 -17.66
C ALA A 222 -2.62 -11.80 -17.64
N HIS A 223 -2.06 -12.00 -16.45
CA HIS A 223 -0.81 -12.66 -16.33
C HIS A 223 -0.69 -13.34 -14.99
N THR A 224 -0.78 -14.65 -15.03
CA THR A 224 -0.80 -15.45 -13.79
C THR A 224 0.59 -15.81 -13.33
N ALA A 225 0.91 -15.46 -12.11
CA ALA A 225 2.16 -15.97 -11.57
C ALA A 225 1.95 -16.69 -10.23
N LEU A 226 2.77 -17.70 -10.00
CA LEU A 226 2.70 -18.48 -8.76
C LEU A 226 4.08 -18.70 -8.25
N GLN A 227 4.29 -18.45 -6.95
CA GLN A 227 5.60 -18.67 -6.35
C GLN A 227 5.56 -19.85 -5.38
N THR A 228 6.48 -20.77 -5.55
CA THR A 228 6.52 -21.93 -4.66
C THR A 228 7.13 -21.53 -3.36
N GLU A 229 6.83 -22.35 -2.34
CA GLU A 229 7.64 -22.41 -1.11
C GLU A 229 9.07 -22.63 -1.50
N ALA A 230 9.97 -22.09 -0.71
CA ALA A 230 11.37 -22.32 -0.88
C ALA A 230 11.76 -23.73 -0.37
N PHE A 231 12.79 -24.28 -0.93
CA PHE A 231 13.20 -25.64 -0.57
C PHE A 231 14.69 -25.77 -0.68
N SER A 232 15.18 -26.81 -0.03
CA SER A 232 16.54 -27.30 -0.19
C SER A 232 16.65 -28.39 -1.28
N LEU A 233 17.78 -28.51 -1.92
CA LEU A 233 18.05 -29.70 -2.77
C LEU A 233 19.29 -30.44 -2.29
N SER A 234 19.17 -31.75 -2.20
CA SER A 234 20.34 -32.64 -1.97
C SER A 234 20.08 -34.00 -2.64
N GLY A 235 20.02 -34.00 -3.96
CA GLY A 235 19.33 -35.10 -4.66
C GLY A 235 18.39 -34.55 -5.72
N THR A 236 17.21 -35.15 -5.80
CA THR A 236 16.26 -34.92 -6.86
C THR A 236 14.93 -34.60 -6.26
N LYS A 237 14.30 -33.52 -6.74
CA LYS A 237 12.95 -33.13 -6.26
C LYS A 237 12.00 -32.87 -7.42
N GLN A 238 10.75 -33.21 -7.28
CA GLN A 238 9.81 -33.20 -8.40
C GLN A 238 8.45 -32.69 -8.01
N PHE A 239 7.86 -31.83 -8.87
CA PHE A 239 6.54 -31.26 -8.63
C PHE A 239 6.03 -30.66 -9.97
N SER A 240 4.79 -30.27 -9.99
CA SER A 240 4.15 -29.77 -11.22
C SER A 240 3.35 -28.53 -11.05
N PHE A 241 3.25 -27.74 -12.15
CA PHE A 241 2.17 -26.82 -12.38
C PHE A 241 1.22 -27.39 -13.41
N TYR A 242 -0.02 -26.93 -13.33
CA TYR A 242 -1.03 -27.34 -14.26
C TYR A 242 -1.95 -26.22 -14.73
N GLY A 243 -2.59 -26.46 -15.87
CA GLY A 243 -3.72 -25.69 -16.30
C GLY A 243 -4.90 -26.50 -16.78
N ILE A 244 -6.07 -25.94 -16.54
CA ILE A 244 -7.29 -26.46 -17.06
C ILE A 244 -8.02 -25.41 -17.86
N CYS A 245 -8.51 -25.79 -19.03
CA CYS A 245 -9.33 -24.90 -19.88
C CYS A 245 -10.71 -25.51 -20.12
N LYS A 246 -11.76 -24.78 -19.77
CA LYS A 246 -13.11 -25.12 -20.19
C LYS A 246 -13.58 -24.06 -21.14
N THR A 247 -14.20 -24.48 -22.24
CA THR A 247 -14.72 -23.47 -23.19
C THR A 247 -16.01 -22.84 -22.77
N ASN A 248 -16.75 -23.46 -21.86
CA ASN A 248 -17.96 -22.81 -21.36
C ASN A 248 -18.26 -23.04 -19.92
N HIS A 249 -18.27 -21.94 -19.18
CA HIS A 249 -18.46 -21.93 -17.75
C HIS A 249 -19.45 -20.84 -17.48
N PRO A 250 -20.75 -21.12 -17.69
CA PRO A 250 -21.78 -20.08 -17.56
C PRO A 250 -21.99 -19.55 -16.16
N GLU A 251 -21.72 -20.37 -15.17
CA GLU A 251 -21.82 -19.86 -13.82
C GLU A 251 -20.56 -19.03 -13.45
N VAL A 252 -20.75 -18.22 -12.43
CA VAL A 252 -19.69 -17.51 -11.80
C VAL A 252 -18.85 -18.46 -10.98
N ILE A 253 -17.63 -18.07 -10.68
CA ILE A 253 -16.73 -18.97 -10.02
C ILE A 253 -16.96 -18.86 -8.53
N ARG A 254 -17.16 -20.02 -7.87
CA ARG A 254 -17.35 -20.05 -6.41
C ARG A 254 -16.37 -20.90 -5.63
N GLU A 255 -15.69 -21.81 -6.30
CA GLU A 255 -14.76 -22.72 -5.64
C GLU A 255 -13.91 -23.43 -6.67
N ILE A 256 -12.91 -24.17 -6.21
CA ILE A 256 -12.06 -24.94 -7.09
C ILE A 256 -12.86 -26.11 -7.66
N GLU A 257 -12.81 -26.32 -8.96
CA GLU A 257 -13.66 -27.28 -9.64
C GLU A 257 -12.74 -28.25 -10.32
N TYR A 258 -13.34 -29.35 -10.82
CA TYR A 258 -12.66 -30.35 -11.65
C TYR A 258 -11.55 -31.14 -10.98
N ILE A 259 -11.63 -31.30 -9.67
CA ILE A 259 -10.57 -31.97 -8.88
C ILE A 259 -10.35 -33.42 -9.33
N GLN A 260 -11.44 -34.14 -9.61
CA GLN A 260 -11.33 -35.53 -10.12
C GLN A 260 -10.77 -35.60 -11.52
N GLU A 261 -11.18 -34.70 -12.39
CA GLU A 261 -10.59 -34.69 -13.76
C GLU A 261 -9.12 -34.39 -13.74
N LEU A 262 -8.73 -33.45 -12.87
CA LEU A 262 -7.35 -33.09 -12.79
C LEU A 262 -6.52 -34.28 -12.39
N GLU A 263 -7.00 -34.99 -11.36
CA GLU A 263 -6.30 -36.22 -10.85
C GLU A 263 -6.16 -37.29 -11.94
N LYS A 264 -7.22 -37.53 -12.69
CA LYS A 264 -7.12 -38.44 -13.84
C LYS A 264 -6.14 -37.93 -14.87
N ALA A 265 -6.28 -36.67 -15.27
CA ALA A 265 -5.35 -36.06 -16.24
C ALA A 265 -3.92 -36.15 -15.80
N TYR A 266 -3.68 -36.01 -14.50
CA TYR A 266 -2.28 -36.06 -14.03
C TYR A 266 -1.53 -37.41 -14.24
N ALA A 267 -2.30 -38.49 -14.32
CA ALA A 267 -1.79 -39.86 -14.64
C ALA A 267 -1.53 -40.07 -16.13
N TYR A 268 -1.94 -39.13 -16.98
CA TYR A 268 -1.75 -39.30 -18.44
C TYR A 268 -0.33 -39.14 -18.92
N HIS A 269 0.16 -40.12 -19.68
CA HIS A 269 1.46 -40.00 -20.36
C HIS A 269 1.35 -40.61 -21.74
N GLU A 270 2.14 -40.05 -22.66
CA GLU A 270 2.11 -40.45 -24.05
C GLU A 270 2.92 -41.74 -24.24
N SER A 271 2.39 -42.67 -25.04
CA SER A 271 3.10 -43.94 -25.46
C SER A 271 4.22 -43.73 -26.44
N GLY A 272 4.06 -42.86 -27.42
CA GLY A 272 5.12 -42.67 -28.41
C GLY A 272 6.52 -42.35 -27.87
N GLU A 273 7.49 -42.46 -28.79
CA GLU A 273 8.89 -42.09 -28.56
C GLU A 273 9.03 -40.57 -28.52
N ILE A 274 9.84 -40.07 -27.60
CA ILE A 274 10.07 -38.65 -27.47
C ILE A 274 11.49 -38.31 -27.88
N LEU A 275 11.62 -37.70 -29.05
CA LEU A 275 12.88 -37.59 -29.75
C LEU A 275 13.45 -36.18 -29.86
N PRO A 276 14.78 -36.05 -29.82
CA PRO A 276 15.46 -34.77 -29.90
C PRO A 276 15.09 -33.93 -31.12
N VAL A 277 15.05 -32.62 -30.94
CA VAL A 277 14.90 -31.69 -32.06
C VAL A 277 15.98 -30.60 -32.00
N ASN A 278 16.34 -30.08 -33.14
CA ASN A 278 17.38 -29.09 -33.22
C ASN A 278 16.86 -27.70 -32.80
N VAL A 279 17.61 -27.04 -31.91
CA VAL A 279 17.26 -25.72 -31.41
C VAL A 279 18.22 -24.70 -32.01
N PRO A 280 17.77 -23.79 -32.92
CA PRO A 280 18.69 -22.71 -33.36
C PRO A 280 18.94 -21.77 -32.16
N THR A 281 20.11 -21.19 -32.04
CA THR A 281 20.48 -20.38 -30.89
C THR A 281 21.00 -19.04 -31.36
N LEU A 282 20.64 -18.00 -30.61
CA LEU A 282 21.06 -16.70 -30.93
C LEU A 282 22.54 -16.60 -30.90
N GLN A 283 23.10 -15.88 -31.84
CA GLN A 283 24.53 -15.73 -31.90
C GLN A 283 24.91 -14.27 -31.86
N ASN A 284 25.73 -13.93 -30.88
CA ASN A 284 26.23 -12.57 -30.69
C ASN A 284 25.06 -11.55 -30.60
N ILE A 285 24.00 -11.97 -29.95
CA ILE A 285 22.90 -11.08 -29.63
C ILE A 285 22.92 -10.96 -28.12
N GLY A 286 23.08 -9.74 -27.65
CA GLY A 286 23.11 -9.48 -26.20
C GLY A 286 21.72 -9.10 -25.63
N ALA A 287 21.70 -8.70 -24.37
CA ALA A 287 20.48 -8.11 -23.78
C ALA A 287 20.20 -6.75 -24.45
N PRO A 288 18.95 -6.27 -24.34
CA PRO A 288 18.64 -4.96 -24.95
C PRO A 288 19.47 -3.86 -24.37
N TYR A 289 19.61 -2.79 -25.13
CA TYR A 289 20.35 -1.62 -24.64
C TYR A 289 19.37 -0.45 -24.35
N ALA A 290 19.36 -0.02 -23.13
CA ALA A 290 18.62 1.18 -22.74
C ALA A 290 19.66 2.25 -22.40
N SER A 291 19.38 3.46 -22.76
CA SER A 291 20.19 4.59 -22.46
C SER A 291 20.29 4.80 -20.97
N SER A 292 21.39 5.39 -20.57
CA SER A 292 21.53 5.94 -19.27
C SER A 292 20.67 7.20 -19.25
N ARG A 293 20.32 7.63 -18.07
CA ARG A 293 19.56 8.81 -17.90
C ARG A 293 20.37 10.09 -18.07
N TRP A 294 19.75 11.15 -18.52
CA TRP A 294 20.44 12.39 -18.58
C TRP A 294 20.38 13.13 -17.24
N ASP A 295 21.44 13.84 -16.88
CA ASP A 295 21.37 14.78 -15.72
C ASP A 295 20.97 16.21 -16.18
N ALA A 296 20.84 17.13 -15.24
CA ALA A 296 20.42 18.54 -15.53
C ALA A 296 21.23 19.20 -16.62
N LYS A 297 22.53 19.03 -16.61
CA LYS A 297 23.39 19.72 -17.59
C LYS A 297 23.12 19.18 -18.95
N GLN A 298 22.88 17.89 -19.01
CA GLN A 298 22.71 17.29 -20.32
C GLN A 298 21.40 17.78 -20.88
N VAL A 299 20.37 17.73 -20.06
CA VAL A 299 19.06 18.20 -20.46
C VAL A 299 19.13 19.66 -20.93
N GLU A 300 19.78 20.50 -20.12
CA GLU A 300 19.94 21.93 -20.44
C GLU A 300 20.69 22.16 -21.76
N HIS A 301 21.70 21.33 -22.01
CA HIS A 301 22.43 21.42 -23.27
C HIS A 301 21.55 21.06 -24.46
N TYR A 302 20.81 19.95 -24.39
CA TYR A 302 20.00 19.59 -25.57
C TYR A 302 18.68 20.34 -25.68
N PHE A 303 18.20 20.87 -24.56
CA PHE A 303 16.87 21.54 -24.53
C PHE A 303 16.96 22.80 -23.69
N PRO A 304 17.63 23.82 -24.23
CA PRO A 304 17.90 25.03 -23.44
C PRO A 304 16.63 25.86 -23.21
N LYS A 305 15.61 25.67 -24.02
CA LYS A 305 14.36 26.42 -23.84
C LYS A 305 13.18 25.49 -23.55
N ARG A 306 12.67 25.56 -22.31
CA ARG A 306 11.70 24.62 -21.79
C ARG A 306 10.50 25.35 -21.20
N LEU A 307 9.30 24.83 -21.50
CA LEU A 307 8.04 25.42 -21.03
C LEU A 307 7.24 24.36 -20.28
N LEU A 308 6.42 24.80 -19.31
CA LEU A 308 5.47 23.94 -18.60
C LEU A 308 6.17 22.71 -18.07
N GLU A 309 7.27 22.91 -17.37
CA GLU A 309 8.07 21.87 -16.85
C GLU A 309 7.33 21.07 -15.74
N GLU A 310 7.37 19.75 -15.86
CA GLU A 310 6.83 18.86 -14.83
C GLU A 310 7.97 18.24 -14.06
N LYS A 311 8.03 18.47 -12.80
CA LYS A 311 9.04 17.86 -11.95
C LYS A 311 8.41 17.07 -10.78
N GLU A 312 9.02 15.96 -10.42
CA GLU A 312 8.60 15.18 -9.19
C GLU A 312 9.87 14.91 -8.42
N GLU A 313 9.87 15.20 -7.13
CA GLU A 313 11.08 15.01 -6.30
C GLU A 313 12.32 15.66 -6.97
N GLU A 314 12.11 16.83 -7.60
CA GLU A 314 13.16 17.60 -8.23
C GLU A 314 13.72 17.04 -9.53
N ALA A 315 13.22 15.89 -9.99
CA ALA A 315 13.65 15.37 -11.26
C ALA A 315 12.66 15.90 -12.34
N LEU A 316 13.19 16.41 -13.40
CA LEU A 316 12.41 16.81 -14.51
C LEU A 316 11.85 15.59 -15.26
N LEU A 317 10.54 15.55 -15.45
CA LEU A 317 9.92 14.42 -16.09
C LEU A 317 9.51 14.69 -17.50
N SER A 318 8.99 15.85 -17.76
CA SER A 318 8.59 16.22 -19.10
C SER A 318 8.53 17.75 -19.25
N PHE A 319 8.44 18.20 -20.48
CA PHE A 319 8.26 19.66 -20.74
C PHE A 319 7.87 19.87 -22.18
N PHE A 320 7.54 21.09 -22.48
CA PHE A 320 7.21 21.47 -23.86
C PHE A 320 8.27 22.49 -24.36
N THR A 321 8.34 22.67 -25.65
CA THR A 321 9.29 23.59 -26.25
C THR A 321 8.60 24.66 -27.10
N PRO A 322 9.29 25.79 -27.37
CA PRO A 322 8.78 26.81 -28.28
C PRO A 322 8.49 26.33 -29.69
N GLU A 323 9.17 25.31 -30.12
CA GLU A 323 8.91 24.71 -31.42
C GLU A 323 7.67 23.80 -31.38
N LYS A 324 6.90 23.82 -30.29
CA LYS A 324 5.67 23.02 -30.16
C LYS A 324 5.92 21.50 -30.10
N SER A 325 7.05 21.12 -29.57
CA SER A 325 7.31 19.75 -29.23
C SER A 325 6.97 19.44 -27.77
N HIS A 326 6.78 18.16 -27.49
CA HIS A 326 6.71 17.71 -26.10
C HIS A 326 7.87 16.72 -25.92
N VAL A 327 8.61 16.92 -24.83
CA VAL A 327 9.74 16.13 -24.51
C VAL A 327 9.49 15.34 -23.21
N VAL A 328 9.77 14.05 -23.28
CA VAL A 328 9.63 13.15 -22.13
C VAL A 328 10.98 12.61 -21.77
N LEU A 329 11.32 12.68 -20.48
CA LEU A 329 12.59 12.13 -20.00
C LEU A 329 12.34 10.73 -19.50
N GLN A 330 13.40 9.93 -19.48
CA GLN A 330 13.37 8.55 -19.19
C GLN A 330 12.57 8.23 -17.90
N ASP A 331 12.84 8.95 -16.79
CA ASP A 331 12.18 8.65 -15.52
C ASP A 331 10.68 8.65 -15.60
N LYS A 332 10.12 9.50 -16.45
CA LYS A 332 8.66 9.56 -16.57
C LYS A 332 8.04 8.26 -17.14
N GLU A 333 8.70 7.66 -18.11
CA GLU A 333 8.22 6.40 -18.68
C GLU A 333 8.21 5.30 -17.63
N LEU A 334 9.14 5.39 -16.66
CA LEU A 334 9.27 4.37 -15.62
C LEU A 334 8.29 4.59 -14.49
N THR A 335 7.51 5.66 -14.60
CA THR A 335 6.39 5.83 -13.69
C THR A 335 4.98 5.70 -14.30
N THR A 336 4.85 5.72 -15.64
CA THR A 336 3.53 5.69 -16.27
C THR A 336 3.25 4.29 -16.65
N GLU A 337 2.09 3.83 -16.24
CA GLU A 337 1.62 2.46 -16.52
C GLU A 337 1.39 2.22 -18.01
N ARG A 338 1.04 3.26 -18.72
CA ARG A 338 0.78 3.17 -20.18
C ARG A 338 1.99 3.83 -20.90
N PRO A 339 2.43 3.28 -22.00
CA PRO A 339 3.67 3.68 -22.58
C PRO A 339 3.56 4.93 -23.41
N HIS A 340 4.50 5.84 -23.27
CA HIS A 340 4.43 7.09 -24.10
C HIS A 340 4.52 6.73 -25.54
N GLY A 341 3.65 7.32 -26.34
CA GLY A 341 3.62 7.02 -27.76
C GLY A 341 2.97 8.07 -28.63
N HIS A 342 2.98 7.81 -29.94
CA HIS A 342 2.62 8.82 -30.89
C HIS A 342 2.14 8.19 -32.18
N ILE A 343 1.30 8.92 -32.89
CA ILE A 343 0.85 8.55 -34.23
C ILE A 343 1.19 9.65 -35.18
N LEU A 344 1.89 9.30 -36.27
CA LEU A 344 2.20 10.16 -37.39
C LEU A 344 1.20 9.96 -38.50
N THR A 346 0.04 11.68 -42.59
CA THR A 346 0.33 12.60 -43.72
C THR A 346 -0.82 13.61 -43.88
N ASN A 347 -0.44 14.80 -44.27
CA ASN A 347 -1.39 15.86 -44.57
C ASN A 347 -2.26 15.52 -45.73
N PHE A 348 -3.43 16.09 -45.73
CA PHE A 348 -4.41 15.85 -46.86
C PHE A 348 -5.13 17.18 -47.16
N ASP A 349 -5.88 17.17 -48.24
CA ASP A 349 -6.67 18.29 -48.68
C ASP A 349 -7.89 18.41 -47.74
N VAL A 350 -7.93 19.51 -47.01
CA VAL A 350 -8.88 19.69 -45.93
C VAL A 350 -10.23 20.18 -46.39
N THR A 351 -10.53 20.09 -47.67
CA THR A 351 -11.91 20.34 -48.19
C THR A 351 -12.69 19.06 -48.57
N LYS A 352 -12.06 17.90 -48.48
CA LYS A 352 -12.66 16.61 -48.89
C LYS A 352 -12.26 15.52 -47.93
N VAL A 353 -13.09 14.50 -47.87
CA VAL A 353 -12.81 13.31 -47.09
C VAL A 353 -11.66 12.60 -47.78
N PRO A 354 -10.55 12.44 -47.09
CA PRO A 354 -9.35 11.94 -47.71
C PRO A 354 -9.36 10.41 -47.82
N GLN A 355 -8.59 9.94 -48.75
CA GLN A 355 -8.36 8.51 -48.96
C GLN A 355 -6.90 8.32 -49.07
N GLY A 356 -6.43 7.14 -48.70
CA GLY A 356 -5.00 6.84 -48.88
C GLY A 356 -4.08 7.65 -47.93
N VAL A 357 -4.58 8.06 -46.79
CA VAL A 357 -3.73 8.74 -45.86
C VAL A 357 -2.71 7.71 -45.25
N VAL A 358 -1.46 8.12 -45.18
CA VAL A 358 -0.39 7.31 -44.61
C VAL A 358 -0.27 7.61 -43.12
N SER A 359 -0.10 6.54 -42.33
CA SER A 359 0.09 6.71 -40.88
C SER A 359 1.03 5.67 -40.32
N SER A 360 1.66 6.02 -39.22
CA SER A 360 2.59 5.15 -38.52
C SER A 360 2.52 5.45 -37.04
N THR A 361 2.76 4.47 -36.20
CA THR A 361 2.75 4.62 -34.78
C THR A 361 4.12 4.37 -34.22
N ASN A 362 4.46 5.04 -33.16
CA ASN A 362 5.71 4.78 -32.47
C ASN A 362 5.62 5.00 -30.94
N TYR A 363 6.57 4.43 -30.19
CA TYR A 363 6.58 4.50 -28.71
C TYR A 363 7.98 4.82 -28.21
N TYR A 365 9.83 3.46 -25.91
CA TYR A 365 10.74 2.34 -25.64
C TYR A 365 11.26 1.59 -26.92
N GLY A 366 11.58 2.35 -27.95
CA GLY A 366 12.28 1.81 -29.08
C GLY A 366 11.37 1.10 -30.11
N ALA A 367 10.09 1.39 -30.10
CA ALA A 367 9.21 0.92 -31.21
C ALA A 367 9.15 2.02 -32.19
N PHE A 368 10.01 1.96 -33.20
CA PHE A 368 10.22 3.16 -34.10
C PHE A 368 9.18 3.36 -35.16
N ASN A 369 8.41 2.29 -35.49
CA ASN A 369 7.40 2.40 -36.62
C ASN A 369 6.59 1.12 -36.68
N CYS A 370 5.40 1.20 -36.06
CA CYS A 370 4.43 0.15 -36.03
C CYS A 370 3.28 0.52 -36.92
N GLN A 371 2.61 -0.49 -37.49
CA GLN A 371 1.35 -0.25 -38.12
C GLN A 371 1.49 0.85 -39.20
N PHE A 372 2.49 0.70 -40.09
CA PHE A 372 2.60 1.58 -41.22
C PHE A 372 1.46 1.23 -42.15
N VAL A 373 0.62 2.23 -42.48
CA VAL A 373 -0.56 2.00 -43.32
C VAL A 373 -0.72 3.07 -44.40
N VAL A 374 -1.43 2.71 -45.46
CA VAL A 374 -1.85 3.62 -46.47
C VAL A 374 -3.33 3.45 -46.70
N GLY A 375 -4.12 4.38 -46.12
CA GLY A 375 -5.59 4.27 -46.10
C GLY A 375 -5.94 3.35 -44.95
N ASN A 376 -6.72 2.33 -45.25
CA ASN A 376 -7.32 1.53 -44.20
C ASN A 376 -6.31 1.02 -43.15
N THR A 377 -6.53 1.37 -41.90
CA THR A 377 -5.55 1.15 -40.87
C THR A 377 -5.50 -0.30 -40.41
N THR A 378 -6.47 -1.12 -40.82
CA THR A 378 -6.43 -2.54 -40.50
C THR A 378 -5.82 -3.35 -41.69
N TYR A 379 -6.31 -3.10 -42.89
CA TYR A 379 -5.97 -3.92 -44.06
C TYR A 379 -4.79 -3.46 -44.90
N ASN A 380 -4.60 -2.14 -45.04
CA ASN A 380 -3.59 -1.64 -45.98
C ASN A 380 -2.27 -1.38 -45.30
N LYS A 381 -1.73 -2.44 -44.73
CA LYS A 381 -0.67 -2.39 -43.72
C LYS A 381 0.62 -3.08 -44.22
N LEU A 382 1.75 -2.43 -43.96
CA LEU A 382 3.08 -3.00 -44.21
C LEU A 382 3.74 -3.62 -42.96
N LEU A 383 3.62 -2.92 -41.83
CA LEU A 383 4.28 -3.30 -40.59
C LEU A 383 3.29 -3.67 -39.51
N SER A 384 3.64 -4.65 -38.71
CA SER A 384 2.78 -5.14 -37.67
C SER A 384 2.46 -4.11 -36.56
N ASN A 385 1.37 -4.38 -35.86
CA ASN A 385 0.81 -3.47 -34.84
C ASN A 385 1.62 -3.63 -33.54
N HIS A 386 1.75 -2.54 -32.83
CA HIS A 386 2.18 -2.58 -31.44
C HIS A 386 1.15 -3.38 -30.61
N ARG A 387 1.60 -4.15 -29.61
CA ARG A 387 0.76 -4.86 -28.70
C ARG A 387 1.28 -4.69 -27.27
N GLY A 388 0.37 -4.85 -26.31
CA GLY A 388 0.71 -4.87 -24.88
C GLY A 388 1.09 -3.50 -24.33
N LEU A 389 1.77 -3.50 -23.20
CA LEU A 389 2.17 -2.28 -22.56
C LEU A 389 3.58 -2.11 -22.09
N LEU A 390 4.28 -3.21 -21.87
CA LEU A 390 5.59 -3.18 -21.19
C LEU A 390 6.72 -3.65 -22.12
N ASN A 391 6.43 -3.91 -23.41
CA ASN A 391 7.46 -4.21 -24.39
C ASN A 391 8.21 -5.47 -24.05
N ILE A 392 7.52 -6.44 -23.47
CA ILE A 392 8.14 -7.77 -23.29
C ILE A 392 8.35 -8.40 -24.66
N GLN A 393 7.31 -8.46 -25.47
CA GLN A 393 7.45 -8.81 -26.89
C GLN A 393 7.79 -7.52 -27.60
N LYS A 394 9.01 -7.42 -28.07
CA LYS A 394 9.56 -6.17 -28.62
C LYS A 394 9.93 -6.30 -30.08
N ASP A 395 9.16 -7.11 -30.79
CA ASP A 395 9.41 -7.35 -32.22
C ASP A 395 8.61 -6.54 -33.24
N SER A 396 7.55 -5.89 -32.83
CA SER A 396 6.59 -5.42 -33.77
C SER A 396 7.16 -4.26 -34.55
N GLY A 397 6.66 -4.10 -35.74
CA GLY A 397 7.09 -3.02 -36.59
C GLY A 397 8.56 -3.00 -36.94
N GLN A 398 9.13 -1.81 -36.85
CA GLN A 398 10.55 -1.55 -37.13
C GLN A 398 11.31 -1.42 -35.80
N ARG A 399 12.34 -2.24 -35.62
CA ARG A 399 13.16 -2.23 -34.41
C ARG A 399 14.65 -2.15 -34.85
N ILE A 400 15.48 -1.67 -33.92
CA ILE A 400 16.90 -1.39 -34.22
C ILE A 400 17.79 -2.09 -33.20
N PHE A 401 18.77 -2.85 -33.73
CA PHE A 401 19.87 -3.40 -32.97
C PHE A 401 21.15 -2.62 -33.33
N ILE A 402 21.96 -2.38 -32.33
CA ILE A 402 23.25 -1.71 -32.48
C ILE A 402 24.31 -2.58 -31.83
N LYS A 403 25.47 -2.71 -32.49
CA LYS A 403 26.54 -3.51 -31.94
C LYS A 403 27.35 -2.73 -30.89
N ILE A 404 27.43 -3.32 -29.70
CA ILE A 404 28.14 -2.70 -28.56
C ILE A 404 29.00 -3.82 -28.01
N GLY A 405 30.32 -3.65 -28.11
CA GLY A 405 31.26 -4.72 -27.77
C GLY A 405 31.19 -5.82 -28.82
N ASP A 406 31.04 -7.04 -28.39
CA ASP A 406 30.92 -8.19 -29.31
C ASP A 406 29.51 -8.54 -29.76
N CYS A 407 28.49 -7.83 -29.24
CA CYS A 407 27.07 -8.22 -29.32
C CYS A 407 26.15 -7.17 -29.95
N TYR A 408 25.23 -7.60 -30.80
CA TYR A 408 24.16 -6.73 -31.23
C TYR A 408 23.17 -6.67 -30.04
N ARG A 409 22.69 -5.47 -29.80
CA ARG A 409 21.81 -5.18 -28.66
C ARG A 409 20.64 -4.32 -29.14
N GLN A 410 19.43 -4.74 -28.80
CA GLN A 410 18.26 -4.03 -29.26
C GLN A 410 18.04 -2.75 -28.47
N LEU A 411 17.89 -1.64 -29.18
CA LEU A 411 17.53 -0.37 -28.54
C LEU A 411 16.15 -0.43 -27.87
N THR A 412 16.08 -0.04 -26.61
CA THR A 412 14.83 0.11 -25.94
C THR A 412 14.57 1.53 -25.44
N LEU A 413 14.86 1.78 -24.20
CA LEU A 413 14.43 3.04 -23.58
C LEU A 413 15.52 4.13 -23.73
N PRO A 414 15.16 5.27 -24.32
CA PRO A 414 16.13 6.35 -24.56
C PRO A 414 16.24 7.25 -23.35
N ALA A 415 17.16 8.19 -23.41
CA ALA A 415 17.27 9.21 -22.35
C ALA A 415 16.10 10.20 -22.42
N ALA A 416 15.76 10.55 -23.66
CA ALA A 416 14.69 11.46 -23.96
C ALA A 416 13.96 11.07 -25.23
N TYR A 417 12.69 11.46 -25.31
CA TYR A 417 11.81 11.23 -26.46
C TYR A 417 11.04 12.49 -26.73
N GLU A 418 11.19 13.02 -27.93
CA GLU A 418 10.64 14.30 -28.30
C GLU A 418 9.62 14.14 -29.42
N ASN A 420 6.67 15.76 -32.03
CA ASN A 420 6.13 16.89 -32.69
C ASN A 420 5.03 16.37 -33.59
N VAL A 421 4.11 17.21 -34.02
CA VAL A 421 3.06 16.66 -34.90
C VAL A 421 3.65 15.96 -36.15
N ALA A 422 4.84 16.37 -36.53
CA ALA A 422 5.49 15.79 -37.73
C ALA A 422 6.39 14.59 -37.52
N GLY A 423 6.78 14.30 -36.30
CA GLY A 423 7.75 13.23 -36.06
C GLY A 423 8.12 13.03 -34.63
N SER A 424 8.88 11.96 -34.44
CA SER A 424 9.38 11.59 -33.14
C SER A 424 10.86 11.52 -33.18
N THR A 425 11.50 11.95 -32.09
CA THR A 425 12.94 11.79 -31.98
C THR A 425 13.30 11.11 -30.71
N TRP A 426 14.18 10.13 -30.83
CA TRP A 426 14.72 9.42 -29.68
C TRP A 426 16.16 9.78 -29.46
N TYR A 427 16.53 10.02 -28.22
CA TYR A 427 17.94 10.32 -27.84
C TYR A 427 18.52 9.26 -27.00
N TYR A 428 19.48 8.50 -27.54
CA TYR A 428 20.12 7.48 -26.75
C TYR A 428 21.54 7.86 -26.35
N GLN A 429 21.83 7.85 -25.07
CA GLN A 429 23.14 8.13 -24.58
C GLN A 429 23.96 6.83 -24.63
N LEU A 430 25.05 6.87 -25.38
CA LEU A 430 26.02 5.80 -25.46
C LEU A 430 27.29 6.26 -24.75
N ASP A 431 28.23 5.37 -24.70
CA ASP A 431 29.53 5.70 -24.11
C ASP A 431 30.20 6.77 -25.00
N GLU A 432 30.35 7.98 -24.47
CA GLU A 432 30.92 9.12 -25.18
C GLU A 432 30.28 9.46 -26.55
N ASP A 433 28.99 9.23 -26.69
CA ASP A 433 28.27 9.62 -27.91
C ASP A 433 26.78 9.65 -27.60
N VAL A 434 26.06 10.33 -28.46
CA VAL A 434 24.62 10.33 -28.50
C VAL A 434 24.13 9.84 -29.88
N LEU A 435 23.26 8.85 -29.88
CA LEU A 435 22.60 8.40 -31.08
C LEU A 435 21.19 8.98 -31.12
N ILE A 436 20.88 9.72 -32.17
CA ILE A 436 19.62 10.34 -32.40
C ILE A 436 18.89 9.53 -33.48
N ILE A 437 17.68 9.09 -33.16
CA ILE A 437 16.82 8.38 -34.08
C ILE A 437 15.61 9.21 -34.33
N THR A 438 15.28 9.43 -35.60
CA THR A 438 14.16 10.19 -35.92
C THR A 438 13.21 9.38 -36.83
N SER A 439 11.92 9.46 -36.56
CA SER A 439 10.92 8.86 -37.49
C SER A 439 9.95 9.93 -37.80
N PHE A 440 9.80 10.29 -39.08
CA PHE A 440 8.99 11.46 -39.44
C PHE A 440 8.21 11.33 -40.71
N ALA A 441 7.13 12.09 -40.76
CA ALA A 441 6.23 12.14 -41.93
C ALA A 441 6.70 13.18 -42.92
N TYR A 443 5.69 15.86 -45.86
CA TYR A 443 4.60 16.72 -46.29
C TYR A 443 4.32 16.57 -47.77
N ASN A 444 3.06 16.38 -48.13
CA ASN A 444 2.61 16.18 -49.49
C ASN A 444 3.09 14.90 -50.18
N ARG A 445 3.56 13.94 -49.42
CA ARG A 445 4.07 12.72 -50.00
C ARG A 445 3.69 11.55 -49.06
N PRO A 446 3.37 10.38 -49.61
CA PRO A 446 2.89 9.25 -48.80
C PRO A 446 4.00 8.47 -48.16
N GLU A 447 4.79 9.14 -47.33
CA GLU A 447 6.02 8.58 -46.84
C GLU A 447 6.29 8.85 -45.38
N ILE A 448 6.98 7.88 -44.77
CA ILE A 448 7.54 8.00 -43.44
C ILE A 448 8.97 7.67 -43.59
N VAL A 449 9.80 8.41 -42.87
CA VAL A 449 11.25 8.33 -42.99
C VAL A 449 11.86 7.99 -41.66
N LEU A 450 12.74 7.00 -41.66
CA LEU A 450 13.60 6.75 -40.47
C LEU A 450 14.99 7.30 -40.73
N LYS A 451 15.50 8.08 -39.77
CA LYS A 451 16.89 8.54 -39.81
C LYS A 451 17.62 8.22 -38.56
N VAL A 452 18.85 7.71 -38.72
CA VAL A 452 19.70 7.37 -37.62
C VAL A 452 20.97 8.19 -37.76
N GLN A 453 21.43 8.80 -36.66
CA GLN A 453 22.60 9.66 -36.71
C GLN A 453 23.36 9.65 -35.42
N SER A 454 24.65 9.32 -35.52
CA SER A 454 25.58 9.46 -34.41
C SER A 454 25.96 10.92 -34.32
N LEU A 455 25.71 11.51 -33.17
CA LEU A 455 26.10 12.94 -32.94
C LEU A 455 27.62 13.20 -33.01
N GLY A 456 28.39 12.24 -32.57
CA GLY A 456 29.83 12.33 -32.69
C GLY A 456 30.38 11.84 -34.04
N HIS A 457 29.51 11.51 -35.00
CA HIS A 457 29.97 10.90 -36.24
C HIS A 457 30.84 9.68 -36.05
N LYS A 458 30.53 8.86 -35.05
CA LYS A 458 31.18 7.63 -34.81
C LYS A 458 30.43 6.53 -35.62
N LYS A 459 31.15 5.46 -36.00
CA LYS A 459 30.59 4.41 -36.82
C LYS A 459 30.12 3.29 -35.97
N TYR A 460 29.03 2.65 -36.41
CA TYR A 460 28.53 1.48 -35.70
C TYR A 460 27.98 0.50 -36.72
N ASP A 461 27.79 -0.73 -36.25
CA ASP A 461 27.08 -1.73 -36.98
C ASP A 461 25.62 -1.80 -36.44
N PHE A 462 24.67 -1.97 -37.36
CA PHE A 462 23.24 -2.02 -37.03
C PHE A 462 22.59 -3.16 -37.75
N ILE A 463 21.55 -3.69 -37.13
CA ILE A 463 20.52 -4.45 -37.83
C ILE A 463 19.17 -3.79 -37.56
N VAL A 464 18.44 -3.49 -38.60
CA VAL A 464 17.08 -2.97 -38.51
C VAL A 464 16.14 -4.08 -38.94
N THR A 465 15.28 -4.52 -38.04
CA THR A 465 14.29 -5.55 -38.32
C THR A 465 12.96 -4.94 -38.62
N HIS A 466 12.20 -5.62 -39.46
CA HIS A 466 10.87 -5.22 -39.84
C HIS A 466 9.94 -6.44 -39.85
N GLN A 467 8.96 -6.41 -38.96
CA GLN A 467 7.92 -7.48 -38.92
C GLN A 467 6.84 -7.13 -39.92
N LEU A 468 6.95 -7.73 -41.09
CA LEU A 468 6.08 -7.38 -42.20
C LEU A 468 4.74 -8.04 -42.07
N THR A 469 3.73 -7.37 -42.59
CA THR A 469 2.42 -7.97 -42.72
C THR A 469 1.98 -8.02 -44.17
N VAL A 470 1.91 -6.84 -44.81
CA VAL A 470 1.49 -6.67 -46.21
C VAL A 470 0.12 -7.34 -46.35
N GLY A 471 -0.84 -6.72 -45.70
CA GLY A 471 -2.08 -7.36 -45.26
C GLY A 471 -2.37 -7.04 -43.79
N PRO A 472 -3.49 -7.52 -43.28
CA PRO A 472 -3.97 -7.15 -41.93
C PRO A 472 -3.14 -7.66 -40.73
N ASN A 473 -2.49 -8.81 -40.88
CA ASN A 473 -1.84 -9.46 -39.72
C ASN A 473 -0.58 -10.17 -40.12
N GLU A 474 0.33 -10.25 -39.16
CA GLU A 474 1.55 -11.02 -39.36
C GLU A 474 1.20 -12.51 -39.36
N TYR A 475 2.01 -13.28 -40.05
CA TYR A 475 1.96 -14.75 -39.99
C TYR A 475 0.72 -15.36 -40.65
N GLU A 476 0.15 -14.64 -41.59
CA GLU A 476 -1.10 -15.08 -42.20
C GLU A 476 -0.89 -15.41 -43.67
N ASN A 477 -0.14 -14.58 -44.38
CA ASN A 477 0.00 -14.79 -45.81
C ASN A 477 1.39 -14.46 -46.30
N GLU A 478 1.76 -15.12 -47.40
CA GLU A 478 3.01 -14.87 -48.05
C GLU A 478 3.02 -13.45 -48.66
N ILE A 479 4.22 -12.97 -48.97
CA ILE A 479 4.41 -11.60 -49.39
C ILE A 479 5.29 -11.58 -50.62
N LYS A 480 4.95 -10.74 -51.60
CA LYS A 480 5.79 -10.58 -52.79
C LYS A 480 6.78 -9.47 -52.50
N LEU A 481 8.04 -9.75 -52.77
CA LEU A 481 9.11 -8.81 -52.54
C LEU A 481 10.04 -8.81 -53.73
N THR A 482 10.24 -7.65 -54.34
CA THR A 482 11.23 -7.48 -55.41
C THR A 482 12.16 -6.32 -55.07
N ARG A 483 13.31 -6.31 -55.71
CA ARG A 483 14.37 -5.35 -55.39
C ARG A 483 14.99 -4.86 -56.69
N GLU A 484 15.21 -3.55 -56.80
CA GLU A 484 16.03 -3.00 -57.87
C GLU A 484 17.01 -2.04 -57.19
N GLY A 485 18.26 -2.45 -57.07
CA GLY A 485 19.27 -1.63 -56.47
C GLY A 485 19.00 -1.43 -54.96
N ASN A 486 18.75 -0.20 -54.56
CA ASN A 486 18.48 0.14 -53.16
C ASN A 486 16.97 0.33 -52.89
N ILE A 487 16.12 -0.07 -53.84
CA ILE A 487 14.68 0.03 -53.69
C ILE A 487 14.00 -1.35 -53.60
N LEU A 488 13.19 -1.52 -52.54
CA LEU A 488 12.38 -2.73 -52.32
C LEU A 488 10.97 -2.41 -52.61
N GLN A 489 10.25 -3.31 -53.30
CA GLN A 489 8.80 -3.17 -53.47
C GLN A 489 8.08 -4.39 -52.89
N LEU A 490 7.09 -4.14 -52.07
CA LEU A 490 6.36 -5.20 -51.39
C LEU A 490 4.90 -5.15 -51.72
N SER A 491 4.35 -6.30 -52.03
CA SER A 491 2.95 -6.32 -52.33
C SER A 491 2.27 -7.63 -51.95
N PRO A 492 0.96 -7.58 -51.74
CA PRO A 492 0.27 -8.74 -51.20
C PRO A 492 0.07 -9.85 -52.21
N THR A 493 0.10 -11.09 -51.74
CA THR A 493 -0.15 -12.24 -52.64
C THR A 493 -1.63 -12.38 -52.81
N ASP A 494 -2.03 -13.20 -53.80
CA ASP A 494 -3.43 -13.31 -54.22
C ASP A 494 -4.45 -13.54 -53.15
N PRO A 495 -4.17 -14.44 -52.18
CA PRO A 495 -5.24 -14.76 -51.18
C PRO A 495 -5.57 -13.59 -50.20
N VAL A 496 -4.70 -12.64 -50.09
CA VAL A 496 -4.88 -11.59 -49.10
C VAL A 496 -6.09 -10.70 -49.50
N VAL A 497 -6.92 -10.38 -48.52
CA VAL A 497 -8.18 -9.68 -48.74
C VAL A 497 -7.93 -8.30 -49.40
N THR A 498 -6.82 -7.70 -49.00
CA THR A 498 -6.34 -6.43 -49.50
C THR A 498 -6.26 -6.47 -51.00
N ASN A 499 -5.68 -7.57 -51.46
CA ASN A 499 -5.51 -7.77 -52.88
C ASN A 499 -6.82 -7.66 -53.63
N HIS A 500 -7.92 -8.05 -53.03
CA HIS A 500 -9.16 -7.96 -53.75
C HIS A 500 -9.73 -6.53 -53.96
N PHE A 501 -9.76 -5.69 -52.93
CA PHE A 501 -10.34 -4.33 -53.06
C PHE A 501 -9.34 -3.21 -53.36
N TYR A 502 -8.08 -3.46 -53.10
CA TYR A 502 -6.98 -2.53 -53.46
C TYR A 502 -5.94 -3.34 -54.24
N PRO A 503 -6.33 -3.80 -55.43
CA PRO A 503 -5.46 -4.67 -56.20
C PRO A 503 -4.12 -4.05 -56.60
N GLU A 504 -4.02 -2.73 -56.66
CA GLU A 504 -2.78 -2.08 -57.01
C GLU A 504 -1.99 -1.64 -55.75
N LEU A 505 -2.39 -2.10 -54.60
CA LEU A 505 -1.68 -1.66 -53.39
C LEU A 505 -0.26 -2.18 -53.37
N SER A 506 0.69 -1.29 -53.14
CA SER A 506 2.00 -1.75 -52.82
C SER A 506 2.72 -0.78 -51.84
N PHE A 507 3.83 -1.24 -51.32
CA PHE A 507 4.77 -0.44 -50.53
C PHE A 507 6.12 -0.45 -51.16
N ARG A 508 6.91 0.59 -50.88
CA ARG A 508 8.31 0.57 -51.25
C ARG A 508 9.17 1.02 -50.10
N ARG A 510 13.23 2.45 -49.64
CA ARG A 510 14.60 2.74 -50.04
C ARG A 510 15.53 2.48 -48.87
N ILE A 511 16.44 1.53 -49.08
CA ILE A 511 17.37 1.08 -48.03
C ILE A 511 18.80 1.61 -48.34
N PRO A 512 19.71 1.53 -47.39
CA PRO A 512 21.05 2.12 -47.59
C PRO A 512 21.85 1.30 -48.63
N GLU A 513 22.72 1.97 -49.36
CA GLU A 513 23.49 1.36 -50.48
C GLU A 513 24.31 0.15 -50.10
N ASP A 514 24.98 0.21 -48.97
CA ASP A 514 25.77 -0.92 -48.50
C ASP A 514 25.02 -1.44 -47.34
N CYS A 515 24.13 -2.38 -47.63
CA CYS A 515 23.53 -3.17 -46.60
C CYS A 515 23.30 -4.54 -47.12
N THR A 516 23.08 -5.49 -46.22
CA THR A 516 22.66 -6.79 -46.64
C THR A 516 21.23 -7.03 -46.09
N LEU A 517 20.47 -7.78 -46.88
CA LEU A 517 19.11 -8.12 -46.64
C LEU A 517 18.98 -9.57 -46.25
N SER A 518 18.21 -9.86 -45.21
CA SER A 518 17.90 -11.28 -44.91
C SER A 518 16.58 -11.35 -44.19
N ASP A 519 16.28 -12.48 -43.62
CA ASP A 519 15.20 -12.66 -42.67
C ASP A 519 15.83 -12.82 -41.29
N ASP A 520 15.22 -13.59 -40.39
CA ASP A 520 15.78 -13.80 -39.03
C ASP A 520 17.00 -14.73 -38.99
N SER A 521 17.38 -15.29 -40.14
CA SER A 521 18.48 -16.28 -40.18
C SER A 521 19.80 -15.73 -39.66
N ILE A 522 20.06 -14.47 -39.92
CA ILE A 522 21.26 -13.84 -39.41
C ILE A 522 21.41 -13.76 -37.91
N PHE A 523 20.33 -13.90 -37.17
CA PHE A 523 20.41 -13.95 -35.70
C PHE A 523 20.89 -15.26 -35.11
N PHE A 524 20.89 -16.34 -35.92
CA PHE A 524 21.10 -17.66 -35.36
C PHE A 524 22.44 -18.28 -35.75
N HIS A 525 23.01 -19.05 -34.81
CA HIS A 525 24.37 -19.66 -35.00
C HIS A 525 24.48 -20.45 -36.31
N ASN A 526 23.46 -21.23 -36.63
CA ASN A 526 23.47 -22.00 -37.86
C ASN A 526 22.75 -21.44 -39.03
N ASN A 527 22.40 -20.15 -38.99
CA ASN A 527 21.74 -19.46 -40.14
C ASN A 527 20.40 -20.02 -40.53
N THR A 528 19.68 -20.65 -39.60
CA THR A 528 18.36 -21.20 -39.93
C THR A 528 17.36 -20.05 -39.95
N THR A 529 16.63 -19.94 -41.03
CA THR A 529 15.46 -19.09 -41.13
C THR A 529 14.37 -19.74 -40.32
N ILE A 530 13.68 -18.95 -39.47
CA ILE A 530 12.49 -19.46 -38.82
C ILE A 530 11.29 -18.61 -39.25
N ASN A 531 11.34 -17.33 -38.99
CA ASN A 531 10.40 -16.38 -39.49
C ASN A 531 10.85 -15.72 -40.79
N PRO A 532 10.31 -16.18 -41.94
CA PRO A 532 10.75 -15.71 -43.25
C PRO A 532 10.27 -14.33 -43.58
N SER A 533 9.33 -13.80 -42.82
CA SER A 533 8.82 -12.45 -43.08
C SER A 533 9.33 -11.37 -42.11
N LEU A 534 10.31 -11.69 -41.32
CA LEU A 534 11.08 -10.68 -40.63
C LEU A 534 12.16 -10.15 -41.56
N LEU A 535 12.00 -8.96 -42.06
CA LEU A 535 12.90 -8.41 -43.03
C LEU A 535 13.99 -7.66 -42.27
N SER A 536 15.20 -8.19 -42.33
CA SER A 536 16.34 -7.63 -41.56
C SER A 536 17.37 -6.99 -42.49
N ILE A 537 17.77 -5.79 -42.11
CA ILE A 537 18.69 -4.99 -42.89
C ILE A 537 19.93 -4.80 -42.03
N GLU A 538 21.04 -5.42 -42.44
CA GLU A 538 22.33 -5.22 -41.75
C GLU A 538 23.18 -4.11 -42.41
N ILE A 539 23.60 -3.16 -41.58
CA ILE A 539 24.29 -1.97 -42.04
C ILE A 539 25.56 -1.88 -41.21
N LEU A 540 26.73 -1.91 -41.89
CA LEU A 540 27.97 -2.07 -41.19
C LEU A 540 28.73 -0.80 -41.19
N GLN A 541 29.31 -0.47 -40.05
CA GLN A 541 30.26 0.67 -39.98
C GLN A 541 29.80 1.94 -40.59
N LYS A 542 28.61 2.41 -40.19
CA LYS A 542 28.07 3.69 -40.65
C LYS A 542 27.79 4.60 -39.47
N SER A 543 27.94 5.90 -39.67
CA SER A 543 27.66 6.87 -38.60
C SER A 543 26.29 7.49 -38.79
N SER A 544 25.67 7.19 -39.92
CA SER A 544 24.30 7.55 -40.17
C SER A 544 23.72 6.75 -41.32
N PHE A 545 22.40 6.66 -41.35
CA PHE A 545 21.69 6.09 -42.50
C PHE A 545 20.26 6.47 -42.44
N ASP A 546 19.55 6.15 -43.50
CA ASP A 546 18.11 6.28 -43.47
C ASP A 546 17.40 5.14 -44.19
N ILE A 547 16.11 4.99 -43.85
CA ILE A 547 15.18 4.06 -44.53
C ILE A 547 13.91 4.82 -44.78
N VAL A 548 13.48 4.85 -46.04
CA VAL A 548 12.35 5.62 -46.44
C VAL A 548 11.23 4.71 -46.86
N GLN A 550 7.37 4.08 -48.31
CA GLN A 550 6.33 4.68 -49.18
C GLN A 550 5.15 3.73 -49.22
N GLY A 551 3.97 4.30 -49.20
CA GLY A 551 2.73 3.59 -49.35
C GLY A 551 1.94 4.03 -50.57
N PHE A 552 1.43 3.08 -51.34
CA PHE A 552 0.57 3.39 -52.50
C PHE A 552 -0.62 2.49 -52.54
N ASP A 553 -1.76 2.98 -52.12
CA ASP A 553 -2.99 2.17 -52.14
C ASP A 553 -3.55 1.96 -53.55
N THR A 554 -3.29 2.90 -54.44
CA THR A 554 -3.84 2.81 -55.82
C THR A 554 -2.72 2.64 -56.84
N GLY A 555 -1.52 2.30 -56.43
CA GLY A 555 -0.42 2.12 -57.35
C GLY A 555 0.16 3.37 -57.96
N ASN A 556 -0.03 4.55 -57.35
CA ASN A 556 0.53 5.79 -57.94
C ASN A 556 1.98 6.00 -57.52
N VAL A 557 2.87 5.09 -57.96
CA VAL A 557 4.24 5.05 -57.47
C VAL A 557 4.97 6.28 -57.88
N ILE A 558 5.71 6.92 -56.96
CA ILE A 558 6.48 8.11 -57.29
C ILE A 558 7.91 7.85 -56.91
N PRO A 559 8.85 8.46 -57.63
CA PRO A 559 10.26 8.31 -57.21
C PRO A 559 10.58 8.90 -55.83
N PHE A 560 11.64 8.40 -55.25
CA PHE A 560 12.22 8.91 -54.04
C PHE A 560 12.89 10.24 -54.32
N LEU A 561 12.86 11.14 -53.35
CA LEU A 561 13.67 12.35 -53.39
C LEU A 561 15.12 11.99 -53.19
N ASP A 562 15.99 12.92 -53.55
CA ASP A 562 17.41 12.79 -53.26
C ASP A 562 17.70 13.00 -51.81
N GLN A 563 17.06 13.98 -51.20
CA GLN A 563 17.32 14.31 -49.80
C GLN A 563 15.99 14.35 -48.98
N TYR A 564 16.04 13.83 -47.75
CA TYR A 564 14.89 13.77 -46.85
C TYR A 564 15.22 14.54 -45.60
N ASP A 565 14.61 15.70 -45.50
CA ASP A 565 14.98 16.67 -44.46
C ASP A 565 13.79 16.86 -43.47
N TYR A 566 14.01 16.57 -42.19
CA TYR A 566 12.94 16.67 -41.17
C TYR A 566 12.51 18.12 -40.95
N LYS A 567 13.46 19.02 -40.87
CA LYS A 567 13.16 20.39 -40.61
C LYS A 567 12.17 20.98 -41.58
N GLU A 568 12.32 20.72 -42.85
CA GLU A 568 11.34 21.23 -43.82
C GLU A 568 9.94 20.64 -43.59
N GLN A 569 9.87 19.38 -43.17
CA GLN A 569 8.50 18.79 -42.96
C GLN A 569 7.88 19.45 -41.70
N LEU A 570 8.71 19.61 -40.69
CA LEU A 570 8.30 20.21 -39.45
C LEU A 570 7.71 21.64 -39.65
N GLU A 571 8.37 22.44 -40.49
CA GLU A 571 7.81 23.75 -40.81
C GLU A 571 6.52 23.66 -41.60
N ALA A 572 6.46 22.81 -42.59
CA ALA A 572 5.22 22.71 -43.35
C ALA A 572 4.04 22.18 -42.47
N TYR A 573 4.27 21.12 -41.68
CA TYR A 573 3.20 20.62 -40.74
C TYR A 573 2.83 21.71 -39.72
N ARG A 574 3.78 22.51 -39.29
CA ARG A 574 3.44 23.56 -38.32
C ARG A 574 2.38 24.50 -38.86
N ILE A 575 2.60 24.95 -40.09
CA ILE A 575 1.65 25.80 -40.78
C ILE A 575 0.32 25.11 -41.01
N TYR A 576 0.36 23.86 -41.47
CA TYR A 576 -0.85 23.09 -41.73
C TYR A 576 -1.73 22.99 -40.46
N TYR A 577 -1.12 22.68 -39.32
CA TYR A 577 -1.87 22.63 -38.05
C TYR A 577 -2.35 24.04 -37.58
N ASP A 578 -1.50 25.06 -37.71
CA ASP A 578 -1.91 26.46 -37.41
C ASP A 578 -3.18 26.80 -38.19
N GLN A 579 -3.17 26.50 -39.48
CA GLN A 579 -4.37 26.74 -40.30
C GLN A 579 -5.57 25.92 -39.87
N LEU A 580 -5.32 24.68 -39.47
CA LEU A 580 -6.41 23.86 -39.02
C LEU A 580 -7.13 24.46 -37.82
N VAL A 581 -6.37 25.06 -36.91
CA VAL A 581 -6.98 25.71 -35.74
C VAL A 581 -7.17 27.25 -35.89
N CYS A 582 -7.21 27.72 -37.11
CA CYS A 582 -7.50 29.12 -37.42
C CYS A 582 -6.55 30.07 -36.70
N ASN A 583 -5.28 29.67 -36.58
CA ASN A 583 -4.20 30.43 -35.99
C ASN A 583 -4.46 30.81 -34.53
N PHE A 584 -5.19 29.93 -33.83
CA PHE A 584 -5.49 30.08 -32.39
C PHE A 584 -4.28 30.46 -31.62
N LYS A 585 -4.36 31.53 -30.86
CA LYS A 585 -3.28 31.90 -29.97
C LYS A 585 -3.78 32.84 -28.94
N LEU A 586 -3.54 32.52 -27.68
CA LEU A 586 -3.90 33.38 -26.56
C LEU A 586 -2.65 34.15 -26.09
N SER A 587 -2.80 35.46 -25.78
CA SER A 587 -1.69 36.31 -25.42
C SER A 587 -2.12 37.36 -24.41
N ALA A 588 -1.12 37.92 -23.71
CA ALA A 588 -1.41 39.02 -22.78
C ALA A 588 -0.19 39.86 -22.63
N PRO A 589 -0.33 41.14 -22.30
CA PRO A 589 0.89 41.94 -22.00
C PRO A 589 1.64 41.48 -20.78
N ASP A 590 0.93 41.13 -19.72
CA ASP A 590 1.59 40.65 -18.49
C ASP A 590 1.74 39.13 -18.66
N LYS A 591 1.96 38.40 -17.60
CA LYS A 591 2.13 36.95 -17.72
C LYS A 591 0.79 36.36 -18.10
N ILE A 592 0.73 35.61 -19.17
CA ILE A 592 -0.47 34.92 -19.53
C ILE A 592 -0.91 33.96 -18.35
N PRO A 593 -2.18 33.87 -18.01
CA PRO A 593 -2.62 32.86 -17.01
C PRO A 593 -2.24 31.41 -17.44
N LEU A 594 -1.98 30.58 -16.47
CA LEU A 594 -1.57 29.23 -16.74
C LEU A 594 -2.57 28.47 -17.61
N SER A 595 -3.85 28.67 -17.39
CA SER A 595 -4.88 28.01 -18.22
C SER A 595 -4.76 28.38 -19.68
N ALA A 596 -4.45 29.65 -19.96
CA ALA A 596 -4.22 30.06 -21.34
C ALA A 596 -2.96 29.43 -21.91
N GLU A 597 -1.88 29.36 -21.11
CA GLU A 597 -0.64 28.73 -21.48
C GLU A 597 -0.83 27.26 -21.84
N LYS A 598 -1.60 26.54 -21.02
CA LYS A 598 -1.94 25.17 -21.31
C LYS A 598 -2.76 25.01 -22.58
N LEU A 599 -3.71 25.91 -22.81
CA LEU A 599 -4.44 25.83 -24.04
C LEU A 599 -3.59 26.03 -25.31
N ASN A 600 -2.69 27.00 -25.27
CA ASN A 600 -1.78 27.25 -26.38
C ASN A 600 -0.90 26.05 -26.60
N ALA A 601 -0.43 25.42 -25.53
CA ALA A 601 0.39 24.23 -25.67
C ALA A 601 -0.34 23.00 -26.16
N ILE A 602 -1.62 22.85 -25.81
CA ILE A 602 -2.34 21.57 -26.12
C ILE A 602 -3.16 21.61 -27.36
N ILE A 603 -3.51 22.80 -27.85
CA ILE A 603 -4.56 22.82 -28.88
C ILE A 603 -4.15 22.09 -30.18
N HIS A 604 -2.91 22.24 -30.60
CA HIS A 604 -2.50 21.56 -31.85
C HIS A 604 -2.37 20.07 -31.60
N TRP A 605 -2.04 19.66 -30.37
CA TRP A 605 -2.00 18.22 -30.00
C TRP A 605 -3.36 17.59 -30.08
N TYR A 606 -4.37 18.27 -29.52
CA TYR A 606 -5.74 17.81 -29.67
C TYR A 606 -6.29 17.90 -31.07
N ALA A 607 -5.86 18.90 -31.84
CA ALA A 607 -6.22 18.92 -33.24
C ALA A 607 -5.63 17.74 -33.99
N HIS A 608 -4.38 17.41 -33.69
CA HIS A 608 -3.72 16.20 -34.30
C HIS A 608 -4.52 14.90 -33.92
N ASP A 609 -4.82 14.78 -32.64
CA ASP A 609 -5.59 13.56 -32.16
C ASP A 609 -6.94 13.44 -32.87
N ALA A 610 -7.67 14.56 -32.95
CA ALA A 610 -8.94 14.62 -33.63
C ALA A 610 -8.85 14.33 -35.11
N LEU A 611 -7.83 14.85 -35.74
CA LEU A 611 -7.58 14.60 -37.15
C LEU A 611 -7.29 13.13 -37.42
N ILE A 612 -6.58 12.49 -36.49
CA ILE A 612 -6.35 11.02 -36.61
C ILE A 612 -7.66 10.25 -36.45
N HIS A 613 -8.43 10.63 -35.42
CA HIS A 613 -9.71 10.00 -35.18
C HIS A 613 -10.59 10.05 -36.43
N PHE A 614 -10.53 11.17 -37.12
CA PHE A 614 -11.28 11.35 -38.34
C PHE A 614 -10.68 10.59 -39.55
N ALA A 615 -9.43 10.85 -39.89
CA ALA A 615 -8.89 10.47 -41.22
C ALA A 615 -8.15 9.17 -41.25
N SER A 616 -7.61 8.75 -40.12
CA SER A 616 -6.89 7.51 -39.98
C SER A 616 -7.22 6.81 -38.66
N PRO A 617 -8.39 6.20 -38.56
CA PRO A 617 -8.95 5.97 -37.22
C PRO A 617 -8.36 4.83 -36.48
N HIS A 618 -7.53 5.15 -35.53
CA HIS A 618 -6.94 4.19 -34.62
C HIS A 618 -6.28 5.00 -33.51
N GLY A 619 -6.00 4.29 -32.44
CA GLY A 619 -5.32 4.85 -31.28
C GLY A 619 -4.11 4.13 -30.83
N LEU A 620 -3.67 4.46 -29.62
CA LEU A 620 -2.53 3.78 -29.07
C LEU A 620 -2.95 2.38 -28.55
N GLU A 621 -3.74 2.35 -27.49
CA GLU A 621 -4.37 1.06 -27.08
C GLU A 621 -5.30 0.48 -28.17
N GLN A 622 -6.11 1.30 -28.80
CA GLN A 622 -7.13 0.85 -29.70
C GLN A 622 -6.60 0.90 -31.10
N SER A 623 -5.74 -0.06 -31.40
CA SER A 623 -5.02 -0.06 -32.65
C SER A 623 -5.94 -0.52 -33.78
N GLY A 624 -6.97 -1.32 -33.43
CA GLY A 624 -7.97 -1.83 -34.40
C GLY A 624 -9.12 -0.84 -34.47
N GLY A 625 -9.17 -0.02 -35.51
CA GLY A 625 -10.25 0.93 -35.71
C GLY A 625 -10.67 0.86 -37.16
N ALA A 626 -10.09 1.70 -37.96
CA ALA A 626 -10.28 1.70 -39.39
C ALA A 626 -11.59 2.28 -39.82
N ALA A 627 -12.67 1.82 -39.22
CA ALA A 627 -13.99 2.34 -39.51
C ALA A 627 -14.27 3.70 -38.88
N TRP A 628 -15.29 4.36 -39.40
CA TRP A 628 -15.97 5.45 -38.66
C TRP A 628 -17.10 4.89 -37.79
N GLY A 629 -17.13 5.29 -36.54
CA GLY A 629 -18.27 5.07 -35.68
C GLY A 629 -19.29 6.09 -36.08
N THR A 630 -20.51 5.67 -36.32
CA THR A 630 -21.50 6.59 -36.87
C THR A 630 -21.76 7.75 -35.91
N ARG A 631 -21.94 7.47 -34.66
CA ARG A 631 -22.16 8.57 -33.71
C ARG A 631 -20.87 9.37 -33.51
N ASP A 632 -19.72 8.75 -33.72
CA ASP A 632 -18.41 9.38 -33.43
C ASP A 632 -18.04 10.41 -34.50
N VAL A 633 -18.25 10.05 -35.76
CA VAL A 633 -17.89 10.97 -36.86
C VAL A 633 -18.79 12.23 -36.73
N CYS A 634 -19.99 12.02 -36.27
CA CYS A 634 -20.93 13.11 -36.04
C CYS A 634 -20.58 14.05 -34.88
N GLN A 635 -19.65 13.66 -34.04
CA GLN A 635 -19.24 14.44 -32.88
C GLN A 635 -17.86 15.02 -33.04
N GLY A 636 -16.82 14.25 -32.78
CA GLY A 636 -15.46 14.78 -32.77
C GLY A 636 -15.10 15.53 -34.04
N PRO A 637 -15.17 14.84 -35.18
CA PRO A 637 -14.75 15.47 -36.38
C PRO A 637 -15.72 16.62 -36.83
N ILE A 638 -17.02 16.35 -36.93
CA ILE A 638 -17.93 17.40 -37.38
C ILE A 638 -17.88 18.66 -36.41
N GLU A 639 -17.79 18.43 -35.11
CA GLU A 639 -17.76 19.56 -34.20
C GLU A 639 -16.45 20.33 -34.36
N PHE A 640 -15.36 19.62 -34.58
CA PHE A 640 -14.07 20.27 -34.75
C PHE A 640 -14.11 21.14 -36.04
N PHE A 641 -14.56 20.55 -37.12
CA PHE A 641 -14.55 21.23 -38.40
C PHE A 641 -15.57 22.37 -38.46
N LEU A 642 -16.76 22.20 -37.89
CA LEU A 642 -17.72 23.34 -37.75
C LEU A 642 -17.18 24.51 -36.95
N THR A 643 -16.45 24.20 -35.91
CA THR A 643 -15.82 25.22 -35.09
C THR A 643 -14.79 26.05 -35.84
N THR A 644 -14.01 25.40 -36.72
CA THR A 644 -12.93 26.02 -37.36
C THR A 644 -13.29 26.49 -38.78
N GLY A 645 -14.50 26.23 -39.26
CA GLY A 645 -14.96 26.73 -40.57
C GLY A 645 -14.58 25.88 -41.74
N HIS A 646 -14.26 24.61 -41.50
CA HIS A 646 -14.01 23.68 -42.58
C HIS A 646 -15.31 23.08 -43.10
N PHE A 647 -16.14 23.97 -43.65
CA PHE A 647 -17.53 23.63 -44.05
C PHE A 647 -17.62 22.73 -45.28
N ASP A 648 -16.75 22.95 -46.26
CA ASP A 648 -16.69 22.01 -47.42
C ASP A 648 -16.40 20.58 -46.95
N LEU A 649 -15.46 20.45 -46.03
CA LEU A 649 -15.15 19.15 -45.49
C LEU A 649 -16.36 18.49 -44.84
N VAL A 650 -17.06 19.24 -43.98
CA VAL A 650 -18.22 18.71 -43.35
C VAL A 650 -19.29 18.26 -44.33
N ARG A 651 -19.48 19.00 -45.40
CA ARG A 651 -20.51 18.64 -46.38
C ARG A 651 -20.22 17.30 -46.99
N HIS A 652 -18.96 17.09 -47.31
CA HIS A 652 -18.56 15.85 -47.91
C HIS A 652 -18.70 14.69 -46.90
N ILE A 653 -18.32 14.96 -45.66
CA ILE A 653 -18.48 13.97 -44.60
C ILE A 653 -19.93 13.57 -44.55
N LEU A 654 -20.82 14.56 -44.57
CA LEU A 654 -22.26 14.26 -44.44
C LEU A 654 -22.80 13.46 -45.63
N ILE A 655 -22.42 13.82 -46.83
CA ILE A 655 -22.81 12.99 -47.98
C ILE A 655 -22.32 11.54 -47.85
N THR A 656 -21.06 11.39 -47.47
CA THR A 656 -20.49 10.05 -47.28
C THR A 656 -21.32 9.26 -46.24
N LEU A 657 -21.61 9.93 -45.14
CA LEU A 657 -22.34 9.33 -44.03
C LEU A 657 -23.73 8.89 -44.48
N TYR A 658 -24.45 9.76 -45.16
CA TYR A 658 -25.81 9.40 -45.58
C TYR A 658 -25.84 8.19 -46.60
N SER A 659 -24.78 8.03 -47.34
CA SER A 659 -24.66 6.92 -48.28
C SER A 659 -24.53 5.59 -47.57
N HIS A 660 -24.20 5.63 -46.29
CA HIS A 660 -24.05 4.43 -45.49
C HIS A 660 -25.29 4.07 -44.66
N GLN A 661 -26.36 4.83 -44.82
CA GLN A 661 -27.61 4.49 -44.19
C GLN A 661 -28.06 3.14 -44.77
N ILE A 662 -28.72 2.30 -43.96
CA ILE A 662 -28.99 0.93 -44.34
C ILE A 662 -30.38 0.77 -44.95
N GLU A 663 -30.41 0.12 -46.10
CA GLU A 663 -31.68 -0.07 -46.82
C GLU A 663 -32.57 -0.98 -46.04
N GLY A 664 -33.85 -0.67 -46.07
CA GLY A 664 -34.91 -1.48 -45.45
C GLY A 664 -35.10 -1.08 -44.01
N GLY A 665 -34.07 -1.18 -43.17
CA GLY A 665 -34.19 -0.73 -41.77
C GLY A 665 -34.20 0.79 -41.67
N PHE A 666 -33.45 1.40 -42.57
CA PHE A 666 -33.25 2.81 -42.68
C PHE A 666 -32.67 3.53 -41.44
N GLU A 667 -31.98 2.76 -40.60
CA GLU A 667 -31.12 3.34 -39.56
C GLU A 667 -29.66 3.28 -40.04
N TRP A 668 -28.70 3.62 -39.19
CA TRP A 668 -27.31 3.52 -39.55
C TRP A 668 -26.69 2.31 -38.88
N PRO A 669 -25.61 1.78 -39.44
CA PRO A 669 -24.83 0.81 -38.73
C PRO A 669 -24.12 1.50 -37.54
N GLN A 670 -23.66 0.72 -36.58
CA GLN A 670 -22.90 1.27 -35.47
C GLN A 670 -21.61 1.92 -35.97
N TRP A 671 -20.98 1.28 -36.94
CA TRP A 671 -19.75 1.69 -37.56
C TRP A 671 -19.65 1.15 -38.97
N PHE A 672 -18.90 1.85 -39.79
CA PHE A 672 -18.69 1.46 -41.21
C PHE A 672 -17.36 1.91 -41.71
N PHE A 674 -15.22 3.65 -44.45
CA PHE A 674 -15.54 4.73 -45.38
C PHE A 674 -14.68 4.70 -46.64
N ASP A 675 -14.05 3.57 -46.92
CA ASP A 675 -13.17 3.42 -48.06
C ASP A 675 -13.78 2.31 -48.94
N HIS A 676 -13.01 1.61 -49.76
CA HIS A 676 -13.60 0.56 -50.62
C HIS A 676 -13.92 -0.76 -49.96
N TYR A 677 -13.51 -0.95 -48.70
CA TYR A 677 -13.90 -2.18 -47.98
C TYR A 677 -15.37 -2.13 -47.63
N PRO A 678 -16.19 -3.06 -48.15
CA PRO A 678 -17.58 -3.13 -47.75
C PRO A 678 -17.79 -3.90 -46.45
N ILE A 679 -17.64 -3.19 -45.32
CA ILE A 679 -17.71 -3.79 -44.01
C ILE A 679 -18.37 -2.81 -43.04
N HIS A 680 -19.43 -3.26 -42.37
CA HIS A 680 -20.09 -2.48 -41.36
C HIS A 680 -20.70 -3.38 -40.34
N GLN A 681 -21.14 -2.78 -39.25
CA GLN A 681 -21.86 -3.49 -38.20
C GLN A 681 -23.24 -2.98 -38.24
N GLU A 682 -24.12 -3.76 -38.87
CA GLU A 682 -25.51 -3.32 -39.14
C GLU A 682 -26.36 -3.21 -37.87
N ASP A 683 -26.03 -3.95 -36.83
CA ASP A 683 -26.70 -3.80 -35.55
C ASP A 683 -26.17 -2.55 -34.83
N CYS A 684 -27.08 -1.72 -34.33
CA CYS A 684 -26.69 -0.46 -33.70
C CYS A 684 -27.43 -0.19 -32.42
N HIS A 685 -26.86 0.71 -31.62
CA HIS A 685 -27.55 1.26 -30.48
C HIS A 685 -28.73 2.14 -30.92
N GLY A 686 -29.67 2.36 -30.00
CA GLY A 686 -30.86 3.16 -30.21
C GLY A 686 -30.63 4.67 -30.36
N ASP A 687 -29.51 5.21 -29.85
CA ASP A 687 -29.21 6.63 -30.09
C ASP A 687 -28.58 6.95 -31.45
N VAL A 688 -28.05 5.93 -32.14
CA VAL A 688 -27.22 6.22 -33.29
C VAL A 688 -27.94 6.99 -34.39
N VAL A 689 -29.18 6.63 -34.63
CA VAL A 689 -29.98 7.27 -35.69
C VAL A 689 -30.13 8.81 -35.60
N PHE A 690 -30.08 9.33 -34.38
CA PHE A 690 -30.23 10.75 -34.13
C PHE A 690 -28.99 11.55 -34.56
N TRP A 691 -27.79 10.96 -34.49
CA TRP A 691 -26.58 11.74 -34.71
C TRP A 691 -26.46 12.33 -36.14
N PRO A 692 -26.74 11.55 -37.18
CA PRO A 692 -26.62 12.10 -38.53
C PRO A 692 -27.65 13.18 -38.82
N LEU A 693 -28.80 13.05 -38.19
CA LEU A 693 -29.87 14.08 -38.20
C LEU A 693 -29.43 15.36 -37.49
N LYS A 694 -28.92 15.21 -36.28
CA LYS A 694 -28.38 16.39 -35.56
C LYS A 694 -27.22 17.08 -36.37
N ALA A 695 -26.26 16.28 -36.84
CA ALA A 695 -25.12 16.82 -37.57
C ALA A 695 -25.53 17.57 -38.83
N ILE A 696 -26.42 17.00 -39.64
CA ILE A 696 -26.81 17.72 -40.84
C ILE A 696 -27.50 19.07 -40.53
N SER A 697 -28.26 19.07 -39.44
CA SER A 697 -28.93 20.26 -38.96
C SER A 697 -27.93 21.27 -38.52
N ASP A 698 -26.93 20.84 -37.73
CA ASP A 698 -25.89 21.78 -37.28
C ASP A 698 -25.17 22.35 -38.49
N TYR A 699 -24.86 21.49 -39.47
CA TYR A 699 -24.18 22.00 -40.63
C TYR A 699 -25.05 23.11 -41.36
N ILE A 700 -26.30 22.78 -41.59
CA ILE A 700 -27.21 23.66 -42.31
C ILE A 700 -27.34 25.00 -41.60
N GLN A 701 -27.42 24.96 -40.28
CA GLN A 701 -27.52 26.19 -39.45
C GLN A 701 -26.27 27.02 -39.49
N ALA A 702 -25.11 26.37 -39.52
CA ALA A 702 -23.86 27.10 -39.64
C ALA A 702 -23.63 27.75 -41.02
N THR A 703 -24.18 27.18 -42.07
CA THR A 703 -23.71 27.52 -43.42
C THR A 703 -24.82 28.09 -44.29
N GLY A 704 -26.05 27.77 -43.96
CA GLY A 704 -27.16 28.06 -44.81
C GLY A 704 -27.26 27.12 -45.98
N ASP A 705 -26.41 26.11 -46.09
CA ASP A 705 -26.35 25.27 -47.28
C ASP A 705 -27.46 24.21 -47.30
N THR A 706 -28.68 24.64 -47.56
CA THR A 706 -29.82 23.70 -47.69
C THR A 706 -29.77 22.82 -48.95
N SER A 707 -28.92 23.13 -49.92
CA SER A 707 -28.70 22.27 -51.11
C SER A 707 -28.33 20.85 -50.81
N ILE A 708 -27.64 20.63 -49.68
CA ILE A 708 -27.22 19.28 -49.28
C ILE A 708 -28.42 18.37 -49.25
N LEU A 709 -29.59 18.91 -48.91
CA LEU A 709 -30.79 18.13 -48.78
C LEU A 709 -31.27 17.55 -50.09
N ASN A 710 -30.88 18.16 -51.21
CA ASN A 710 -31.24 17.65 -52.55
C ASN A 710 -30.25 16.69 -53.18
N GLU A 711 -29.10 16.48 -52.55
CA GLU A 711 -28.13 15.55 -53.09
C GLU A 711 -28.74 14.17 -53.16
N LEU A 712 -28.44 13.48 -54.26
CA LEU A 712 -28.91 12.09 -54.45
C LEU A 712 -27.86 11.12 -53.96
N VAL A 713 -28.26 10.24 -53.09
CA VAL A 713 -27.32 9.43 -52.36
C VAL A 713 -27.94 8.06 -52.22
N ASP A 714 -27.08 7.06 -52.32
CA ASP A 714 -27.41 5.70 -52.26
C ASP A 714 -27.54 5.22 -50.81
N TYR A 715 -27.95 3.97 -50.64
CA TYR A 715 -27.94 3.24 -49.37
C TYR A 715 -27.01 2.03 -49.44
N ARG A 716 -26.84 1.34 -48.32
CA ARG A 716 -26.09 0.11 -48.26
C ARG A 716 -26.97 -1.03 -47.77
N THR A 717 -26.73 -2.23 -48.29
CA THR A 717 -27.46 -3.44 -47.88
C THR A 717 -26.93 -3.88 -46.54
N ALA A 718 -27.81 -4.43 -45.72
CA ALA A 718 -27.48 -4.78 -44.35
C ALA A 718 -26.44 -5.87 -44.20
N LYS A 719 -26.69 -7.01 -44.84
CA LYS A 719 -25.83 -8.17 -44.66
C LYS A 719 -24.45 -8.02 -45.37
N ASP A 720 -24.47 -7.43 -46.55
CA ASP A 720 -23.34 -7.31 -47.46
C ASP A 720 -22.56 -6.00 -47.45
N ALA A 721 -23.17 -4.95 -46.93
CA ALA A 721 -22.57 -3.62 -46.93
C ALA A 721 -22.29 -3.09 -48.34
N LEU A 722 -23.13 -3.45 -49.28
CA LEU A 722 -22.94 -2.95 -50.65
C LEU A 722 -23.94 -1.90 -51.05
N PRO A 723 -23.52 -0.99 -51.93
CA PRO A 723 -24.44 -0.04 -52.51
C PRO A 723 -25.67 -0.71 -53.10
N THR A 724 -26.84 -0.13 -52.89
CA THR A 724 -28.07 -0.66 -53.47
C THR A 724 -28.32 -0.13 -54.88
N ASN A 725 -27.59 0.92 -55.27
CA ASN A 725 -27.79 1.65 -56.54
C ASN A 725 -29.24 2.07 -56.73
N GLN A 726 -29.85 2.53 -55.65
CA GLN A 726 -31.18 3.07 -55.68
C GLN A 726 -31.15 4.34 -54.84
N PRO A 727 -30.51 5.37 -55.35
CA PRO A 727 -30.34 6.61 -54.58
C PRO A 727 -31.62 7.44 -54.42
N GLU A 728 -31.71 8.14 -53.31
CA GLU A 728 -32.78 9.08 -53.07
C GLU A 728 -32.15 10.34 -52.52
N THR A 729 -32.91 11.43 -52.50
CA THR A 729 -32.41 12.68 -51.92
C THR A 729 -32.11 12.49 -50.42
N ILE A 730 -31.21 13.30 -49.93
CA ILE A 730 -30.90 13.27 -48.52
C ILE A 730 -32.17 13.62 -47.75
N LEU A 731 -32.98 14.50 -48.28
CA LEU A 731 -34.22 14.85 -47.53
C LEU A 731 -35.08 13.62 -47.30
N ILE A 732 -35.13 12.75 -48.30
CA ILE A 732 -35.91 11.51 -48.14
C ILE A 732 -35.20 10.52 -47.24
N HIS A 733 -33.85 10.50 -47.29
CA HIS A 733 -33.07 9.70 -46.28
C HIS A 733 -33.52 10.08 -44.86
N ILE A 734 -33.63 11.38 -44.67
CA ILE A 734 -34.02 11.95 -43.36
C ILE A 734 -35.43 11.56 -42.98
N LYS A 735 -36.34 11.66 -43.93
CA LYS A 735 -37.72 11.17 -43.72
C LYS A 735 -37.83 9.73 -43.30
N ARG A 736 -37.12 8.85 -44.00
CA ARG A 736 -37.12 7.45 -43.63
C ARG A 736 -36.52 7.23 -42.23
N ALA A 737 -35.44 7.93 -41.92
CA ALA A 737 -34.85 7.78 -40.56
C ALA A 737 -35.85 8.24 -39.50
N VAL A 738 -36.55 9.35 -39.78
CA VAL A 738 -37.58 9.87 -38.82
C VAL A 738 -38.76 8.91 -38.66
N THR A 739 -39.12 8.17 -39.71
CA THR A 739 -40.16 7.12 -39.57
C THR A 739 -39.72 6.07 -38.54
N THR A 740 -38.46 5.63 -38.60
CA THR A 740 -37.98 4.64 -37.60
C THR A 740 -38.13 5.18 -36.16
N ILE A 741 -37.93 6.48 -35.99
CA ILE A 741 -38.05 7.08 -34.67
C ILE A 741 -39.49 7.05 -34.16
N LYS A 742 -40.44 7.38 -35.03
CA LYS A 742 -41.89 7.19 -34.66
C LYS A 742 -42.20 5.78 -34.19
N ASN A 743 -41.63 4.79 -34.86
CA ASN A 743 -41.85 3.39 -34.52
C ASN A 743 -41.23 2.96 -33.21
N ARG A 744 -40.41 3.80 -32.59
CA ARG A 744 -39.83 3.45 -31.28
C ARG A 744 -40.72 3.83 -30.10
N TYR A 745 -41.79 4.59 -30.34
CA TYR A 745 -42.70 5.04 -29.25
C TYR A 745 -43.28 3.90 -28.47
N LEU A 746 -43.20 3.97 -27.15
CA LEU A 746 -43.88 3.00 -26.28
C LEU A 746 -45.38 3.28 -26.32
N SER A 747 -46.21 2.24 -26.34
CA SER A 747 -47.64 2.42 -26.61
C SER A 747 -48.28 3.42 -25.71
N GLY A 748 -49.04 4.33 -26.29
CA GLY A 748 -49.76 5.36 -25.55
C GLY A 748 -48.93 6.56 -25.16
N THR A 749 -47.68 6.63 -25.62
CA THR A 749 -46.74 7.70 -25.23
C THR A 749 -45.91 8.14 -26.41
N ALA A 750 -45.08 9.15 -26.21
CA ALA A 750 -43.96 9.45 -27.14
C ALA A 750 -42.60 9.19 -26.44
N LEU A 751 -42.53 8.13 -25.63
CA LEU A 751 -41.31 7.75 -24.97
C LEU A 751 -40.59 6.89 -25.96
N ILE A 752 -39.30 7.19 -26.18
CA ILE A 752 -38.49 6.42 -27.16
C ILE A 752 -37.88 5.21 -26.48
N SER A 753 -38.15 4.04 -27.04
CA SER A 753 -37.65 2.81 -26.47
C SER A 753 -36.10 2.78 -26.55
N TYR A 754 -35.50 2.12 -25.59
CA TYR A 754 -34.04 2.11 -25.44
C TYR A 754 -33.45 1.38 -26.61
N ALA A 755 -34.14 0.33 -27.07
CA ALA A 755 -33.65 -0.52 -28.21
C ALA A 755 -32.21 -1.01 -27.93
N GLY A 756 -31.29 -0.90 -28.88
CA GLY A 756 -29.93 -1.48 -28.67
C GLY A 756 -29.11 -0.76 -27.60
N GLY A 757 -29.58 0.40 -27.10
CA GLY A 757 -28.89 1.11 -26.02
C GLY A 757 -28.69 2.59 -26.33
N ASP A 758 -27.91 3.27 -25.50
CA ASP A 758 -27.62 4.68 -25.76
C ASP A 758 -26.13 4.96 -25.94
N TRP A 759 -25.74 6.21 -25.74
CA TRP A 759 -24.33 6.61 -25.85
C TRP A 759 -23.33 5.69 -25.14
N ASP A 760 -23.70 5.19 -23.96
CA ASP A 760 -22.75 4.40 -23.18
C ASP A 760 -22.79 2.99 -23.71
N ASP A 761 -21.75 2.61 -24.43
CA ASP A 761 -21.69 1.26 -25.04
C ASP A 761 -21.65 0.12 -24.00
N THR A 762 -21.34 0.43 -22.74
CA THR A 762 -21.34 -0.61 -21.69
C THR A 762 -22.75 -0.89 -21.09
N LEU A 763 -23.72 -0.05 -21.44
CA LEU A 763 -25.08 -0.12 -20.89
C LEU A 763 -26.09 -0.81 -21.86
N GLN A 764 -25.60 -1.72 -22.69
CA GLN A 764 -26.49 -2.45 -23.58
C GLN A 764 -27.49 -3.22 -22.66
N PRO A 765 -28.77 -3.26 -23.02
CA PRO A 765 -29.73 -4.07 -22.23
C PRO A 765 -29.41 -5.58 -22.24
N ALA A 766 -29.50 -6.22 -21.09
CA ALA A 766 -29.21 -7.68 -20.95
C ALA A 766 -30.29 -8.65 -21.48
N ASN A 767 -31.47 -8.15 -21.85
CA ASN A 767 -32.54 -9.02 -22.39
C ASN A 767 -33.48 -8.21 -23.25
N SER A 768 -34.35 -8.91 -23.98
CA SER A 768 -35.34 -8.30 -24.87
C SER A 768 -36.38 -7.43 -24.20
N GLU A 769 -36.80 -7.76 -22.99
CA GLU A 769 -37.86 -6.91 -22.35
C GLU A 769 -37.29 -5.55 -22.00
N LEU A 770 -36.03 -5.53 -21.55
CA LEU A 770 -35.31 -4.27 -21.29
C LEU A 770 -35.14 -3.45 -22.56
N LYS A 771 -34.80 -4.12 -23.64
CA LYS A 771 -34.75 -3.51 -24.97
C LYS A 771 -36.04 -2.82 -25.42
N GLU A 772 -37.18 -3.45 -25.18
CA GLU A 772 -38.49 -2.87 -25.54
C GLU A 772 -39.05 -1.90 -24.52
N ASN A 773 -38.81 -2.12 -23.24
CA ASN A 773 -39.59 -1.38 -22.23
C ASN A 773 -38.77 -0.41 -21.41
N LEU A 774 -37.46 -0.40 -21.63
CA LEU A 774 -36.65 0.69 -21.02
C LEU A 774 -36.73 1.92 -21.88
N VAL A 775 -36.69 3.06 -21.21
CA VAL A 775 -36.50 4.35 -21.83
C VAL A 775 -35.29 5.04 -21.14
N SER A 776 -34.32 5.45 -21.95
CA SER A 776 -33.25 6.31 -21.50
C SER A 776 -33.69 7.77 -21.54
N ALA A 777 -33.61 8.43 -20.39
CA ALA A 777 -33.93 9.86 -20.33
C ALA A 777 -32.98 10.71 -21.24
N TRP A 778 -31.73 10.28 -21.34
CA TRP A 778 -30.75 10.95 -22.23
C TRP A 778 -31.17 10.82 -23.65
N THR A 779 -31.56 9.61 -24.04
CA THR A 779 -32.03 9.42 -25.44
C THR A 779 -33.25 10.28 -25.74
N GLN A 780 -34.17 10.31 -24.80
CA GLN A 780 -35.38 11.12 -24.94
C GLN A 780 -35.01 12.59 -25.17
N ALA A 781 -34.10 13.09 -24.34
CA ALA A 781 -33.60 14.45 -24.48
C ALA A 781 -32.86 14.72 -25.82
N LEU A 782 -31.97 13.84 -26.18
CA LEU A 782 -31.27 13.96 -27.47
C LEU A 782 -32.28 14.00 -28.65
N ALA A 783 -33.33 13.20 -28.55
CA ALA A 783 -34.34 13.10 -29.59
C ALA A 783 -35.10 14.42 -29.73
N GLU A 784 -35.45 15.02 -28.59
CA GLU A 784 -36.08 16.33 -28.59
C GLU A 784 -35.15 17.36 -29.21
N GLN A 785 -33.91 17.40 -28.73
CA GLN A 785 -32.92 18.33 -29.26
C GLN A 785 -32.78 18.19 -30.79
N THR A 786 -32.69 16.96 -31.24
CA THR A 786 -32.39 16.67 -32.63
C THR A 786 -33.55 17.09 -33.56
N LEU A 787 -34.74 16.67 -33.18
CA LEU A 787 -35.96 16.97 -33.97
C LEU A 787 -36.27 18.45 -34.06
N GLU A 788 -35.98 19.18 -32.98
CA GLU A 788 -36.08 20.65 -33.02
C GLU A 788 -35.05 21.27 -33.97
N LEU A 789 -33.80 20.81 -33.88
CA LEU A 789 -32.76 21.30 -34.82
C LEU A 789 -33.16 21.01 -36.28
N LEU A 790 -33.62 19.79 -36.50
CA LEU A 790 -34.04 19.33 -37.83
C LEU A 790 -35.24 20.20 -38.31
N CYS A 791 -36.22 20.41 -37.41
CA CYS A 791 -37.31 21.34 -37.71
C CYS A 791 -36.81 22.67 -38.27
N SER A 792 -35.91 23.33 -37.57
CA SER A 792 -35.36 24.60 -38.07
C SER A 792 -34.60 24.47 -39.35
N ALA A 793 -33.85 23.38 -39.51
CA ALA A 793 -33.01 23.26 -40.68
C ALA A 793 -33.88 23.07 -41.91
N ILE A 794 -35.00 22.41 -41.76
CA ILE A 794 -35.85 22.02 -42.90
C ILE A 794 -37.03 22.99 -43.20
N LYS A 795 -37.25 23.93 -42.29
CA LYS A 795 -38.38 24.84 -42.30
C LYS A 795 -38.59 25.57 -43.62
N GLY A 796 -37.54 26.11 -44.18
CA GLY A 796 -37.65 26.84 -45.46
C GLY A 796 -37.67 25.98 -46.71
N ILE A 797 -37.75 24.66 -46.57
CA ILE A 797 -37.58 23.73 -47.69
C ILE A 797 -38.77 22.82 -47.83
N ASP A 798 -39.31 22.32 -46.72
CA ASP A 798 -40.45 21.42 -46.73
C ASP A 798 -41.29 21.77 -45.48
N HIS A 799 -42.30 22.61 -45.70
CA HIS A 799 -43.10 23.20 -44.65
C HIS A 799 -43.77 22.13 -43.84
N ASP A 800 -44.39 21.18 -44.53
CA ASP A 800 -45.16 20.17 -43.84
C ASP A 800 -44.28 19.30 -42.96
N PHE A 801 -43.14 18.88 -43.51
CA PHE A 801 -42.22 17.98 -42.75
C PHE A 801 -41.71 18.72 -41.51
N SER A 802 -41.37 19.98 -41.72
CA SER A 802 -40.96 20.82 -40.62
C SER A 802 -42.01 20.89 -39.52
N LYS A 803 -43.29 21.02 -39.89
CA LYS A 803 -44.41 21.05 -38.91
C LYS A 803 -44.57 19.75 -38.18
N GLU A 804 -44.42 18.67 -38.90
CA GLU A 804 -44.54 17.35 -38.29
C GLU A 804 -43.36 17.11 -37.28
N LEU A 805 -42.15 17.56 -37.66
CA LEU A 805 -41.00 17.49 -36.73
C LEU A 805 -41.29 18.30 -35.45
N SER A 806 -41.94 19.45 -35.62
CA SER A 806 -42.29 20.34 -34.46
C SER A 806 -43.25 19.67 -33.49
N HIS A 807 -44.22 18.95 -34.07
CA HIS A 807 -45.15 18.18 -33.30
C HIS A 807 -44.50 16.97 -32.64
N ALA A 809 -41.39 16.65 -31.84
CA ALA A 809 -40.52 17.20 -30.78
C ALA A 809 -41.30 17.59 -29.52
N ASN A 810 -42.45 18.20 -29.74
CA ASN A 810 -43.38 18.58 -28.64
C ASN A 810 -43.90 17.37 -27.90
N ASP A 811 -44.31 16.35 -28.64
CA ASP A 811 -44.77 15.10 -28.02
C ASP A 811 -43.65 14.48 -27.16
N ILE A 812 -42.46 14.40 -27.73
CA ILE A 812 -41.30 13.80 -27.04
C ILE A 812 -40.98 14.62 -25.76
N ARG A 813 -41.01 15.93 -25.90
CA ARG A 813 -40.80 16.85 -24.78
C ARG A 813 -41.86 16.66 -23.70
N THR A 814 -43.09 16.44 -24.13
CA THR A 814 -44.18 16.18 -23.18
C THR A 814 -43.99 14.90 -22.43
N SER A 815 -43.67 13.83 -23.15
CA SER A 815 -43.46 12.59 -22.46
C SER A 815 -42.29 12.67 -21.48
N PHE A 816 -41.24 13.42 -21.85
CA PHE A 816 -40.06 13.61 -20.96
C PHE A 816 -40.51 14.18 -19.65
N TYR A 817 -41.23 15.31 -19.70
CA TYR A 817 -41.75 15.99 -18.44
C TYR A 817 -42.82 15.20 -17.70
N GLN A 818 -43.68 14.54 -18.45
CA GLN A 818 -44.74 13.70 -17.89
C GLN A 818 -44.26 12.44 -17.17
N TYR A 819 -43.24 11.75 -17.67
CA TYR A 819 -42.84 10.45 -17.10
C TYR A 819 -41.48 10.35 -16.43
N LEU A 820 -40.53 11.17 -16.85
CA LEU A 820 -39.10 10.91 -16.50
C LEU A 820 -38.59 11.76 -15.37
N ILE A 821 -39.47 12.57 -14.77
CA ILE A 821 -39.07 13.50 -13.72
C ILE A 821 -39.93 13.29 -12.49
N LYS A 822 -39.31 12.99 -11.37
CA LYS A 822 -40.02 12.84 -10.11
C LYS A 822 -39.25 13.50 -8.97
N ASP A 823 -39.97 14.29 -8.16
CA ASP A 823 -39.39 15.04 -7.01
C ASP A 823 -38.25 15.92 -7.50
N GLY A 824 -38.43 16.43 -8.70
CA GLY A 824 -37.46 17.35 -9.32
C GLY A 824 -36.21 16.70 -9.93
N VAL A 825 -36.10 15.38 -9.86
CA VAL A 825 -34.95 14.64 -10.32
C VAL A 825 -35.32 13.88 -11.57
N ILE A 826 -34.53 14.10 -12.63
CA ILE A 826 -34.69 13.32 -13.88
C ILE A 826 -34.12 11.96 -13.64
N ALA A 827 -34.93 10.94 -13.88
CA ALA A 827 -34.48 9.58 -13.73
C ALA A 827 -33.54 9.20 -14.91
N GLY A 828 -32.55 8.38 -14.64
CA GLY A 828 -31.74 7.80 -15.70
C GLY A 828 -32.55 6.99 -16.65
N PHE A 829 -33.41 6.15 -16.09
CA PHE A 829 -34.25 5.34 -16.95
C PHE A 829 -35.66 5.17 -16.34
N LEU A 830 -36.61 4.91 -17.25
CA LEU A 830 -37.93 4.39 -16.90
C LEU A 830 -38.08 3.03 -17.47
N TYR A 831 -38.55 2.10 -16.63
CA TYR A 831 -38.96 0.78 -17.10
C TYR A 831 -40.48 0.79 -17.16
N ARG A 832 -41.04 0.60 -18.34
CA ARG A 832 -42.49 0.68 -18.50
C ARG A 832 -43.07 -0.52 -19.22
N GLU A 833 -43.72 -1.40 -18.49
CA GLU A 833 -44.55 -2.44 -19.17
C GLU A 833 -45.86 -1.89 -19.67
N SER A 834 -46.48 -1.03 -18.88
CA SER A 834 -47.72 -0.38 -19.26
C SER A 834 -47.89 0.80 -18.34
N GLU A 835 -48.94 1.60 -18.58
CA GLU A 835 -49.26 2.70 -17.66
C GLU A 835 -49.44 2.25 -16.19
N GLU A 836 -49.88 1.02 -16.01
CA GLU A 836 -50.10 0.41 -14.67
C GLU A 836 -48.81 -0.06 -13.99
N HIS A 837 -47.81 -0.43 -14.79
CA HIS A 837 -46.56 -1.04 -14.27
C HIS A 837 -45.35 -0.26 -14.80
N LYS A 839 -41.54 1.70 -13.44
CA LYS A 839 -40.59 1.97 -12.37
C LYS A 839 -39.33 2.70 -12.88
N TYR A 840 -38.81 3.52 -12.00
CA TYR A 840 -37.55 4.17 -12.30
C TYR A 840 -36.35 3.31 -11.99
N LEU A 842 -31.98 4.30 -11.70
CA LEU A 842 -31.03 5.41 -11.60
C LEU A 842 -31.77 6.69 -11.19
N HIS A 843 -32.58 6.50 -10.15
CA HIS A 843 -33.39 7.59 -9.56
C HIS A 843 -33.45 7.26 -8.06
N PRO A 844 -33.49 8.27 -7.18
CA PRO A 844 -33.58 7.98 -5.71
C PRO A 844 -34.75 7.05 -5.27
N ASP A 845 -35.84 7.02 -6.03
CA ASP A 845 -36.99 6.10 -5.78
C ASP A 845 -36.62 4.66 -5.92
N ASP A 846 -35.57 4.32 -6.66
CA ASP A 846 -35.10 2.91 -6.75
C ASP A 846 -34.26 2.52 -5.52
N THR A 847 -34.97 2.45 -4.40
CA THR A 847 -34.36 2.28 -3.11
C THR A 847 -33.67 0.93 -2.96
N GLU A 848 -34.09 -0.07 -3.72
CA GLU A 848 -33.41 -1.36 -3.73
C GLU A 848 -32.00 -1.32 -4.38
N SER A 849 -31.78 -0.38 -5.31
CA SER A 849 -30.51 -0.25 -6.02
C SER A 849 -29.55 0.59 -5.20
N SER A 850 -28.25 0.36 -5.43
CA SER A 850 -27.18 1.24 -4.92
C SER A 850 -26.95 2.47 -5.81
N ILE A 851 -27.62 2.51 -6.97
CA ILE A 851 -27.45 3.64 -7.94
C ILE A 851 -28.64 4.53 -8.05
N HIS A 852 -28.46 5.80 -7.76
CA HIS A 852 -29.58 6.75 -7.74
C HIS A 852 -29.56 7.98 -8.66
N TYR A 853 -28.46 8.24 -9.33
CA TYR A 853 -28.35 9.40 -10.22
C TYR A 853 -27.51 9.12 -11.43
N ARG A 854 -27.92 9.64 -12.58
CA ARG A 854 -27.20 9.46 -13.82
C ARG A 854 -26.86 10.85 -14.32
N LEU A 855 -25.60 11.02 -14.74
CA LEU A 855 -25.15 12.30 -15.32
C LEU A 855 -25.79 12.72 -16.62
N LEU A 856 -25.80 11.79 -17.56
CA LEU A 856 -26.10 12.12 -18.95
C LEU A 856 -27.39 12.97 -19.18
N PRO A 857 -28.52 12.56 -18.59
CA PRO A 857 -29.77 13.32 -18.82
C PRO A 857 -29.72 14.72 -18.25
N LEU A 858 -28.98 14.86 -17.17
CA LEU A 858 -28.84 16.14 -16.55
C LEU A 858 -28.09 17.14 -17.45
N THR A 859 -27.04 16.70 -18.16
CA THR A 859 -26.29 17.60 -19.05
C THR A 859 -27.02 17.79 -20.39
N ARG A 860 -27.55 16.72 -20.97
CA ARG A 860 -28.19 16.81 -22.25
C ARG A 860 -29.41 17.69 -22.21
N SER A 861 -30.19 17.59 -21.13
CA SER A 861 -31.38 18.44 -21.01
C SER A 861 -31.02 19.91 -20.92
N ILE A 862 -29.87 20.25 -20.34
CA ILE A 862 -29.38 21.64 -20.30
C ILE A 862 -28.84 22.10 -21.67
N ILE A 863 -27.99 21.26 -22.27
CA ILE A 863 -27.42 21.60 -23.55
C ILE A 863 -28.54 21.85 -24.57
N ALA A 864 -29.58 21.08 -24.55
CA ALA A 864 -30.65 21.23 -25.50
C ALA A 864 -31.60 22.41 -25.13
N GLN A 865 -31.40 23.05 -23.97
CA GLN A 865 -32.36 24.05 -23.43
C GLN A 865 -33.75 23.42 -23.28
N LEU A 866 -33.78 22.13 -22.96
CA LEU A 866 -35.01 21.37 -22.75
C LEU A 866 -35.43 21.51 -21.29
N ALA A 867 -34.46 21.48 -20.39
CA ALA A 867 -34.75 21.67 -18.97
C ALA A 867 -35.06 23.13 -18.71
N ASP A 868 -36.20 23.39 -18.04
CA ASP A 868 -36.55 24.78 -17.67
C ASP A 868 -35.53 25.26 -16.63
N PHE A 869 -35.42 26.57 -16.49
CA PHE A 869 -34.42 27.17 -15.62
C PHE A 869 -34.33 26.50 -14.23
N LYS A 870 -35.48 26.25 -13.61
CA LYS A 870 -35.56 25.72 -12.22
C LYS A 870 -35.06 24.30 -12.20
N LEU A 871 -35.49 23.49 -13.15
CA LEU A 871 -34.97 22.13 -13.28
C LEU A 871 -33.44 22.06 -13.55
N ALA A 872 -32.97 22.92 -14.45
CA ALA A 872 -31.56 22.99 -14.82
C ALA A 872 -30.72 23.32 -13.58
N THR A 873 -31.22 24.25 -12.77
CA THR A 873 -30.59 24.60 -11.54
C THR A 873 -30.49 23.40 -10.62
N ARG A 874 -31.55 22.61 -10.55
CA ARG A 874 -31.55 21.41 -9.76
C ARG A 874 -30.54 20.37 -10.31
N ASN A 875 -30.54 20.18 -11.61
CA ASN A 875 -29.54 19.28 -12.28
C ASN A 875 -28.11 19.59 -11.78
N LEU A 876 -27.75 20.86 -11.75
CA LEU A 876 -26.46 21.27 -11.22
C LEU A 876 -26.21 20.97 -9.76
N GLU A 877 -27.21 21.16 -8.91
CA GLU A 877 -27.09 20.77 -7.51
C GLU A 877 -26.88 19.29 -7.36
N ILE A 878 -27.59 18.51 -8.15
CA ILE A 878 -27.45 17.05 -8.11
C ILE A 878 -26.01 16.65 -8.52
N ILE A 879 -25.54 17.22 -9.60
CA ILE A 879 -24.17 16.96 -10.04
C ILE A 879 -23.17 17.28 -8.91
N ASP A 880 -23.29 18.45 -8.31
CA ASP A 880 -22.36 18.88 -7.25
C ASP A 880 -22.40 17.94 -6.05
N GLU A 881 -23.58 17.54 -5.62
CA GLU A 881 -23.71 16.69 -4.45
C GLU A 881 -23.33 15.24 -4.64
N HIS A 882 -23.64 14.67 -5.78
CA HIS A 882 -23.53 13.24 -5.98
C HIS A 882 -22.54 12.77 -7.05
N LEU A 883 -22.15 13.64 -7.98
CA LEU A 883 -21.37 13.20 -9.17
C LEU A 883 -20.01 13.85 -9.29
N ALA A 884 -19.86 15.06 -8.80
CA ALA A 884 -18.62 15.83 -8.94
C ALA A 884 -17.49 15.26 -8.09
N CYS A 885 -16.33 15.02 -8.75
CA CYS A 885 -15.10 14.56 -8.09
C CYS A 885 -13.93 15.47 -8.48
N PRO A 886 -12.82 15.40 -7.74
CA PRO A 886 -11.64 16.21 -8.10
C PRO A 886 -11.09 15.89 -9.50
N ASP A 887 -11.34 14.69 -10.02
CA ASP A 887 -10.87 14.34 -11.37
C ASP A 887 -11.95 14.50 -12.43
N GLY A 888 -13.07 15.14 -12.06
CA GLY A 888 -14.17 15.40 -13.03
C GLY A 888 -15.51 14.90 -12.52
N VAL A 889 -16.52 15.08 -13.35
CA VAL A 889 -17.87 14.61 -12.99
C VAL A 889 -18.05 13.19 -13.44
N ARG A 890 -18.69 12.40 -12.58
CA ARG A 890 -18.93 10.96 -12.89
C ARG A 890 -20.31 10.67 -13.49
N LEU A 891 -20.34 9.53 -14.11
CA LEU A 891 -21.46 9.13 -14.96
C LEU A 891 -22.68 8.69 -14.13
N ASP A 893 -23.73 7.81 -9.65
CA ASP A 893 -23.29 8.04 -8.26
C ASP A 893 -22.82 6.79 -7.51
N HIS A 894 -22.74 5.66 -8.20
CA HIS A 894 -22.26 4.40 -7.67
C HIS A 894 -22.00 3.45 -8.86
N PRO A 895 -21.06 2.49 -8.72
CA PRO A 895 -20.77 1.65 -9.85
C PRO A 895 -21.94 0.74 -10.24
N ALA A 896 -21.90 0.23 -11.45
CA ALA A 896 -22.85 -0.78 -11.87
C ALA A 896 -22.63 -2.05 -11.09
N SER A 897 -23.57 -2.97 -11.18
CA SER A 897 -23.46 -4.25 -10.41
C SER A 897 -22.29 -5.04 -10.90
N TYR A 898 -21.63 -5.72 -9.96
CA TYR A 898 -20.70 -6.76 -10.33
C TYR A 898 -20.86 -7.91 -9.32
N SER A 899 -21.14 -9.11 -9.84
CA SER A 899 -21.28 -10.26 -8.95
C SER A 899 -20.69 -11.50 -9.60
N GLY A 900 -19.45 -11.40 -10.01
CA GLY A 900 -18.72 -12.51 -10.62
C GLY A 900 -18.81 -12.58 -12.09
N GLY A 901 -19.45 -11.62 -12.71
CA GLY A 901 -19.33 -11.47 -14.13
C GLY A 901 -20.59 -11.64 -14.94
N ILE A 902 -21.66 -12.15 -14.31
CA ILE A 902 -22.93 -12.36 -15.03
C ILE A 902 -23.78 -11.10 -15.03
N SER A 903 -24.41 -10.79 -16.18
CA SER A 903 -25.24 -9.60 -16.34
C SER A 903 -26.73 -9.83 -15.97
N LYS A 904 -27.31 -8.90 -15.22
CA LYS A 904 -28.77 -8.85 -14.96
C LYS A 904 -29.52 -7.73 -15.71
N ILE A 905 -29.01 -6.50 -15.73
CA ILE A 905 -29.67 -5.38 -16.43
C ILE A 905 -28.86 -4.83 -17.61
N PHE A 906 -27.58 -4.53 -17.34
CA PHE A 906 -26.62 -4.02 -18.34
C PHE A 906 -25.57 -5.05 -18.70
N LEU A 907 -25.15 -5.08 -19.98
CA LEU A 907 -24.16 -6.10 -20.41
C LEU A 907 -22.74 -5.81 -19.94
N ARG A 908 -21.98 -5.04 -20.71
CA ARG A 908 -20.53 -4.90 -20.39
C ARG A 908 -20.25 -4.19 -19.07
N ALA A 909 -21.13 -3.30 -18.64
CA ALA A 909 -20.96 -2.67 -17.35
C ALA A 909 -20.94 -3.63 -16.20
N GLU A 910 -21.62 -4.77 -16.35
CA GLU A 910 -21.67 -5.78 -15.29
C GLU A 910 -20.69 -6.92 -15.50
N GLN A 911 -20.07 -6.93 -16.66
CA GLN A 911 -19.10 -7.97 -17.03
C GLN A 911 -17.65 -7.57 -16.80
N ALA A 912 -17.33 -6.28 -16.91
CA ALA A 912 -15.96 -5.84 -16.79
C ALA A 912 -15.42 -6.12 -15.40
N ALA A 913 -14.33 -6.87 -15.34
CA ALA A 913 -13.59 -7.10 -14.07
C ALA A 913 -12.66 -5.97 -13.72
N ASN A 914 -12.25 -5.24 -14.76
CA ASN A 914 -11.32 -4.08 -14.60
C ASN A 914 -12.06 -2.78 -14.34
N VAL A 915 -11.57 -1.98 -13.44
CA VAL A 915 -12.10 -0.66 -13.24
C VAL A 915 -11.39 0.23 -14.24
N GLY A 916 -12.04 0.48 -15.36
CA GLY A 916 -11.41 1.33 -16.41
C GLY A 916 -12.48 1.70 -17.42
N ARG A 917 -12.06 2.45 -18.45
CA ARG A 917 -12.96 2.81 -19.55
C ARG A 917 -14.23 3.41 -18.94
N GLU A 918 -15.40 3.09 -19.48
CA GLU A 918 -16.66 3.71 -18.99
C GLU A 918 -16.99 3.28 -17.54
N ILE A 919 -16.49 2.10 -17.16
CA ILE A 919 -16.72 1.49 -15.86
C ILE A 919 -16.08 2.35 -14.78
N SER A 920 -15.04 3.09 -15.17
CA SER A 920 -14.39 4.06 -14.30
C SER A 920 -15.39 5.15 -13.78
N LEU A 921 -16.47 5.32 -14.56
CA LEU A 921 -17.50 6.36 -14.35
C LEU A 921 -16.99 7.78 -14.62
N GLN A 922 -15.69 7.98 -14.96
CA GLN A 922 -15.30 9.33 -15.46
C GLN A 922 -14.76 9.13 -16.86
N TYR A 923 -15.69 9.10 -17.81
CA TYR A 923 -15.35 8.93 -19.18
C TYR A 923 -15.31 10.36 -19.75
N VAL A 924 -14.13 10.78 -20.14
CA VAL A 924 -13.84 12.19 -20.32
C VAL A 924 -14.76 12.86 -21.33
N HIS A 925 -15.14 12.16 -22.37
CA HIS A 925 -16.12 12.68 -23.29
C HIS A 925 -17.39 13.22 -22.58
N ALA A 926 -17.95 12.48 -21.61
CA ALA A 926 -19.12 12.93 -20.89
C ALA A 926 -18.85 14.15 -20.00
N HIS A 927 -17.69 14.21 -19.37
CA HIS A 927 -17.24 15.43 -18.65
C HIS A 927 -17.17 16.65 -19.62
N ILE A 928 -16.74 16.46 -20.85
CA ILE A 928 -16.72 17.55 -21.84
C ILE A 928 -18.17 18.08 -22.12
N ARG A 929 -19.14 17.17 -22.23
CA ARG A 929 -20.52 17.59 -22.36
C ARG A 929 -21.02 18.34 -21.09
N TYR A 930 -20.49 18.01 -19.93
CA TYR A 930 -20.79 18.77 -18.72
C TYR A 930 -20.33 20.20 -18.92
N ILE A 931 -19.14 20.37 -19.48
CA ILE A 931 -18.58 21.71 -19.75
C ILE A 931 -19.52 22.46 -20.75
N GLU A 932 -20.00 21.77 -21.79
CA GLU A 932 -20.91 22.39 -22.74
C GLU A 932 -22.20 22.88 -22.02
N ALA A 933 -22.71 22.10 -21.08
CA ALA A 933 -23.88 22.48 -20.28
C ALA A 933 -23.59 23.71 -19.40
N LEU A 934 -22.45 23.73 -18.73
CA LEU A 934 -22.04 24.87 -17.89
C LEU A 934 -21.93 26.14 -18.75
N ALA A 935 -21.42 25.99 -19.97
CA ALA A 935 -21.27 27.11 -20.84
C ALA A 935 -22.64 27.60 -21.26
N THR A 936 -23.55 26.66 -21.57
CA THR A 936 -24.94 27.04 -21.90
C THR A 936 -25.57 27.91 -20.78
N GLY A 938 -23.89 29.72 -18.67
CA GLY A 938 -22.97 30.84 -18.43
C GLY A 938 -22.17 30.72 -17.18
N LEU A 939 -21.93 29.52 -16.70
CA LEU A 939 -21.24 29.38 -15.45
C LEU A 939 -19.70 29.28 -15.60
N SER A 940 -19.05 30.42 -15.68
CA SER A 940 -17.66 30.47 -16.19
C SER A 940 -16.67 29.85 -15.22
N LYS A 941 -16.86 30.07 -13.94
CA LYS A 941 -15.89 29.58 -12.96
C LYS A 941 -15.90 28.03 -12.95
N LYS A 942 -17.08 27.46 -12.87
CA LYS A 942 -17.19 26.02 -12.99
C LYS A 942 -16.66 25.48 -14.32
N ALA A 943 -17.02 26.16 -15.40
CA ALA A 943 -16.71 25.64 -16.74
C ALA A 943 -15.20 25.59 -16.95
N TRP A 944 -14.51 26.69 -16.58
CA TRP A 944 -13.04 26.76 -16.71
C TRP A 944 -12.31 25.78 -15.75
N ASP A 945 -12.84 25.62 -14.56
CA ASP A 945 -12.29 24.64 -13.61
C ASP A 945 -12.44 23.22 -14.16
N ALA A 946 -13.59 22.94 -14.77
CA ALA A 946 -13.83 21.64 -15.43
C ALA A 946 -12.94 21.37 -16.62
N LEU A 947 -12.65 22.42 -17.40
CA LEU A 947 -11.75 22.30 -18.51
C LEU A 947 -10.36 21.94 -18.07
N ARG A 949 -9.54 20.41 -15.12
CA ARG A 949 -9.50 19.10 -14.46
C ARG A 949 -9.21 17.91 -15.43
N ILE A 950 -9.45 18.08 -16.72
CA ILE A 950 -9.17 17.02 -17.71
C ILE A 950 -8.07 17.39 -18.70
N ASN A 951 -7.35 18.47 -18.41
CA ASN A 951 -6.25 18.92 -19.27
C ASN A 951 -5.00 18.25 -18.77
N PRO A 952 -4.35 17.44 -19.65
CA PRO A 952 -3.24 16.61 -19.27
C PRO A 952 -1.98 17.41 -18.91
N ILE A 953 -1.90 18.66 -19.30
CA ILE A 953 -0.65 19.41 -19.01
C ILE A 953 -0.65 19.80 -17.54
N LEU A 954 0.40 19.41 -16.82
CA LEU A 954 0.54 19.71 -15.37
C LEU A 954 -0.72 19.30 -14.54
N LEU A 955 -1.34 18.21 -14.98
CA LEU A 955 -2.53 17.67 -14.35
C LEU A 955 -2.33 17.36 -12.87
N THR A 956 -1.22 16.77 -12.53
CA THR A 956 -0.98 16.37 -11.14
C THR A 956 -0.91 17.56 -10.21
N ASP A 957 -0.54 18.73 -10.72
CA ASP A 957 -0.61 19.94 -9.91
C ASP A 957 -2.01 20.47 -9.75
N TYR A 958 -2.89 20.26 -10.71
CA TYR A 958 -4.24 20.73 -10.63
C TYR A 958 -5.14 19.78 -9.78
N VAL A 959 -4.98 18.49 -9.99
CA VAL A 959 -5.79 17.45 -9.36
C VAL A 959 -4.82 16.60 -8.54
N PRO A 960 -4.74 16.83 -7.25
CA PRO A 960 -3.63 16.31 -6.44
C PRO A 960 -3.64 14.81 -6.33
N ASN A 961 -4.81 14.18 -6.48
CA ASN A 961 -4.83 12.69 -6.41
C ASN A 961 -4.68 12.04 -7.83
N ALA A 962 -4.44 12.85 -8.86
CA ALA A 962 -4.24 12.26 -10.21
C ALA A 962 -2.80 11.79 -10.40
N LEU A 963 -2.62 10.61 -10.98
CA LEU A 963 -1.30 10.13 -11.26
C LEU A 963 -0.89 10.68 -12.66
N THR A 964 0.39 10.95 -12.81
CA THR A 964 0.85 11.57 -14.05
C THR A 964 0.71 10.60 -15.25
N ARG A 965 0.61 11.17 -16.43
CA ARG A 965 0.38 10.46 -17.68
C ARG A 965 0.92 11.32 -18.82
N GLN A 966 0.97 10.75 -19.99
CA GLN A 966 1.49 11.46 -21.15
C GLN A 966 0.75 12.81 -21.30
N SER A 967 1.50 13.91 -21.34
CA SER A 967 0.90 15.23 -21.23
C SER A 967 0.46 15.85 -22.55
N ASN A 968 0.78 15.21 -23.70
CA ASN A 968 0.47 15.81 -24.98
C ASN A 968 -0.52 14.99 -25.81
N VAL A 969 -1.35 14.21 -25.13
CA VAL A 969 -2.28 13.36 -25.81
C VAL A 969 -3.53 13.29 -24.95
N TYR A 970 -4.67 13.14 -25.59
CA TYR A 970 -5.94 13.01 -24.90
C TYR A 970 -6.01 11.67 -24.10
N PHE A 971 -6.53 11.75 -22.90
CA PHE A 971 -6.86 10.53 -22.14
C PHE A 971 -8.38 10.38 -22.04
N SER A 972 -8.85 9.16 -22.28
CA SER A 972 -10.26 8.88 -22.43
C SER A 972 -11.07 8.68 -21.17
N SER A 973 -10.42 8.34 -20.06
CA SER A 973 -11.08 8.04 -18.82
C SER A 973 -10.13 8.27 -17.67
N SER A 974 -10.70 8.46 -16.49
CA SER A 974 -9.96 8.59 -15.23
C SER A 974 -10.54 7.56 -14.24
N GLU A 975 -9.72 6.63 -13.76
CA GLU A 975 -10.19 5.50 -12.94
C GLU A 975 -9.43 5.41 -11.65
N GLY A 976 -10.19 5.24 -10.55
CA GLY A 976 -9.56 5.03 -9.25
C GLY A 976 -8.70 3.78 -9.29
N CYS A 977 -7.60 3.81 -8.51
CA CYS A 977 -6.64 2.70 -8.49
C CYS A 977 -7.22 1.57 -7.58
N PHE A 978 -8.31 0.96 -8.05
CA PHE A 978 -8.97 -0.14 -7.35
C PHE A 978 -8.57 -1.43 -8.08
N ASP A 979 -8.16 -2.44 -7.34
CA ASP A 979 -7.73 -3.71 -7.95
C ASP A 979 -8.88 -4.53 -8.53
N ASP A 980 -10.09 -4.32 -8.05
CA ASP A 980 -11.25 -5.14 -8.52
C ASP A 980 -12.53 -4.37 -8.26
N ARG A 981 -13.61 -4.91 -8.80
CA ARG A 981 -14.94 -4.29 -8.71
C ARG A 981 -15.56 -4.23 -7.30
N TYR A 982 -15.22 -5.17 -6.45
CA TYR A 982 -15.75 -5.21 -5.10
C TYR A 982 -15.15 -4.11 -4.27
N GLU A 983 -13.84 -3.98 -4.31
CA GLU A 983 -13.19 -2.89 -3.56
C GLU A 983 -13.67 -1.54 -4.12
N TYR A 984 -13.93 -1.51 -5.44
CA TYR A 984 -14.44 -0.25 -6.10
C TYR A 984 -15.80 0.17 -5.53
N ALA A 985 -16.73 -0.78 -5.46
CA ALA A 985 -18.06 -0.53 -4.93
C ALA A 985 -17.99 -0.14 -3.41
N LYS A 986 -17.19 -0.87 -2.66
CA LYS A 986 -17.04 -0.67 -1.21
C LYS A 986 -16.48 0.68 -0.87
N ASN A 987 -15.47 1.13 -1.61
CA ASN A 987 -14.81 2.42 -1.27
C ASN A 987 -14.91 3.53 -2.30
N PHE A 988 -16.00 3.47 -3.05
CA PHE A 988 -16.30 4.41 -4.13
C PHE A 988 -16.21 5.86 -3.67
N ASP A 989 -16.66 6.11 -2.44
CA ASP A 989 -16.72 7.46 -1.91
C ASP A 989 -15.34 8.12 -1.83
N LYS A 990 -14.26 7.33 -1.79
CA LYS A 990 -12.92 7.89 -1.92
C LYS A 990 -12.72 8.76 -3.17
N LEU A 991 -13.43 8.41 -4.25
CA LEU A 991 -13.34 9.20 -5.48
C LEU A 991 -13.87 10.61 -5.29
N ARG A 992 -14.95 10.74 -4.53
CA ARG A 992 -15.53 12.07 -4.26
C ARG A 992 -14.57 12.92 -3.52
N THR A 993 -13.88 12.38 -2.54
CA THR A 993 -13.05 13.18 -1.62
C THR A 993 -11.59 13.28 -2.05
N GLY A 994 -11.21 12.52 -3.08
CA GLY A 994 -9.81 12.42 -3.55
C GLY A 994 -8.91 11.61 -2.65
N ASP A 995 -9.48 10.66 -1.91
CA ASP A 995 -8.66 9.83 -0.99
C ASP A 995 -8.22 8.50 -1.63
N ILE A 996 -8.42 8.38 -2.93
CA ILE A 996 -7.74 7.33 -3.70
C ILE A 996 -7.10 7.98 -4.92
N ASN A 997 -5.99 7.44 -5.40
CA ASN A 997 -5.37 7.97 -6.62
C ASN A 997 -6.18 7.56 -7.82
N VAL A 998 -6.14 8.40 -8.86
CA VAL A 998 -6.74 8.05 -10.12
C VAL A 998 -5.73 8.10 -11.24
N LYS A 999 -5.96 7.27 -12.26
CA LYS A 999 -5.01 7.15 -13.34
C LYS A 999 -5.76 7.19 -14.67
N GLY A 1000 -5.02 7.48 -15.74
CA GLY A 1000 -5.54 7.75 -17.00
C GLY A 1000 -5.83 6.46 -17.81
N GLY A 1001 -6.86 6.54 -18.65
CA GLY A 1001 -7.24 5.45 -19.56
C GLY A 1001 -6.61 5.55 -20.93
N TRP A 1002 -7.30 4.95 -21.90
CA TRP A 1002 -6.78 4.78 -23.20
C TRP A 1002 -6.61 6.15 -23.86
N ARG A 1003 -5.62 6.22 -24.72
CA ARG A 1003 -5.15 7.45 -25.36
C ARG A 1003 -5.59 7.68 -26.77
N LEU A 1004 -5.81 8.99 -27.03
CA LEU A 1004 -5.76 9.58 -28.36
C LEU A 1004 -7.02 9.40 -29.14
N TYR A 1005 -7.42 8.16 -29.32
CA TYR A 1005 -8.55 7.88 -30.29
C TYR A 1005 -9.90 8.02 -29.55
N SER A 1006 -10.59 9.11 -29.84
CA SER A 1006 -11.83 9.48 -29.17
C SER A 1006 -12.43 10.67 -29.93
N SER A 1007 -13.73 10.85 -29.79
CA SER A 1007 -14.40 12.15 -30.07
C SER A 1007 -13.98 13.27 -29.10
N GLY A 1008 -13.40 12.91 -28.00
CA GLY A 1008 -13.03 13.88 -26.96
C GLY A 1008 -12.25 15.08 -27.45
N PRO A 1009 -11.15 14.87 -28.18
CA PRO A 1009 -10.30 15.99 -28.58
C PRO A 1009 -11.01 17.02 -29.42
N GLY A 1010 -11.74 16.59 -30.44
CA GLY A 1010 -12.50 17.48 -31.29
C GLY A 1010 -13.59 18.24 -30.51
N ILE A 1011 -14.29 17.57 -29.61
CA ILE A 1011 -15.31 18.25 -28.83
C ILE A 1011 -14.75 19.16 -27.75
N TYR A 1012 -13.60 18.82 -27.22
CA TYR A 1012 -12.89 19.71 -26.25
C TYR A 1012 -12.50 21.05 -26.98
N ILE A 1013 -11.99 20.88 -28.19
CA ILE A 1013 -11.60 22.00 -29.01
C ILE A 1013 -12.82 22.93 -29.22
N ARG A 1014 -13.95 22.35 -29.58
CA ARG A 1014 -15.17 23.11 -29.69
C ARG A 1014 -15.61 23.83 -28.37
N ARG A 1015 -15.50 23.16 -27.24
CA ARG A 1015 -15.76 23.81 -25.95
C ARG A 1015 -14.88 25.05 -25.77
N ILE A 1016 -13.62 24.92 -26.03
CA ILE A 1016 -12.66 26.02 -25.87
C ILE A 1016 -13.04 27.21 -26.71
N ILE A 1017 -13.16 26.98 -27.99
CA ILE A 1017 -13.34 28.06 -28.94
C ILE A 1017 -14.77 28.57 -29.02
N ALA A 1018 -15.69 27.66 -29.31
CA ALA A 1018 -17.09 28.00 -29.48
C ALA A 1018 -17.85 28.37 -28.21
N ASP A 1019 -17.66 27.61 -27.12
CA ASP A 1019 -18.53 27.75 -25.97
C ASP A 1019 -17.95 28.62 -24.89
N LEU A 1020 -16.62 28.61 -24.70
CA LEU A 1020 -16.00 29.40 -23.63
C LEU A 1020 -15.46 30.74 -24.11
N LEU A 1021 -14.54 30.70 -25.06
CA LEU A 1021 -14.04 31.96 -25.70
C LEU A 1021 -15.15 32.60 -26.56
N GLY A 1022 -16.10 31.78 -26.96
CA GLY A 1022 -17.37 32.26 -27.47
C GLY A 1022 -17.44 32.67 -28.91
N ILE A 1023 -16.54 32.18 -29.75
CA ILE A 1023 -16.53 32.50 -31.14
C ILE A 1023 -17.17 31.38 -31.97
N ARG A 1024 -18.34 31.67 -32.53
CA ARG A 1024 -19.10 30.73 -33.34
C ARG A 1024 -19.56 31.31 -34.66
N PHE A 1025 -19.63 30.45 -35.67
CA PHE A 1025 -19.96 30.80 -37.01
C PHE A 1025 -21.32 30.32 -37.39
N GLY A 1026 -22.05 31.22 -38.03
CA GLY A 1026 -23.41 30.97 -38.49
C GLY A 1026 -23.52 31.41 -39.93
N HIS A 1027 -24.73 31.28 -40.48
CA HIS A 1027 -24.98 31.64 -41.86
C HIS A 1027 -24.82 33.16 -42.09
N ASN A 1028 -23.71 33.54 -42.70
CA ASN A 1028 -23.36 34.95 -42.89
C ASN A 1028 -23.38 35.80 -41.63
N VAL A 1029 -23.14 35.15 -40.49
CA VAL A 1029 -23.05 35.84 -39.22
C VAL A 1029 -21.90 35.25 -38.40
N ILE A 1030 -21.48 36.01 -37.39
CA ILE A 1030 -20.57 35.54 -36.35
C ILE A 1030 -21.32 35.77 -35.04
N HIS A 1031 -21.25 34.78 -34.14
CA HIS A 1031 -21.82 34.86 -32.79
C HIS A 1031 -20.71 34.99 -31.82
N ILE A 1032 -20.83 35.93 -30.92
CA ILE A 1032 -19.82 36.23 -29.96
C ILE A 1032 -20.51 36.10 -28.65
N ASP A 1033 -20.14 35.06 -27.90
CA ASP A 1033 -20.86 34.66 -26.70
C ASP A 1033 -19.97 34.07 -25.63
N PRO A 1034 -19.04 34.85 -25.10
CA PRO A 1034 -18.06 34.29 -24.24
C PRO A 1034 -18.59 33.92 -22.88
N VAL A 1035 -18.02 32.86 -22.32
CA VAL A 1035 -18.28 32.46 -20.95
C VAL A 1035 -16.91 32.33 -20.36
N VAL A 1036 -16.46 33.43 -19.75
CA VAL A 1036 -15.10 33.54 -19.33
C VAL A 1036 -15.02 34.05 -17.92
N THR A 1037 -13.92 33.77 -17.25
CA THR A 1037 -13.73 34.24 -15.88
C THR A 1037 -12.92 35.55 -15.92
N LYS A 1038 -12.81 36.17 -14.75
CA LYS A 1038 -12.06 37.38 -14.61
C LYS A 1038 -10.61 37.20 -15.00
N GLU A 1039 -10.09 36.01 -14.86
CA GLU A 1039 -8.74 35.67 -15.29
C GLU A 1039 -8.43 35.97 -16.77
N LEU A 1040 -9.44 35.92 -17.61
CA LEU A 1040 -9.32 36.25 -19.03
C LEU A 1040 -9.37 37.73 -19.33
N ASP A 1041 -9.61 38.56 -18.30
CA ASP A 1041 -9.61 39.97 -18.50
C ASP A 1041 -8.25 40.41 -18.95
N GLY A 1042 -8.23 41.10 -20.09
CA GLY A 1042 -6.95 41.61 -20.66
C GLY A 1042 -6.21 40.61 -21.55
N VAL A 1043 -6.77 39.40 -21.74
CA VAL A 1043 -6.13 38.37 -22.55
C VAL A 1043 -6.71 38.54 -23.90
N THR A 1044 -5.92 38.23 -24.94
CA THR A 1044 -6.39 38.33 -26.31
C THR A 1044 -6.32 37.00 -27.02
N LEU A 1045 -7.32 36.76 -27.84
CA LEU A 1045 -7.29 35.62 -28.74
C LEU A 1045 -7.08 36.04 -30.17
N GLN A 1046 -6.04 35.47 -30.79
CA GLN A 1046 -5.88 35.53 -32.23
C GLN A 1046 -6.67 34.43 -32.84
N PHE A 1047 -7.49 34.76 -33.82
CA PHE A 1047 -8.33 33.75 -34.47
C PHE A 1047 -8.76 34.20 -35.86
N THR A 1048 -8.72 33.29 -36.81
CA THR A 1048 -9.03 33.57 -38.20
C THR A 1048 -10.45 33.26 -38.43
N CYS A 1049 -11.21 34.31 -38.80
CA CYS A 1049 -12.62 34.29 -39.03
C CYS A 1049 -12.99 34.69 -40.48
N PHE A 1050 -13.74 33.82 -41.16
CA PHE A 1050 -14.06 33.99 -42.58
C PHE A 1050 -12.81 34.35 -43.38
N GLY A 1051 -11.70 33.71 -43.06
CA GLY A 1051 -10.47 33.91 -43.77
C GLY A 1051 -9.69 35.13 -43.36
N LYS A 1052 -10.18 35.91 -42.39
CA LYS A 1052 -9.46 37.07 -41.91
C LYS A 1052 -9.00 36.90 -40.46
N THR A 1053 -7.72 37.09 -40.22
CA THR A 1053 -7.16 36.97 -38.86
C THR A 1053 -7.51 38.19 -38.08
N VAL A 1054 -8.13 37.97 -36.91
CA VAL A 1054 -8.57 39.06 -36.01
C VAL A 1054 -8.08 38.79 -34.63
N PHE A 1055 -8.13 39.82 -33.78
CA PHE A 1055 -7.65 39.69 -32.42
C PHE A 1055 -8.76 40.10 -31.48
N PHE A 1056 -9.18 39.15 -30.63
CA PHE A 1056 -10.30 39.40 -29.75
C PHE A 1056 -9.75 39.63 -28.35
N THR A 1057 -9.89 40.82 -27.80
CA THR A 1057 -9.40 41.10 -26.46
C THR A 1057 -10.60 41.14 -25.50
N TYR A 1058 -10.49 40.40 -24.37
CA TYR A 1058 -11.57 40.23 -23.41
C TYR A 1058 -11.45 41.25 -22.33
N HIS A 1059 -12.57 41.90 -22.06
CA HIS A 1059 -12.73 42.77 -20.90
C HIS A 1059 -13.93 42.27 -20.12
N VAL A 1060 -13.69 41.89 -18.88
CA VAL A 1060 -14.69 41.23 -18.06
C VAL A 1060 -15.14 42.16 -16.97
N ASP A 1061 -16.34 42.70 -17.11
CA ASP A 1061 -16.78 43.85 -16.33
C ASP A 1061 -18.20 43.56 -15.79
N ASP A 1062 -18.27 43.09 -14.56
CA ASP A 1062 -19.54 42.71 -13.92
C ASP A 1062 -20.47 43.89 -13.60
N THR A 1063 -19.97 45.11 -13.72
CA THR A 1063 -20.74 46.36 -13.46
C THR A 1063 -21.44 46.96 -14.68
N ASP A 1065 -24.02 47.79 -17.89
CA ASP A 1065 -25.47 47.76 -18.11
C ASP A 1065 -25.86 46.58 -18.97
N LYS A 1066 -25.31 46.52 -20.16
CA LYS A 1066 -25.67 45.41 -21.07
C LYS A 1066 -24.77 44.15 -20.81
N HIS A 1067 -25.18 43.01 -21.31
CA HIS A 1067 -24.42 41.79 -21.10
C HIS A 1067 -23.11 41.78 -21.93
N ILE A 1068 -23.15 42.29 -23.17
CA ILE A 1068 -22.00 42.27 -24.05
C ILE A 1068 -21.94 43.53 -24.92
N CYS A 1069 -20.74 43.96 -25.22
CA CYS A 1069 -20.49 45.04 -26.16
C CYS A 1069 -19.23 44.70 -26.94
N VAL A 1070 -19.26 44.79 -28.27
CA VAL A 1070 -18.06 44.55 -29.07
C VAL A 1070 -17.66 45.82 -29.83
N LYS A 1071 -16.42 46.26 -29.67
CA LYS A 1071 -15.91 47.46 -30.34
C LYS A 1071 -14.73 47.15 -31.23
N SER A 1072 -14.61 47.91 -32.32
CA SER A 1072 -13.37 47.96 -33.07
C SER A 1072 -13.07 49.44 -33.37
N ASN A 1073 -11.86 49.87 -33.05
CA ASN A 1073 -11.46 51.31 -33.13
C ASN A 1073 -12.50 52.22 -32.45
N ASN A 1074 -12.95 51.73 -31.31
CA ASN A 1074 -13.97 52.38 -30.49
C ASN A 1074 -15.39 52.42 -31.04
N ASN A 1075 -15.65 51.84 -32.21
CA ASN A 1075 -17.02 51.81 -32.75
C ASN A 1075 -17.73 50.55 -32.31
N ILE A 1076 -18.95 50.68 -31.82
CA ILE A 1076 -19.72 49.55 -31.39
C ILE A 1076 -20.27 48.81 -32.59
N LEU A 1077 -20.03 47.50 -32.63
CA LEU A 1077 -20.59 46.69 -33.66
C LEU A 1077 -22.04 46.43 -33.43
N PRO A 1078 -22.90 46.70 -34.42
CA PRO A 1078 -24.31 46.42 -34.30
C PRO A 1078 -24.56 44.92 -34.45
N GLY A 1079 -25.65 44.45 -33.87
CA GLY A 1079 -26.06 43.09 -34.01
C GLY A 1079 -27.29 42.81 -33.23
N ASP A 1080 -27.66 41.55 -33.15
CA ASP A 1080 -28.86 41.15 -32.44
C ASP A 1080 -28.50 40.23 -31.26
N ASN A 1081 -29.35 40.19 -30.26
CA ASN A 1081 -29.12 39.28 -29.13
C ASN A 1081 -29.43 37.79 -29.38
N LEU A 1082 -28.60 36.90 -28.87
CA LEU A 1082 -28.87 35.47 -28.95
C LEU A 1082 -29.90 34.99 -27.97
N ASN A 1083 -30.59 33.88 -28.28
CA ASN A 1083 -31.61 33.30 -27.40
C ASN A 1083 -31.02 32.31 -26.47
N ASN A 1084 -31.31 32.47 -25.19
CA ASN A 1084 -30.83 31.54 -24.19
C ASN A 1084 -31.81 31.67 -23.04
N ILE A 1085 -32.47 30.57 -22.68
CA ILE A 1085 -33.38 30.59 -21.56
C ILE A 1085 -32.75 30.68 -20.20
N TYR A 1086 -31.44 30.49 -20.07
CA TYR A 1086 -30.81 30.46 -18.74
C TYR A 1086 -30.05 31.75 -18.37
N ARG A 1087 -29.83 32.64 -19.29
CA ARG A 1087 -28.96 33.83 -19.03
C ARG A 1087 -29.11 34.75 -20.22
N ASP A 1088 -28.56 35.93 -20.12
CA ASP A 1088 -28.45 36.84 -21.24
C ASP A 1088 -27.56 36.21 -22.27
N GLY A 1089 -28.03 36.17 -23.50
CA GLY A 1089 -27.22 35.59 -24.61
C GLY A 1089 -26.19 36.57 -25.10
N GLY A 1090 -25.37 36.11 -26.05
CA GLY A 1090 -24.30 36.94 -26.63
C GLY A 1090 -24.88 37.74 -27.79
N ILE A 1091 -24.07 38.00 -28.79
CA ILE A 1091 -24.45 38.84 -29.89
C ILE A 1091 -24.13 38.22 -31.25
N GLN A 1092 -25.05 38.40 -32.18
CA GLN A 1092 -24.94 37.97 -33.55
C GLN A 1092 -24.66 39.18 -34.44
N ILE A 1093 -23.56 39.15 -35.15
CA ILE A 1093 -23.08 40.27 -35.96
C ILE A 1093 -22.97 39.76 -37.36
N ALA A 1094 -23.49 40.55 -38.29
CA ALA A 1094 -23.41 40.18 -39.69
C ALA A 1094 -21.98 40.08 -40.16
N LYS A 1095 -21.78 39.12 -41.05
CA LYS A 1095 -20.48 38.86 -41.61
C LYS A 1095 -19.88 40.07 -42.31
N ASP A 1096 -20.69 40.70 -43.17
CA ASP A 1096 -20.17 41.91 -43.88
C ASP A 1096 -19.82 43.09 -42.91
N VAL A 1097 -20.63 43.29 -41.91
CA VAL A 1097 -20.34 44.30 -40.87
C VAL A 1097 -19.08 43.97 -40.11
N PHE A 1098 -18.99 42.72 -39.66
CA PHE A 1098 -17.77 42.27 -39.01
C PHE A 1098 -16.53 42.43 -39.90
N LEU A 1099 -16.58 41.91 -41.12
CA LEU A 1099 -15.38 41.98 -41.98
C LEU A 1099 -14.98 43.44 -42.37
N SER A 1100 -15.97 44.28 -42.56
CA SER A 1100 -15.73 45.69 -42.89
C SER A 1100 -15.00 46.37 -41.71
N ALA A 1101 -15.49 46.13 -40.51
CA ALA A 1101 -14.79 46.59 -39.32
C ALA A 1101 -13.35 46.06 -39.22
N ALA A 1102 -13.19 44.78 -39.52
CA ALA A 1102 -11.87 44.15 -39.38
C ALA A 1102 -10.86 44.68 -40.35
N SER A 1104 -10.63 47.77 -41.39
CA SER A 1104 -10.13 49.02 -40.75
C SER A 1104 -9.25 48.78 -39.54
N ASP A 1105 -9.73 47.94 -38.62
CA ASP A 1105 -9.02 47.68 -37.35
C ASP A 1105 -9.38 46.27 -36.84
N ASN A 1106 -8.38 45.40 -36.85
CA ASN A 1106 -8.64 44.01 -36.62
C ASN A 1106 -8.55 43.62 -35.14
N ASN A 1107 -8.45 44.58 -34.22
CA ASN A 1107 -8.43 44.25 -32.80
C ASN A 1107 -9.82 44.54 -32.28
N PHE A 1108 -10.63 43.50 -32.09
CA PHE A 1108 -11.94 43.62 -31.56
C PHE A 1108 -11.90 43.52 -30.04
N HIS A 1109 -12.59 44.41 -29.36
CA HIS A 1109 -12.61 44.42 -27.92
C HIS A 1109 -13.98 43.90 -27.46
N ILE A 1110 -13.97 42.85 -26.64
CA ILE A 1110 -15.23 42.22 -26.20
C ILE A 1110 -15.45 42.51 -24.71
N TYR A 1111 -16.44 43.35 -24.43
CA TYR A 1111 -16.80 43.77 -23.09
C TYR A 1111 -17.97 42.89 -22.65
N VAL A 1112 -17.78 42.11 -21.61
CA VAL A 1112 -18.72 41.08 -21.25
C VAL A 1112 -18.83 40.98 -19.73
N LYS A 1113 -20.04 40.77 -19.24
CA LYS A 1113 -20.31 40.74 -17.80
C LYS A 1113 -20.71 39.37 -17.35
N ASN A 1114 -19.79 38.68 -16.69
CA ASN A 1114 -19.90 37.23 -16.48
C ASN A 1114 -20.56 36.93 -15.16
N GLY B 2 39.17 -15.60 40.06
CA GLY B 2 39.57 -14.92 38.81
C GLY B 2 38.74 -13.67 38.58
N ILE B 3 39.30 -12.75 37.83
CA ILE B 3 38.65 -11.51 37.51
C ILE B 3 38.53 -11.48 36.03
N LEU B 4 37.30 -11.37 35.54
CA LEU B 4 37.05 -11.12 34.10
C LEU B 4 37.10 -9.63 33.83
N LYS B 5 37.94 -9.25 32.90
CA LYS B 5 38.00 -7.84 32.49
C LYS B 5 36.82 -7.43 31.62
N THR B 6 36.72 -6.14 31.39
CA THR B 6 35.63 -5.58 30.65
C THR B 6 36.09 -5.25 29.24
N LEU B 7 35.20 -5.36 28.29
CA LEU B 7 35.47 -5.03 26.91
C LEU B 7 35.67 -3.53 26.77
N SER B 8 36.74 -3.13 26.15
CA SER B 8 36.92 -1.72 25.80
C SER B 8 37.14 -1.65 24.33
N ALA B 9 36.50 -0.70 23.67
CA ALA B 9 36.64 -0.63 22.21
C ALA B 9 38.11 -0.18 21.89
N PRO B 10 38.88 -0.98 21.12
CA PRO B 10 40.29 -0.67 20.86
C PRO B 10 40.55 0.40 19.81
N ILE B 11 39.55 0.81 19.04
CA ILE B 11 39.75 1.80 17.99
C ILE B 11 39.03 3.00 18.43
N ILE B 12 39.77 4.04 18.71
CA ILE B 12 39.21 5.22 19.34
C ILE B 12 39.53 6.39 18.46
N LEU B 13 38.53 6.93 17.80
CA LEU B 13 38.71 8.14 17.01
C LEU B 13 38.26 9.33 17.82
N GLU B 14 39.04 10.40 17.77
CA GLU B 14 38.69 11.63 18.50
C GLU B 14 38.94 12.84 17.69
N ASN B 15 38.10 13.83 17.88
CA ASN B 15 38.27 15.11 17.28
C ASN B 15 37.37 16.11 17.96
N SER B 16 37.99 17.11 18.56
CA SER B 16 37.26 18.18 19.21
C SER B 16 36.31 17.56 20.26
N ASN B 17 35.05 17.88 20.23
CA ASN B 17 34.13 17.31 21.20
C ASN B 17 33.53 15.91 20.82
N SER B 18 34.15 15.16 19.91
CA SER B 18 33.63 13.89 19.41
C SER B 18 34.56 12.75 19.70
N THR B 19 34.00 11.64 20.21
CA THR B 19 34.73 10.40 20.40
C THR B 19 33.89 9.25 19.78
N PHE B 20 34.39 8.65 18.71
CA PHE B 20 33.69 7.56 18.02
C PHE B 20 34.57 6.34 18.10
N THR B 21 34.09 5.32 18.80
CA THR B 21 34.86 4.12 19.05
C THR B 21 34.33 3.00 18.21
N PHE B 22 35.22 2.09 17.87
CA PHE B 22 34.93 0.95 17.04
C PHE B 22 35.55 -0.31 17.64
N LEU B 23 34.90 -1.44 17.40
CA LEU B 23 35.48 -2.75 17.63
C LEU B 23 36.55 -3.09 16.57
N PRO B 24 37.41 -4.09 16.85
CA PRO B 24 38.61 -4.29 15.99
C PRO B 24 38.31 -4.61 14.53
N GLY B 25 37.12 -5.14 14.23
CA GLY B 25 36.72 -5.35 12.82
C GLY B 25 36.17 -4.11 12.19
N GLY B 26 36.25 -3.00 12.90
CA GLY B 26 35.69 -1.74 12.39
C GLY B 26 34.17 -1.54 12.60
N ASP B 27 33.59 -2.32 13.50
CA ASP B 27 32.15 -2.21 13.80
C ASP B 27 31.90 -1.13 14.77
N ASN B 28 30.88 -0.34 14.56
CA ASN B 28 30.60 0.78 15.48
C ASN B 28 30.42 0.23 16.87
N PHE B 29 30.94 0.95 17.86
CA PHE B 29 30.71 0.61 19.20
C PHE B 29 29.90 1.75 19.83
N GLU B 30 30.53 2.87 20.14
CA GLU B 30 29.84 4.02 20.64
C GLU B 30 30.27 5.29 19.90
N TRP B 31 29.32 5.97 19.28
CA TRP B 31 29.60 7.22 18.59
C TRP B 31 29.02 8.31 19.43
N ILE B 32 29.90 9.09 20.10
CA ILE B 32 29.50 10.13 21.04
C ILE B 32 29.98 11.51 20.55
N HIS B 33 29.07 12.45 20.49
CA HIS B 33 29.39 13.81 20.18
C HIS B 33 28.82 14.64 21.32
N GLU B 34 29.71 15.31 22.04
CA GLU B 34 29.38 16.03 23.25
C GLU B 34 28.75 15.00 24.17
N SER B 35 27.54 15.17 24.64
CA SER B 35 27.02 14.05 25.48
C SER B 35 25.95 13.19 24.77
N ILE B 36 25.94 13.19 23.43
CA ILE B 36 24.85 12.54 22.66
C ILE B 36 25.39 11.33 21.95
N ILE B 38 25.01 8.70 19.11
CA ILE B 38 24.47 8.88 17.77
C ILE B 38 23.91 7.54 17.23
N ASN B 39 24.62 6.45 17.40
CA ASN B 39 24.14 5.12 16.99
C ASN B 39 23.10 4.63 18.05
N ALA B 40 22.28 3.67 17.66
CA ALA B 40 21.27 3.10 18.61
C ALA B 40 21.79 1.89 19.34
N PHE B 41 22.53 1.03 18.63
CA PHE B 41 23.04 -0.24 19.19
C PHE B 41 24.57 -0.27 19.16
N GLN B 42 25.17 -0.72 20.23
CA GLN B 42 26.59 -1.02 20.23
C GLN B 42 26.83 -2.33 19.47
N GLY B 43 27.87 -2.38 18.66
CA GLY B 43 28.35 -3.61 18.11
C GLY B 43 28.80 -4.63 19.13
N ASN B 44 28.89 -5.86 18.71
CA ASN B 44 29.53 -6.87 19.51
C ASN B 44 30.53 -7.62 18.67
N THR B 45 31.39 -8.35 19.36
CA THR B 45 32.56 -8.96 18.75
C THR B 45 32.24 -10.11 17.83
N LEU B 46 31.11 -10.78 18.02
CA LEU B 46 30.72 -11.86 17.06
C LEU B 46 29.82 -11.43 15.91
N ASP B 47 28.83 -10.59 16.17
CA ASP B 47 27.92 -10.13 15.11
C ASP B 47 28.42 -8.96 14.34
N GLY B 48 29.23 -8.10 14.95
CA GLY B 48 29.46 -6.77 14.36
C GLY B 48 28.42 -5.79 14.83
N SER B 49 28.16 -4.77 14.03
CA SER B 49 27.19 -3.74 14.35
C SER B 49 26.04 -3.72 13.33
N THR B 50 25.07 -2.87 13.59
CA THR B 50 23.82 -2.83 12.81
C THR B 50 23.96 -2.02 11.52
N ASN B 51 24.86 -1.05 11.54
CA ASN B 51 25.12 -0.19 10.37
C ASN B 51 26.05 -0.87 9.36
N ASN B 52 25.99 -0.41 8.12
CA ASN B 52 26.86 -0.87 7.08
C ASN B 52 26.78 -0.04 5.83
N LEU B 53 27.61 -0.40 4.86
CA LEU B 53 27.55 0.16 3.52
C LEU B 53 27.60 -1.00 2.60
N TYR B 54 26.65 -1.08 1.69
CA TYR B 54 26.54 -2.31 0.87
C TYR B 54 26.77 -1.98 -0.59
N LEU B 55 27.62 -2.74 -1.24
CA LEU B 55 27.78 -2.57 -2.66
C LEU B 55 26.91 -3.64 -3.31
N ARG B 56 26.12 -3.22 -4.28
CA ARG B 56 25.29 -4.20 -5.05
C ARG B 56 25.69 -4.23 -6.52
N ILE B 57 25.72 -5.43 -7.08
CA ILE B 57 26.09 -5.64 -8.46
C ILE B 57 24.92 -6.32 -9.17
N TYR B 58 24.44 -5.67 -10.23
CA TYR B 58 23.31 -6.18 -11.04
C TYR B 58 23.79 -6.86 -12.28
N LYS B 59 23.35 -8.08 -12.50
CA LYS B 59 23.62 -8.81 -13.75
C LYS B 59 22.31 -9.31 -14.38
N ASP B 60 22.41 -9.91 -15.54
CA ASP B 60 21.23 -10.36 -16.25
C ASP B 60 20.50 -11.41 -15.50
N ASN B 61 21.18 -12.23 -14.71
CA ASN B 61 20.47 -13.29 -13.99
C ASN B 61 20.68 -13.24 -12.50
N SER B 62 21.19 -12.15 -12.02
CA SER B 62 21.41 -12.07 -10.54
C SER B 62 21.49 -10.65 -10.02
N LEU B 63 21.34 -10.59 -8.71
CA LEU B 63 21.66 -9.43 -7.93
C LEU B 63 22.55 -9.87 -6.73
N ALA B 64 23.64 -9.14 -6.48
CA ALA B 64 24.58 -9.50 -5.43
C ALA B 64 24.75 -8.32 -4.59
N PHE B 65 25.07 -8.55 -3.32
CA PHE B 65 25.15 -7.46 -2.35
C PHE B 65 26.26 -7.78 -1.35
N TYR B 66 27.13 -6.79 -1.05
CA TYR B 66 28.32 -7.03 -0.21
C TYR B 66 28.53 -5.93 0.76
N PRO B 67 28.65 -6.27 2.03
CA PRO B 67 28.97 -5.26 3.04
C PRO B 67 30.42 -4.86 2.93
N LEU B 68 30.67 -3.58 3.00
CA LEU B 68 32.02 -3.01 2.81
C LEU B 68 32.75 -2.67 4.12
N ILE B 69 32.03 -2.58 5.21
CA ILE B 69 32.62 -2.25 6.49
C ILE B 69 32.26 -3.26 7.54
N GLY B 70 33.01 -3.23 8.64
CA GLY B 70 32.77 -4.12 9.73
C GLY B 70 33.26 -5.49 9.57
N ASN B 72 31.96 -8.31 9.11
CA ASN B 72 31.44 -9.12 8.00
C ASN B 72 31.94 -8.78 6.58
N SER B 73 32.56 -7.60 6.40
CA SER B 73 33.16 -7.23 5.11
C SER B 73 34.45 -7.99 4.70
N LYS B 74 35.19 -8.63 5.62
CA LYS B 74 36.59 -9.00 5.24
C LYS B 74 37.53 -7.83 4.72
N SER B 75 37.26 -6.63 5.17
CA SER B 75 38.08 -5.48 4.85
C SER B 75 39.36 -5.45 5.71
N THR B 76 40.48 -4.99 5.15
CA THR B 76 41.64 -4.65 5.99
C THR B 76 41.39 -3.27 6.48
N ILE B 77 42.08 -2.90 7.55
CA ILE B 77 41.78 -1.64 8.20
C ILE B 77 43.10 -0.91 8.57
N LYS B 78 43.13 0.38 8.33
CA LYS B 78 44.12 1.23 8.86
C LYS B 78 43.42 2.27 9.64
N SER B 79 44.05 2.76 10.69
CA SER B 79 43.52 3.90 11.48
C SER B 79 44.54 5.04 11.75
N GLY B 80 43.99 6.21 12.02
CA GLY B 80 44.70 7.35 12.46
C GLY B 80 44.00 7.76 13.73
N THR B 81 44.23 8.98 14.16
CA THR B 81 43.52 9.53 15.32
C THR B 81 42.07 9.91 14.98
N SER B 82 41.78 10.30 13.75
CA SER B 82 40.39 10.63 13.36
C SER B 82 39.93 10.02 12.04
N THR B 83 40.56 8.93 11.62
CA THR B 83 40.34 8.38 10.31
C THR B 83 40.41 6.89 10.38
N LEU B 84 39.61 6.20 9.57
CA LEU B 84 39.68 4.76 9.38
C LEU B 84 39.60 4.48 7.93
N ILE B 85 40.39 3.55 7.44
CA ILE B 85 40.36 3.24 6.04
C ILE B 85 40.12 1.75 5.87
N PHE B 86 39.02 1.39 5.20
CA PHE B 86 38.68 -0.02 4.95
C PHE B 86 39.02 -0.29 3.52
N GLU B 87 39.66 -1.40 3.24
CA GLU B 87 40.00 -1.76 1.87
C GLU B 87 39.75 -3.18 1.59
N GLY B 88 39.30 -3.42 0.35
CA GLY B 88 39.07 -4.78 -0.09
C GLY B 88 38.64 -4.87 -1.54
N THR B 89 38.16 -6.05 -1.88
CA THR B 89 37.68 -6.27 -3.24
C THR B 89 36.35 -7.04 -3.19
N ALA B 90 35.42 -6.70 -4.05
CA ALA B 90 34.14 -7.43 -4.15
C ALA B 90 33.95 -7.81 -5.58
N GLU B 91 33.94 -9.10 -5.83
CA GLU B 91 33.98 -9.63 -7.20
C GLU B 91 35.23 -9.04 -7.84
N ASP B 92 35.09 -8.25 -8.87
CA ASP B 92 36.22 -7.60 -9.51
C ASP B 92 36.35 -6.12 -9.20
N ILE B 93 35.53 -5.59 -8.32
CA ILE B 93 35.61 -4.20 -7.97
C ILE B 93 36.55 -4.08 -6.76
N SER B 94 37.48 -3.12 -6.82
CA SER B 94 38.32 -2.77 -5.68
C SER B 94 37.67 -1.63 -4.95
N TYR B 95 37.70 -1.67 -3.62
CA TYR B 95 37.12 -0.57 -2.90
C TYR B 95 37.98 -0.02 -1.79
N THR B 96 37.73 1.23 -1.49
CA THR B 96 38.27 1.86 -0.31
C THR B 96 37.17 2.67 0.28
N VAL B 97 36.92 2.43 1.56
CA VAL B 97 36.02 3.27 2.30
C VAL B 97 36.83 4.02 3.33
N THR B 98 36.69 5.34 3.32
CA THR B 98 37.39 6.14 4.28
C THR B 98 36.40 6.85 5.22
N PHE B 99 36.52 6.52 6.50
CA PHE B 99 35.77 7.16 7.50
C PHE B 99 36.58 8.32 8.09
N ARG B 100 35.97 9.50 8.15
CA ARG B 100 36.58 10.68 8.70
C ARG B 100 35.70 11.29 9.75
N LEU B 101 36.28 11.51 10.91
CA LEU B 101 35.64 12.27 11.95
C LEU B 101 36.29 13.67 12.03
N THR B 102 35.49 14.68 11.79
CA THR B 102 35.98 16.03 11.71
C THR B 102 35.81 16.72 13.04
N PRO B 103 36.30 17.96 13.15
CA PRO B 103 36.14 18.72 14.41
C PRO B 103 34.80 19.36 14.51
N TYR B 104 33.95 19.21 13.48
CA TYR B 104 32.71 19.97 13.41
C TYR B 104 31.41 19.23 13.83
N GLY B 105 31.55 18.13 14.57
CA GLY B 105 30.41 17.24 14.81
C GLY B 105 29.85 16.66 13.49
N ILE B 106 30.74 16.40 12.54
CA ILE B 106 30.42 15.97 11.17
C ILE B 106 31.39 14.88 10.83
N TRP B 107 30.86 13.77 10.25
CA TRP B 107 31.64 12.65 9.76
C TRP B 107 31.30 12.32 8.35
N PHE B 108 32.17 11.59 7.68
CA PHE B 108 32.01 11.18 6.29
C PHE B 108 32.41 9.75 6.15
N TRP B 109 31.73 9.06 5.22
CA TRP B 109 32.14 7.83 4.68
C TRP B 109 32.45 8.14 3.21
N ASP B 110 33.75 8.17 2.86
CA ASP B 110 34.16 8.46 1.49
C ASP B 110 34.39 7.13 0.85
N ILE B 111 33.73 6.93 -0.29
CA ILE B 111 33.79 5.67 -0.93
C ILE B 111 34.52 5.87 -2.25
N SER B 112 35.46 5.00 -2.52
CA SER B 112 36.13 5.00 -3.83
C SER B 112 36.04 3.61 -4.40
N LEU B 113 35.49 3.49 -5.60
CA LEU B 113 35.44 2.20 -6.25
C LEU B 113 36.25 2.15 -7.59
N SER B 114 36.99 1.07 -7.80
CA SER B 114 37.77 0.87 -9.06
C SER B 114 37.49 -0.42 -9.74
N GLY B 115 37.14 -0.38 -11.03
CA GLY B 115 37.06 -1.62 -11.80
C GLY B 115 36.12 -1.49 -12.98
N ASN B 116 35.57 -2.62 -13.39
CA ASN B 116 34.64 -2.70 -14.51
C ASN B 116 33.36 -3.40 -14.11
N CYS B 117 32.25 -2.68 -14.26
CA CYS B 117 30.93 -3.15 -13.89
C CYS B 117 29.88 -2.51 -14.77
N ASN B 118 28.99 -3.29 -15.34
CA ASN B 118 27.84 -2.70 -16.11
C ASN B 118 26.82 -1.90 -15.24
N LYS B 119 26.50 -2.44 -14.05
CA LYS B 119 25.50 -1.77 -13.18
C LYS B 119 25.74 -2.08 -11.67
N ALA B 120 25.89 -1.04 -10.90
CA ALA B 120 26.07 -1.18 -9.47
C ALA B 120 25.41 -0.07 -8.75
N ASP B 121 25.17 -0.27 -7.44
CA ASP B 121 24.73 0.83 -6.59
C ASP B 121 25.28 0.63 -5.19
N ILE B 122 25.05 1.59 -4.36
CA ILE B 122 25.43 1.49 -2.94
C ILE B 122 24.20 1.79 -2.09
N ILE B 123 24.12 1.07 -0.96
CA ILE B 123 23.17 1.39 0.10
C ILE B 123 23.92 1.75 1.38
N TYR B 124 23.58 2.92 1.88
CA TYR B 124 24.01 3.41 3.19
C TYR B 124 22.95 2.97 4.22
N SER B 125 23.41 2.44 5.33
CA SER B 125 22.56 1.89 6.39
C SER B 125 23.11 2.29 7.79
N GLN B 126 22.33 3.01 8.57
CA GLN B 126 22.79 3.48 9.86
C GLN B 126 21.68 3.56 10.90
N ASP B 127 21.85 2.84 12.00
CA ASP B 127 20.89 2.88 13.05
C ASP B 127 21.20 4.12 13.86
N ILE B 128 20.18 4.81 14.33
CA ILE B 128 20.41 6.07 15.06
C ILE B 128 19.64 6.15 16.34
N GLY B 129 20.34 6.58 17.39
CA GLY B 129 19.79 6.74 18.71
C GLY B 129 19.38 8.19 18.98
N VAL B 130 20.39 9.06 19.02
CA VAL B 130 20.19 10.46 19.19
C VAL B 130 19.64 10.83 20.55
N GLY B 131 20.31 10.35 21.57
CA GLY B 131 19.97 10.69 22.95
C GLY B 131 21.20 10.51 23.81
N THR B 132 21.10 10.80 25.11
CA THR B 132 22.19 10.52 26.00
C THR B 132 22.43 9.01 26.06
N LYS B 133 23.63 8.62 26.49
CA LYS B 133 23.99 7.23 26.54
C LYS B 133 22.99 6.45 27.43
N GLY B 134 22.62 7.07 28.54
CA GLY B 134 21.66 6.49 29.51
C GLY B 134 20.30 6.25 28.83
N SER B 135 19.85 7.20 27.99
CA SER B 135 18.57 7.11 27.31
C SER B 135 18.58 5.99 26.26
N VAL B 136 19.64 5.91 25.50
CA VAL B 136 19.74 4.89 24.45
C VAL B 136 19.79 3.51 25.07
N ASN B 137 20.63 3.35 26.08
CA ASN B 137 20.76 2.04 26.77
C ASN B 137 19.49 1.56 27.47
N SER B 138 18.84 2.52 28.08
CA SER B 138 17.69 2.26 28.85
C SER B 138 16.53 1.69 27.96
N ASN B 139 16.27 2.30 26.81
CA ASN B 139 15.24 1.74 25.93
C ASN B 139 15.30 2.39 24.57
N GLU B 140 15.93 1.67 23.64
CA GLU B 140 16.13 2.17 22.27
C GLU B 140 14.79 2.38 21.61
N LEU B 141 13.82 1.54 21.92
CA LEU B 141 12.49 1.60 21.28
C LEU B 141 11.75 2.87 21.67
N TYR B 142 11.74 3.15 22.96
CA TYR B 142 11.14 4.34 23.49
C TYR B 142 11.81 5.61 22.88
N LEU B 143 13.15 5.60 22.84
CA LEU B 143 13.89 6.78 22.31
C LEU B 143 13.51 7.08 20.88
N ALA B 144 13.49 6.01 20.08
CA ALA B 144 13.08 6.15 18.67
C ALA B 144 11.67 6.69 18.42
N GLN B 145 10.76 6.45 19.35
CA GLN B 145 9.40 6.95 19.24
C GLN B 145 9.34 8.43 19.21
N TYR B 146 10.35 9.10 19.77
CA TYR B 146 10.39 10.52 19.90
C TYR B 146 11.37 11.22 18.93
N LEU B 147 11.91 10.46 18.00
CA LEU B 147 12.86 10.94 17.04
C LEU B 147 12.13 11.18 15.74
N GLY B 148 11.80 12.44 15.47
CA GLY B 148 10.99 12.78 14.33
C GLY B 148 11.83 13.07 13.10
N HIS B 149 11.55 12.39 12.00
CA HIS B 149 12.35 12.49 10.81
C HIS B 149 11.65 13.42 9.82
N SER B 150 12.44 14.29 9.18
CA SER B 150 11.99 15.17 8.09
C SER B 150 12.78 14.87 6.83
N ILE B 151 12.08 14.78 5.71
CA ILE B 151 12.69 14.33 4.46
C ILE B 151 12.77 15.54 3.48
N PHE B 152 13.94 15.75 2.90
CA PHE B 152 14.14 16.82 1.92
C PHE B 152 14.87 16.34 0.70
N GLN B 153 14.83 17.15 -0.36
CA GLN B 153 15.65 16.96 -1.56
C GLN B 153 16.77 18.02 -1.48
N GLY B 154 17.99 17.56 -1.49
CA GLY B 154 19.16 18.45 -1.43
C GLY B 154 19.77 18.55 -2.81
N ASP B 155 21.05 18.91 -2.86
CA ASP B 155 21.78 18.93 -4.13
C ASP B 155 21.97 17.54 -4.69
N TYR B 156 21.99 16.53 -3.80
CA TYR B 156 22.30 15.15 -4.19
C TYR B 156 21.20 14.14 -3.80
N GLY B 157 19.96 14.51 -4.06
CA GLY B 157 18.83 13.70 -3.74
C GLY B 157 18.45 13.77 -2.27
N TYR B 158 17.97 12.65 -1.73
CA TYR B 158 17.33 12.65 -0.40
C TYR B 158 18.32 13.03 0.73
N VAL B 159 17.85 13.85 1.63
CA VAL B 159 18.55 14.19 2.89
C VAL B 159 17.58 14.00 4.07
N ILE B 160 18.04 13.32 5.10
CA ILE B 160 17.20 12.92 6.19
C ILE B 160 17.65 13.74 7.42
N CYS B 161 16.77 14.56 7.94
CA CYS B 161 17.02 15.33 9.15
C CYS B 161 16.17 14.81 10.30
N SER B 162 16.77 14.65 11.47
CA SER B 162 16.04 14.05 12.60
C SER B 162 16.19 14.91 13.85
N ARG B 163 15.09 15.16 14.55
CA ARG B 163 15.12 15.91 15.83
C ARG B 163 14.56 15.07 16.97
N GLN B 164 15.35 14.88 18.00
CA GLN B 164 14.89 14.23 19.19
C GLN B 164 14.00 15.15 20.01
N ASN B 165 12.73 14.77 20.14
CA ASN B 165 11.71 15.64 20.74
C ASN B 165 11.60 15.51 22.24
N ALA B 167 13.46 15.70 25.65
CA ALA B 167 14.62 16.43 26.12
C ALA B 167 15.75 15.57 26.68
N GLN B 168 16.97 15.79 26.22
CA GLN B 168 18.14 15.04 26.62
C GLN B 168 19.18 16.02 27.29
N GLY B 169 19.35 15.93 28.60
CA GLY B 169 20.17 16.93 29.29
C GLY B 169 19.67 18.37 29.05
N ASP B 170 18.34 18.54 29.03
CA ASP B 170 17.68 19.82 28.68
C ASP B 170 17.76 20.25 27.18
N LEU B 171 18.43 19.44 26.36
CA LEU B 171 18.68 19.75 24.95
C LEU B 171 17.88 18.89 23.97
N PHE B 172 17.62 19.41 22.79
CA PHE B 172 16.89 18.64 21.78
C PHE B 172 17.82 18.31 20.62
N PRO B 173 18.48 17.18 20.66
CA PRO B 173 19.52 16.91 19.72
C PRO B 173 19.01 16.58 18.33
N TYR B 174 19.94 16.50 17.38
CA TYR B 174 19.63 16.57 15.92
C TYR B 174 20.61 15.82 15.13
N LEU B 175 20.15 15.19 14.03
CA LEU B 175 21.01 14.54 13.06
C LEU B 175 20.62 14.91 11.64
N GLN B 176 21.60 14.95 10.74
CA GLN B 176 21.31 15.11 9.31
C GLN B 176 22.18 14.09 8.61
N GLN B 177 21.61 13.34 7.65
CA GLN B 177 22.39 12.41 6.89
C GLN B 177 22.07 12.55 5.43
N GLY B 178 23.08 12.38 4.58
CA GLY B 178 22.89 12.57 3.13
C GLY B 178 24.05 12.08 2.34
N SER B 179 24.05 12.39 1.05
CA SER B 179 25.10 11.92 0.13
C SER B 179 25.75 13.14 -0.56
N LEU B 180 26.99 12.97 -1.00
CA LEU B 180 27.73 14.04 -1.74
C LEU B 180 28.44 13.40 -2.90
N GLY B 181 28.19 13.93 -4.09
CA GLY B 181 28.84 13.45 -5.27
C GLY B 181 28.06 12.35 -5.96
N ILE B 182 26.94 11.94 -5.39
CA ILE B 182 26.08 10.93 -6.00
C ILE B 182 24.67 11.14 -5.45
N ARG B 183 23.66 10.91 -6.30
CA ARG B 183 22.27 11.14 -5.95
C ARG B 183 21.76 9.98 -5.06
N SER B 184 21.13 10.33 -3.96
CA SER B 184 20.37 9.33 -3.17
C SER B 184 18.95 9.30 -3.72
N ILE B 185 18.61 8.30 -4.47
CA ILE B 185 17.34 8.26 -5.18
C ILE B 185 16.19 7.61 -4.38
N ALA B 186 16.52 7.00 -3.22
CA ALA B 186 15.52 6.39 -2.36
C ALA B 186 16.02 6.35 -0.94
N TYR B 187 15.09 6.21 0.02
CA TYR B 187 15.37 6.26 1.42
C TYR B 187 14.39 5.41 2.28
N SER B 188 14.79 5.15 3.50
CA SER B 188 13.88 4.62 4.52
C SER B 188 14.37 5.05 5.88
N THR B 189 13.46 5.04 6.85
CA THR B 189 13.75 5.54 8.19
C THR B 189 13.61 4.58 9.37
N ASP B 190 13.05 3.40 9.12
CA ASP B 190 12.85 2.40 10.21
C ASP B 190 13.47 1.06 9.88
N GLY B 191 14.07 0.45 10.91
CA GLY B 191 14.63 -0.92 10.83
C GLY B 191 13.70 -1.98 10.17
N THR B 192 12.41 -1.87 10.41
CA THR B 192 11.44 -2.82 9.83
C THR B 192 11.40 -2.64 8.33
N GLN B 193 11.69 -1.44 7.83
CA GLN B 193 11.73 -1.21 6.38
C GLN B 193 12.99 -1.76 5.74
N PHE B 194 14.11 -1.70 6.47
CA PHE B 194 15.37 -2.14 5.93
C PHE B 194 15.61 -3.61 6.11
N PHE B 195 15.59 -4.11 7.34
CA PHE B 195 15.82 -5.51 7.61
C PHE B 195 14.62 -6.38 7.25
N GLY B 196 13.43 -5.85 7.55
CA GLY B 196 12.15 -6.59 7.27
C GLY B 196 11.97 -7.69 8.31
N LEU B 197 10.74 -8.19 8.39
CA LEU B 197 10.45 -9.27 9.34
C LEU B 197 11.12 -10.56 8.90
N SER B 198 11.28 -10.75 7.60
CA SER B 198 11.93 -11.98 7.07
C SER B 198 13.37 -12.18 7.54
N TYR B 199 14.08 -11.09 7.90
CA TYR B 199 15.44 -11.16 8.48
C TYR B 199 15.47 -12.13 9.63
N LYS B 200 14.36 -12.16 10.38
CA LYS B 200 14.31 -13.04 11.58
C LYS B 200 14.54 -14.49 11.27
N LYS B 201 14.23 -14.91 10.04
CA LYS B 201 14.66 -16.25 9.56
C LYS B 201 15.91 -16.23 8.64
N THR B 202 15.99 -15.32 7.67
CA THR B 202 17.01 -15.35 6.63
C THR B 202 18.36 -14.80 7.07
N ASN B 203 18.39 -13.95 8.10
CA ASN B 203 19.57 -13.21 8.46
C ASN B 203 20.09 -12.27 7.33
N ILE B 204 19.25 -11.97 6.34
CA ILE B 204 19.60 -11.07 5.27
C ILE B 204 18.64 -9.90 5.27
N PRO B 205 19.16 -8.66 5.28
CA PRO B 205 18.26 -7.51 5.22
C PRO B 205 17.44 -7.45 3.92
N GLU B 206 16.13 -7.44 4.10
CA GLU B 206 15.19 -7.62 3.02
C GLU B 206 15.37 -6.53 1.92
N ALA B 207 15.71 -5.32 2.34
CA ALA B 207 15.89 -4.18 1.41
C ALA B 207 17.00 -4.42 0.39
N LEU B 208 17.94 -5.28 0.70
CA LEU B 208 19.01 -5.57 -0.23
C LEU B 208 18.60 -6.20 -1.57
N TYR B 209 17.39 -6.74 -1.64
CA TYR B 209 16.90 -7.35 -2.88
C TYR B 209 16.19 -6.40 -3.78
N GLY B 210 15.95 -5.16 -3.31
CA GLY B 210 15.15 -4.26 -4.12
C GLY B 210 15.45 -2.79 -3.88
N ASP B 211 14.45 -1.96 -4.04
CA ASP B 211 14.59 -0.53 -3.88
C ASP B 211 14.04 -0.15 -2.55
N LEU B 212 14.64 0.85 -1.90
CA LEU B 212 14.09 1.31 -0.63
C LEU B 212 12.71 1.89 -0.86
N PRO B 213 11.83 1.90 0.16
CA PRO B 213 10.44 2.35 -0.08
C PRO B 213 10.21 3.82 -0.26
N SER B 214 11.12 4.64 0.22
CA SER B 214 10.96 6.09 0.23
C SER B 214 9.71 6.55 0.96
N LYS B 215 9.54 6.03 2.15
CA LYS B 215 8.53 6.49 3.06
C LYS B 215 9.18 6.60 4.43
N ASN B 216 8.75 7.58 5.18
CA ASN B 216 9.24 7.68 6.55
C ASN B 216 8.30 6.90 7.46
N LYS B 217 8.70 5.74 7.91
CA LYS B 217 7.91 5.04 8.89
C LYS B 217 8.39 5.42 10.31
N GLN B 218 7.59 6.09 11.10
CA GLN B 218 7.98 6.46 12.48
C GLN B 218 7.61 5.30 13.41
N TYR B 219 8.58 4.46 13.69
CA TYR B 219 8.38 3.30 14.54
C TYR B 219 9.52 3.24 15.56
N GLU B 220 9.90 2.07 16.02
CA GLU B 220 10.84 1.93 17.15
C GLU B 220 12.30 1.58 16.81
N LEU B 221 12.60 1.36 15.54
CA LEU B 221 13.93 1.03 15.12
C LEU B 221 14.43 2.16 14.21
N ALA B 222 14.84 3.25 14.81
CA ALA B 222 15.23 4.42 14.02
C ALA B 222 16.44 4.01 13.25
N HIS B 223 16.26 3.96 11.93
CA HIS B 223 17.25 3.38 11.08
C HIS B 223 17.21 4.02 9.71
N THR B 224 18.20 4.86 9.44
CA THR B 224 18.30 5.59 8.16
C THR B 224 18.96 4.76 7.11
N ALA B 225 18.27 4.59 5.99
CA ALA B 225 18.91 4.04 4.82
C ALA B 225 18.78 4.92 3.55
N LEU B 226 19.83 4.92 2.73
CA LEU B 226 19.85 5.74 1.51
C LEU B 226 20.38 4.87 0.39
N GLN B 227 19.73 4.91 -0.77
CA GLN B 227 20.15 4.14 -1.93
C GLN B 227 20.61 5.07 -3.06
N THR B 228 21.78 4.81 -3.57
CA THR B 228 22.30 5.70 -4.62
C THR B 228 21.65 5.34 -5.94
N GLU B 229 21.73 6.27 -6.87
CA GLU B 229 21.49 5.97 -8.28
C GLU B 229 22.40 4.91 -8.66
N ALA B 230 21.98 4.11 -9.61
CA ALA B 230 22.82 3.06 -10.16
C ALA B 230 23.86 3.67 -11.14
N PHE B 231 24.98 3.01 -11.28
CA PHE B 231 26.06 3.53 -12.13
C PHE B 231 26.81 2.37 -12.71
N SER B 232 27.56 2.67 -13.78
CA SER B 232 28.51 1.71 -14.31
C SER B 232 29.92 2.11 -13.86
N LEU B 233 30.84 1.17 -13.85
CA LEU B 233 32.25 1.46 -13.61
C LEU B 233 33.15 0.99 -14.75
N SER B 234 34.07 1.86 -15.14
CA SER B 234 35.16 1.47 -16.06
C SER B 234 36.31 2.42 -15.70
N GLY B 235 36.95 2.17 -14.56
CA GLY B 235 37.76 3.20 -13.95
C GLY B 235 37.43 3.30 -12.48
N THR B 236 37.41 4.52 -11.98
CA THR B 236 37.37 4.81 -10.59
C THR B 236 36.28 5.79 -10.40
N LYS B 237 35.42 5.56 -9.41
CA LYS B 237 34.34 6.51 -9.09
C LYS B 237 34.33 6.81 -7.61
N GLN B 238 34.03 8.03 -7.24
CA GLN B 238 34.13 8.45 -5.84
C GLN B 238 33.02 9.33 -5.41
N PHE B 239 32.55 9.08 -4.18
CA PHE B 239 31.46 9.85 -3.59
C PHE B 239 31.43 9.59 -2.10
N SER B 240 30.60 10.35 -1.41
CA SER B 240 30.51 10.28 0.04
C SER B 240 29.07 10.27 0.62
N PHE B 241 28.91 9.62 1.79
CA PHE B 241 27.83 9.86 2.70
C PHE B 241 28.35 10.65 3.87
N TYR B 242 27.47 11.41 4.48
CA TYR B 242 27.83 12.17 5.63
C TYR B 242 26.79 12.13 6.72
N GLY B 243 27.22 12.47 7.93
CA GLY B 243 26.36 12.90 8.98
C GLY B 243 26.73 14.15 9.73
N ILE B 244 25.73 14.83 10.24
CA ILE B 244 25.89 15.97 11.09
C ILE B 244 25.12 15.77 12.38
N CYS B 245 25.77 16.09 13.50
CA CYS B 245 25.12 16.01 14.78
C CYS B 245 25.17 17.34 15.46
N LYS B 246 24.01 17.85 15.87
CA LYS B 246 23.93 19.03 16.73
C LYS B 246 23.31 18.61 18.02
N THR B 247 23.89 19.03 19.11
CA THR B 247 23.32 18.65 20.41
C THR B 247 22.12 19.47 20.81
N ASN B 248 21.92 20.63 20.25
CA ASN B 248 20.70 21.39 20.55
C ASN B 248 20.05 22.11 19.38
N HIS B 249 18.88 21.64 19.01
CA HIS B 249 18.10 22.12 17.87
C HIS B 249 16.72 22.38 18.37
N PRO B 250 16.51 23.50 19.10
CA PRO B 250 15.23 23.80 19.74
C PRO B 250 14.07 24.04 18.79
N GLU B 251 14.37 24.50 17.60
CA GLU B 251 13.33 24.70 16.62
C GLU B 251 12.99 23.33 15.97
N VAL B 252 11.81 23.29 15.39
CA VAL B 252 11.39 22.20 14.53
C VAL B 252 12.13 22.26 13.22
N ILE B 253 12.16 21.15 12.51
CA ILE B 253 12.94 21.12 11.31
C ILE B 253 12.10 21.64 10.17
N ARG B 254 12.64 22.59 9.41
CA ARG B 254 11.96 23.14 8.24
C ARG B 254 12.71 23.08 6.92
N GLU B 255 14.02 22.87 6.97
CA GLU B 255 14.80 22.78 5.75
C GLU B 255 16.13 22.16 6.03
N ILE B 256 16.89 21.86 4.96
CA ILE B 256 18.23 21.40 5.11
C ILE B 256 19.09 22.57 5.66
N GLU B 257 19.85 22.31 6.71
CA GLU B 257 20.59 23.34 7.41
C GLU B 257 22.06 23.01 7.35
N TYR B 258 22.91 23.99 7.75
CA TYR B 258 24.35 23.78 7.90
C TYR B 258 25.09 23.47 6.63
N ILE B 259 24.59 23.94 5.49
CA ILE B 259 25.20 23.68 4.17
C ILE B 259 26.64 24.23 4.07
N GLN B 260 26.87 25.43 4.59
CA GLN B 260 28.27 26.01 4.61
C GLN B 260 29.20 25.23 5.55
N GLU B 261 28.68 24.85 6.71
CA GLU B 261 29.49 24.05 7.63
C GLU B 261 29.87 22.72 7.04
N LEU B 262 28.94 22.12 6.30
CA LEU B 262 29.18 20.79 5.73
C LEU B 262 30.29 20.86 4.70
N GLU B 263 30.19 21.87 3.84
CA GLU B 263 31.22 22.21 2.83
C GLU B 263 32.59 22.36 3.43
N LYS B 264 32.69 23.16 4.48
CA LYS B 264 33.96 23.29 5.20
C LYS B 264 34.46 21.99 5.79
N ALA B 265 33.59 21.30 6.55
CA ALA B 265 33.95 19.98 7.09
C ALA B 265 34.43 19.00 6.02
N TYR B 266 33.85 19.09 4.84
CA TYR B 266 34.17 18.09 3.78
C TYR B 266 35.63 18.17 3.25
N ALA B 267 36.21 19.37 3.38
CA ALA B 267 37.62 19.62 3.06
C ALA B 267 38.56 19.13 4.13
N TYR B 268 38.06 18.70 5.29
CA TYR B 268 38.93 18.27 6.38
C TYR B 268 39.58 16.91 6.21
N HIS B 269 40.90 16.85 6.45
CA HIS B 269 41.65 15.58 6.44
C HIS B 269 42.76 15.61 7.45
N GLU B 270 43.02 14.43 8.01
CA GLU B 270 43.98 14.29 9.08
C GLU B 270 45.35 14.19 8.45
N SER B 271 46.32 14.84 9.05
CA SER B 271 47.72 14.54 8.67
C SER B 271 48.21 13.48 9.64
N GLY B 272 48.54 12.34 9.11
CA GLY B 272 49.06 11.22 9.89
C GLY B 272 49.50 10.19 8.89
N GLU B 273 50.34 9.26 9.31
CA GLU B 273 50.35 8.03 8.55
C GLU B 273 49.17 7.30 9.21
N ILE B 274 48.49 6.57 8.41
CA ILE B 274 47.30 5.94 8.84
C ILE B 274 47.73 4.57 8.63
N LEU B 275 47.89 3.85 9.73
CA LEU B 275 48.62 2.63 9.78
C LEU B 275 47.71 1.41 9.97
N PRO B 276 48.08 0.29 9.34
CA PRO B 276 47.39 -0.98 9.50
C PRO B 276 47.15 -1.36 10.97
N VAL B 277 45.99 -1.93 11.22
CA VAL B 277 45.66 -2.54 12.50
C VAL B 277 45.34 -3.98 12.21
N ASN B 278 45.51 -4.81 13.20
CA ASN B 278 45.24 -6.19 13.04
C ASN B 278 43.72 -6.42 13.15
N VAL B 279 43.16 -7.11 12.17
CA VAL B 279 41.72 -7.41 12.15
C VAL B 279 41.43 -8.85 12.48
N PRO B 280 40.68 -9.09 13.57
CA PRO B 280 40.38 -10.47 13.95
C PRO B 280 39.45 -11.12 12.92
N THR B 281 39.54 -12.42 12.72
CA THR B 281 38.63 -13.09 11.80
C THR B 281 38.06 -14.36 12.46
N LEU B 282 36.77 -14.57 12.19
CA LEU B 282 36.03 -15.69 12.74
C LEU B 282 36.56 -16.94 12.11
N GLN B 283 36.67 -17.98 12.89
CA GLN B 283 37.16 -19.23 12.44
C GLN B 283 36.11 -20.34 12.54
N ASN B 284 35.79 -20.99 11.43
CA ASN B 284 34.78 -22.05 11.36
C ASN B 284 33.42 -21.60 11.99
N ILE B 285 33.02 -20.36 11.75
CA ILE B 285 31.71 -19.86 12.20
C ILE B 285 30.94 -19.56 10.96
N GLY B 286 29.81 -20.22 10.79
CA GLY B 286 28.94 -20.02 9.63
C GLY B 286 27.85 -18.99 9.88
N ALA B 287 26.98 -18.84 8.90
CA ALA B 287 25.78 -18.01 9.06
C ALA B 287 24.85 -18.69 10.09
N PRO B 288 23.89 -17.92 10.62
CA PRO B 288 22.99 -18.53 11.60
C PRO B 288 22.17 -19.63 10.99
N TYR B 289 21.75 -20.57 11.82
CA TYR B 289 20.84 -21.64 11.41
C TYR B 289 19.41 -21.40 11.95
N ALA B 290 18.47 -21.27 11.02
CA ALA B 290 17.03 -21.29 11.29
C ALA B 290 16.46 -22.59 10.81
N SER B 291 15.53 -23.14 11.54
CA SER B 291 14.87 -24.34 11.19
C SER B 291 14.07 -24.15 9.89
N SER B 292 13.88 -25.25 9.20
CA SER B 292 12.86 -25.33 8.20
C SER B 292 11.50 -25.31 8.90
N ARG B 293 10.50 -25.00 8.12
CA ARG B 293 9.12 -24.97 8.55
C ARG B 293 8.52 -26.35 8.71
N TRP B 294 7.62 -26.53 9.68
CA TRP B 294 6.95 -27.78 9.74
C TRP B 294 5.73 -27.81 8.83
N ASP B 295 5.41 -28.94 8.22
CA ASP B 295 4.13 -29.06 7.48
C ASP B 295 3.05 -29.63 8.42
N ALA B 296 1.84 -29.76 7.86
CA ALA B 296 0.66 -30.27 8.58
C ALA B 296 0.89 -31.58 9.30
N LYS B 297 1.57 -32.51 8.67
CA LYS B 297 1.75 -33.81 9.30
C LYS B 297 2.70 -33.72 10.42
N GLN B 298 3.71 -32.87 10.27
CA GLN B 298 4.71 -32.76 11.30
C GLN B 298 4.07 -32.13 12.53
N VAL B 299 3.31 -31.05 12.30
CA VAL B 299 2.62 -30.37 13.41
C VAL B 299 1.66 -31.34 14.11
N GLU B 300 0.88 -32.08 13.32
CA GLU B 300 -0.07 -33.07 13.88
C GLU B 300 0.63 -34.13 14.70
N HIS B 301 1.81 -34.54 14.25
CA HIS B 301 2.58 -35.52 14.97
C HIS B 301 3.14 -34.98 16.26
N TYR B 302 3.70 -33.77 16.25
CA TYR B 302 4.29 -33.30 17.56
C TYR B 302 3.21 -32.69 18.46
N PHE B 303 2.09 -32.25 17.90
CA PHE B 303 1.02 -31.59 18.72
C PHE B 303 -0.36 -32.15 18.30
N PRO B 304 -0.64 -33.37 18.72
CA PRO B 304 -1.87 -34.05 18.25
C PRO B 304 -3.16 -33.44 18.86
N LYS B 305 -3.04 -32.72 19.97
CA LYS B 305 -4.21 -32.12 20.61
C LYS B 305 -4.08 -30.58 20.64
N ARG B 306 -4.89 -29.93 19.83
CA ARG B 306 -4.75 -28.51 19.56
C ARG B 306 -6.08 -27.80 19.83
N LEU B 307 -6.01 -26.66 20.48
CA LEU B 307 -7.25 -25.86 20.77
C LEU B 307 -7.11 -24.47 20.19
N LEU B 308 -8.25 -23.81 19.91
CA LEU B 308 -8.27 -22.38 19.51
C LEU B 308 -7.24 -22.11 18.38
N GLU B 309 -7.26 -22.93 17.33
CA GLU B 309 -6.32 -22.82 16.28
C GLU B 309 -6.52 -21.50 15.52
N GLU B 310 -5.44 -20.80 15.28
CA GLU B 310 -5.40 -19.61 14.43
C GLU B 310 -4.79 -19.98 13.07
N LYS B 311 -5.55 -19.83 12.02
CA LYS B 311 -5.02 -20.08 10.68
C LYS B 311 -5.16 -18.85 9.79
N GLU B 312 -4.22 -18.64 8.89
CA GLU B 312 -4.34 -17.56 7.84
C GLU B 312 -4.01 -18.22 6.53
N GLU B 313 -4.84 -18.02 5.51
CA GLU B 313 -4.62 -18.66 4.19
C GLU B 313 -4.33 -20.18 4.36
N GLU B 314 -5.04 -20.80 5.29
CA GLU B 314 -4.97 -22.24 5.57
C GLU B 314 -3.72 -22.74 6.26
N ALA B 315 -2.79 -21.87 6.59
CA ALA B 315 -1.62 -22.28 7.34
C ALA B 315 -1.88 -22.02 8.85
N LEU B 316 -1.54 -22.99 9.66
CA LEU B 316 -1.65 -22.86 11.07
C LEU B 316 -0.59 -21.93 11.63
N LEU B 317 -1.01 -20.91 12.36
CA LEU B 317 -0.06 -19.96 12.90
C LEU B 317 0.23 -20.19 14.34
N SER B 318 -0.83 -20.44 15.13
CA SER B 318 -0.68 -20.71 16.49
C SER B 318 -1.84 -21.52 17.06
N PHE B 319 -1.67 -22.01 18.27
CA PHE B 319 -2.77 -22.76 18.95
C PHE B 319 -2.43 -22.96 20.40
N PHE B 320 -3.39 -23.50 21.16
CA PHE B 320 -3.19 -23.76 22.55
C PHE B 320 -3.37 -25.26 22.77
N THR B 321 -2.88 -25.75 23.90
CA THR B 321 -2.96 -27.16 24.27
C THR B 321 -3.75 -27.41 25.57
N PRO B 322 -4.24 -28.68 25.78
CA PRO B 322 -4.86 -29.08 27.03
C PRO B 322 -3.97 -28.93 28.24
N GLU B 323 -2.68 -28.97 28.07
CA GLU B 323 -1.74 -28.77 29.15
C GLU B 323 -1.51 -27.31 29.42
N LYS B 324 -2.27 -26.42 28.80
CA LYS B 324 -2.16 -24.98 29.03
C LYS B 324 -0.91 -24.32 28.49
N SER B 325 -0.38 -24.87 27.43
CA SER B 325 0.65 -24.22 26.65
C SER B 325 0.09 -23.46 25.46
N HIS B 326 0.88 -22.51 24.98
CA HIS B 326 0.57 -21.84 23.72
C HIS B 326 1.76 -22.12 22.82
N VAL B 327 1.44 -22.56 21.64
CA VAL B 327 2.41 -22.96 20.62
C VAL B 327 2.33 -21.99 19.42
N VAL B 328 3.48 -21.43 19.04
CA VAL B 328 3.62 -20.55 17.91
C VAL B 328 4.46 -21.26 16.84
N LEU B 329 3.96 -21.26 15.60
CA LEU B 329 4.65 -21.82 14.50
C LEU B 329 5.41 -20.71 13.80
N GLN B 330 6.44 -21.13 13.07
CA GLN B 330 7.42 -20.25 12.50
C GLN B 330 6.79 -19.14 11.67
N ASP B 331 5.80 -19.47 10.80
CA ASP B 331 5.22 -18.47 9.92
C ASP B 331 4.63 -17.28 10.71
N LYS B 332 4.10 -17.55 11.91
CA LYS B 332 3.54 -16.45 12.63
C LYS B 332 4.61 -15.40 13.07
N GLU B 333 5.78 -15.86 13.52
CA GLU B 333 6.86 -14.95 13.89
C GLU B 333 7.26 -14.05 12.69
N LEU B 334 7.15 -14.58 11.49
CA LEU B 334 7.50 -13.84 10.28
C LEU B 334 6.42 -12.88 9.83
N THR B 335 5.27 -12.87 10.52
CA THR B 335 4.25 -11.87 10.27
C THR B 335 4.05 -10.87 11.41
N THR B 336 4.60 -11.12 12.58
CA THR B 336 4.42 -10.21 13.69
C THR B 336 5.61 -9.28 13.78
N GLU B 337 5.32 -7.99 13.84
CA GLU B 337 6.29 -6.93 13.98
C GLU B 337 7.05 -6.94 15.30
N ARG B 338 6.43 -7.45 16.32
CA ARG B 338 7.07 -7.56 17.63
C ARG B 338 7.40 -9.05 17.80
N PRO B 339 8.51 -9.34 18.45
CA PRO B 339 8.96 -10.73 18.51
C PRO B 339 8.29 -11.57 19.62
N HIS B 340 7.88 -12.78 19.30
CA HIS B 340 7.24 -13.63 20.34
C HIS B 340 8.23 -13.93 21.44
N GLY B 341 7.77 -13.78 22.67
CA GLY B 341 8.61 -13.92 23.85
C GLY B 341 7.89 -14.13 25.18
N HIS B 342 8.69 -14.35 26.23
CA HIS B 342 8.17 -14.91 27.44
C HIS B 342 9.08 -14.56 28.61
N ILE B 343 8.48 -14.41 29.77
CA ILE B 343 9.20 -14.19 31.03
C ILE B 343 8.88 -15.31 31.98
N LEU B 344 9.93 -15.93 32.49
CA LEU B 344 9.84 -16.95 33.51
C LEU B 344 10.09 -16.31 34.89
N THR B 346 10.11 -17.46 39.31
CA THR B 346 9.96 -18.45 40.37
C THR B 346 8.78 -18.15 41.31
N ASN B 347 8.20 -19.22 41.81
CA ASN B 347 7.13 -19.10 42.72
C ASN B 347 7.58 -18.48 44.03
N PHE B 348 6.64 -17.87 44.72
CA PHE B 348 6.95 -17.24 46.03
C PHE B 348 5.77 -17.47 46.96
N ASP B 349 5.98 -17.15 48.23
CA ASP B 349 4.94 -17.29 49.28
C ASP B 349 3.95 -16.14 49.01
N VAL B 350 2.73 -16.51 48.71
CA VAL B 350 1.70 -15.60 48.25
C VAL B 350 0.95 -14.89 49.40
N THR B 351 1.47 -14.95 50.61
CA THR B 351 0.94 -14.15 51.74
C THR B 351 1.84 -12.92 52.07
N LYS B 352 2.98 -12.77 51.41
CA LYS B 352 3.94 -11.70 51.69
C LYS B 352 4.54 -11.13 50.42
N VAL B 353 4.95 -9.90 50.49
CA VAL B 353 5.65 -9.23 49.37
C VAL B 353 6.98 -9.97 49.24
N PRO B 354 7.21 -10.63 48.12
CA PRO B 354 8.41 -11.43 47.97
C PRO B 354 9.67 -10.59 47.71
N GLN B 355 10.80 -11.17 48.09
CA GLN B 355 12.11 -10.60 47.75
C GLN B 355 12.92 -11.72 47.11
N GLY B 356 13.88 -11.36 46.30
CA GLY B 356 14.77 -12.36 45.69
C GLY B 356 14.09 -13.28 44.66
N VAL B 357 13.06 -12.79 43.97
CA VAL B 357 12.38 -13.67 42.99
C VAL B 357 13.35 -13.78 41.80
N VAL B 358 13.52 -14.98 41.30
CA VAL B 358 14.37 -15.22 40.13
C VAL B 358 13.52 -15.12 38.86
N SER B 359 14.06 -14.43 37.87
CA SER B 359 13.36 -14.26 36.59
C SER B 359 14.31 -14.36 35.40
N SER B 360 13.76 -14.74 34.24
CA SER B 360 14.50 -14.82 33.00
C SER B 360 13.58 -14.52 31.84
N THR B 361 14.06 -13.88 30.80
CA THR B 361 13.28 -13.59 29.61
C THR B 361 13.77 -14.45 28.44
N ASN B 362 12.89 -14.85 27.53
CA ASN B 362 13.33 -15.56 26.33
C ASN B 362 12.45 -15.23 25.14
N TYR B 363 12.94 -15.48 23.92
CA TYR B 363 12.25 -15.13 22.71
C TYR B 363 12.35 -16.27 21.70
N TYR B 365 13.09 -16.38 18.60
CA TYR B 365 14.27 -16.43 17.66
C TYR B 365 15.60 -16.76 18.32
N GLY B 366 15.59 -17.71 19.21
CA GLY B 366 16.84 -18.29 19.74
C GLY B 366 17.50 -17.42 20.81
N ALA B 367 16.77 -16.57 21.48
CA ALA B 367 17.30 -15.88 22.71
C ALA B 367 16.85 -16.68 23.89
N PHE B 368 17.67 -17.63 24.36
CA PHE B 368 17.21 -18.62 25.31
C PHE B 368 17.06 -18.17 26.76
N ASN B 369 17.72 -17.06 27.08
CA ASN B 369 17.80 -16.60 28.49
C ASN B 369 18.50 -15.27 28.55
N CYS B 370 17.69 -14.22 28.68
CA CYS B 370 18.17 -12.87 28.79
C CYS B 370 17.74 -12.36 30.16
N GLN B 371 18.49 -11.40 30.70
CA GLN B 371 18.07 -10.72 31.90
C GLN B 371 17.79 -11.70 33.05
N PHE B 372 18.68 -12.65 33.30
CA PHE B 372 18.57 -13.56 34.42
C PHE B 372 18.81 -12.70 35.67
N VAL B 373 17.83 -12.62 36.56
CA VAL B 373 17.94 -11.75 37.76
C VAL B 373 17.52 -12.51 39.02
N VAL B 374 18.02 -12.05 40.16
CA VAL B 374 17.54 -12.52 41.45
C VAL B 374 17.14 -11.28 42.28
N GLY B 375 15.83 -11.01 42.37
CA GLY B 375 15.33 -9.73 42.99
C GLY B 375 15.38 -8.67 41.93
N ASN B 376 16.00 -7.55 42.26
CA ASN B 376 15.93 -6.39 41.44
C ASN B 376 16.25 -6.65 39.95
N THR B 377 15.31 -6.33 39.07
CA THR B 377 15.42 -6.75 37.66
C THR B 377 16.39 -5.85 36.87
N THR B 378 16.88 -4.77 37.48
CA THR B 378 17.91 -3.92 36.87
C THR B 378 19.29 -4.21 37.39
N TYR B 379 19.46 -4.23 38.71
CA TYR B 379 20.77 -4.37 39.34
C TYR B 379 21.22 -5.79 39.62
N ASN B 380 20.32 -6.72 39.95
CA ASN B 380 20.77 -8.02 40.46
C ASN B 380 20.79 -9.06 39.32
N LYS B 381 21.58 -8.76 38.31
CA LYS B 381 21.53 -9.40 37.02
C LYS B 381 22.80 -10.13 36.66
N LEU B 382 22.63 -11.29 36.10
CA LEU B 382 23.75 -12.11 35.58
C LEU B 382 23.95 -11.97 34.07
N LEU B 383 22.83 -12.03 33.35
CA LEU B 383 22.83 -12.02 31.86
C LEU B 383 22.19 -10.77 31.27
N SER B 384 22.78 -10.30 30.20
CA SER B 384 22.37 -9.06 29.57
C SER B 384 20.93 -9.10 29.02
N ASN B 385 20.38 -7.90 28.84
CA ASN B 385 18.99 -7.71 28.41
C ASN B 385 18.86 -7.91 26.91
N HIS B 386 17.71 -8.40 26.50
CA HIS B 386 17.31 -8.42 25.12
C HIS B 386 17.09 -6.97 24.64
N ARG B 387 17.44 -6.69 23.40
CA ARG B 387 17.31 -5.38 22.82
C ARG B 387 16.75 -5.47 21.44
N GLY B 388 16.06 -4.42 21.01
CA GLY B 388 15.57 -4.32 19.67
C GLY B 388 14.40 -5.27 19.37
N LEU B 389 14.14 -5.48 18.09
CA LEU B 389 13.02 -6.30 17.68
C LEU B 389 13.27 -7.41 16.65
N LEU B 390 14.36 -7.32 15.91
CA LEU B 390 14.57 -8.19 14.76
C LEU B 390 15.76 -9.09 14.89
N ASN B 391 16.45 -9.08 16.05
CA ASN B 391 17.54 -9.98 16.34
C ASN B 391 18.74 -9.76 15.43
N ILE B 392 18.99 -8.52 15.02
CA ILE B 392 20.19 -8.21 14.20
C ILE B 392 21.39 -8.38 15.09
N GLN B 393 21.38 -7.69 16.24
CA GLN B 393 22.32 -8.02 17.30
C GLN B 393 21.68 -9.19 18.06
N LYS B 394 22.33 -10.32 18.02
CA LYS B 394 21.85 -11.58 18.53
C LYS B 394 22.78 -12.18 19.55
N ASP B 395 23.47 -11.31 20.29
CA ASP B 395 24.39 -11.75 21.32
C ASP B 395 23.88 -11.84 22.72
N SER B 396 22.78 -11.20 23.00
CA SER B 396 22.40 -10.94 24.39
C SER B 396 22.01 -12.23 25.11
N GLY B 397 22.30 -12.27 26.38
CA GLY B 397 21.96 -13.37 27.21
C GLY B 397 22.66 -14.63 26.80
N GLN B 398 21.91 -15.73 26.78
CA GLN B 398 22.40 -17.02 26.54
C GLN B 398 22.02 -17.37 25.10
N ARG B 399 23.02 -17.78 24.29
CA ARG B 399 22.80 -18.12 22.87
C ARG B 399 23.48 -19.43 22.56
N ILE B 400 23.04 -20.12 21.50
CA ILE B 400 23.57 -21.44 21.24
C ILE B 400 24.02 -21.53 19.81
N PHE B 401 25.26 -22.05 19.64
CA PHE B 401 25.81 -22.44 18.35
C PHE B 401 25.88 -23.96 18.25
N ILE B 402 25.53 -24.49 17.09
CA ILE B 402 25.62 -25.89 16.83
C ILE B 402 26.45 -26.12 15.59
N LYS B 403 27.27 -27.17 15.61
CA LYS B 403 28.12 -27.47 14.45
C LYS B 403 27.32 -28.24 13.41
N ILE B 404 27.20 -27.65 12.24
CA ILE B 404 26.49 -28.29 11.09
C ILE B 404 27.50 -28.28 9.98
N GLY B 405 27.90 -29.47 9.53
CA GLY B 405 29.02 -29.62 8.57
C GLY B 405 30.33 -29.13 9.17
N ASP B 406 30.98 -28.21 8.49
CA ASP B 406 32.27 -27.66 8.94
C ASP B 406 32.25 -26.57 9.99
N CYS B 407 31.07 -26.00 10.20
CA CYS B 407 30.96 -24.70 10.85
C CYS B 407 30.02 -24.70 12.03
N TYR B 408 30.41 -23.98 13.07
CA TYR B 408 29.42 -23.63 14.11
C TYR B 408 28.45 -22.58 13.55
N ARG B 409 27.17 -22.80 13.82
CA ARG B 409 26.09 -21.95 13.36
C ARG B 409 25.13 -21.57 14.49
N GLN B 410 24.85 -20.31 14.60
CA GLN B 410 24.01 -19.85 15.77
C GLN B 410 22.54 -20.15 15.55
N LEU B 411 21.91 -20.85 16.48
CA LEU B 411 20.48 -21.11 16.36
C LEU B 411 19.64 -19.82 16.40
N THR B 412 18.73 -19.65 15.44
CA THR B 412 17.82 -18.52 15.50
C THR B 412 16.35 -18.99 15.58
N LEU B 413 15.69 -19.09 14.43
CA LEU B 413 14.25 -19.27 14.38
C LEU B 413 13.86 -20.71 14.26
N PRO B 414 13.10 -21.18 15.21
CA PRO B 414 12.78 -22.64 15.27
C PRO B 414 11.53 -22.92 14.41
N ALA B 415 11.18 -24.18 14.27
CA ALA B 415 9.93 -24.59 13.55
C ALA B 415 8.72 -24.21 14.45
N ALA B 416 8.89 -24.43 15.74
CA ALA B 416 7.85 -24.14 16.73
C ALA B 416 8.44 -23.69 18.06
N TYR B 417 7.63 -22.94 18.82
CA TYR B 417 7.98 -22.37 20.11
C TYR B 417 6.76 -22.51 21.04
N GLU B 418 6.93 -23.25 22.13
CA GLU B 418 5.84 -23.67 23.00
C GLU B 418 6.10 -23.06 24.36
N ASN B 420 4.80 -22.24 28.32
CA ASN B 420 3.99 -22.61 29.42
C ASN B 420 4.35 -21.65 30.52
N VAL B 421 3.50 -21.46 31.53
CA VAL B 421 3.93 -20.54 32.64
C VAL B 421 5.22 -20.97 33.32
N ALA B 422 5.55 -22.28 33.27
CA ALA B 422 6.82 -22.78 33.85
C ALA B 422 8.09 -22.74 32.92
N GLY B 423 7.92 -22.55 31.62
CA GLY B 423 9.05 -22.68 30.72
C GLY B 423 8.73 -22.47 29.26
N SER B 424 9.81 -22.49 28.45
CA SER B 424 9.70 -22.38 27.05
C SER B 424 10.41 -23.53 26.35
N THR B 425 9.85 -24.00 25.24
CA THR B 425 10.49 -25.04 24.49
C THR B 425 10.62 -24.60 23.03
N TRP B 426 11.79 -24.81 22.45
CA TRP B 426 12.04 -24.53 21.08
C TRP B 426 12.26 -25.85 20.30
N TYR B 427 11.64 -25.97 19.14
CA TYR B 427 11.81 -27.13 18.33
C TYR B 427 12.53 -26.76 17.04
N TYR B 428 13.75 -27.26 16.85
CA TYR B 428 14.47 -26.98 15.63
C TYR B 428 14.55 -28.24 14.76
N GLN B 429 14.09 -28.13 13.55
CA GLN B 429 14.18 -29.23 12.59
C GLN B 429 15.57 -29.15 11.96
N LEU B 430 16.32 -30.20 12.17
CA LEU B 430 17.60 -30.42 11.52
C LEU B 430 17.43 -31.52 10.45
N ASP B 431 18.52 -31.80 9.77
CA ASP B 431 18.58 -32.90 8.76
C ASP B 431 18.34 -34.21 9.46
N GLU B 432 17.21 -34.83 9.19
CA GLU B 432 16.81 -36.07 9.88
C GLU B 432 16.89 -36.11 11.44
N ASP B 433 16.61 -34.99 12.10
CA ASP B 433 16.56 -34.98 13.55
C ASP B 433 15.82 -33.71 13.97
N VAL B 434 15.37 -33.72 15.21
CA VAL B 434 14.74 -32.55 15.83
C VAL B 434 15.53 -32.25 17.13
N LEU B 435 16.02 -31.04 17.24
CA LEU B 435 16.68 -30.59 18.43
C LEU B 435 15.65 -29.82 19.27
N ILE B 436 15.43 -30.27 20.47
CA ILE B 436 14.50 -29.65 21.41
C ILE B 436 15.28 -28.93 22.48
N ILE B 437 15.01 -27.62 22.60
CA ILE B 437 15.68 -26.81 23.61
C ILE B 437 14.63 -26.34 24.61
N THR B 438 14.92 -26.46 25.91
CA THR B 438 14.02 -26.04 26.89
C THR B 438 14.67 -25.13 27.91
N SER B 439 13.96 -24.05 28.28
CA SER B 439 14.44 -23.20 29.39
C SER B 439 13.29 -23.08 30.38
N PHE B 440 13.48 -23.55 31.60
CA PHE B 440 12.42 -23.63 32.57
C PHE B 440 12.82 -23.24 33.99
N ALA B 441 11.81 -22.76 34.72
CA ALA B 441 11.93 -22.39 36.12
C ALA B 441 11.74 -23.57 37.02
N TYR B 443 10.57 -25.07 40.65
CA TYR B 443 9.62 -24.78 41.75
C TYR B 443 10.31 -24.85 43.09
N ASN B 444 10.12 -23.84 43.91
CA ASN B 444 10.72 -23.74 45.24
C ASN B 444 12.25 -23.57 45.28
N ARG B 445 12.86 -23.17 44.18
CA ARG B 445 14.31 -23.06 44.11
C ARG B 445 14.68 -21.91 43.17
N PRO B 446 15.72 -21.13 43.53
CA PRO B 446 16.04 -19.94 42.77
C PRO B 446 16.87 -20.28 41.54
N GLU B 447 16.28 -21.05 40.62
CA GLU B 447 17.00 -21.53 39.47
C GLU B 447 16.17 -21.50 38.16
N ILE B 448 16.90 -21.30 37.07
CA ILE B 448 16.43 -21.54 35.70
C ILE B 448 17.41 -22.55 35.07
N VAL B 449 16.85 -23.46 34.26
CA VAL B 449 17.56 -24.57 33.72
C VAL B 449 17.43 -24.52 32.22
N LEU B 450 18.55 -24.70 31.53
CA LEU B 450 18.59 -24.95 30.11
C LEU B 450 18.87 -26.43 29.90
N LYS B 451 18.00 -27.06 29.10
CA LYS B 451 18.17 -28.36 28.62
C LYS B 451 18.15 -28.43 27.13
N VAL B 452 19.13 -29.15 26.58
CA VAL B 452 19.24 -29.39 25.15
C VAL B 452 19.17 -30.89 24.89
N GLN B 453 18.35 -31.31 23.92
CA GLN B 453 18.14 -32.68 23.64
C GLN B 453 17.89 -32.96 22.18
N SER B 454 18.71 -33.86 21.61
CA SER B 454 18.44 -34.39 20.29
C SER B 454 17.37 -35.44 20.44
N LEU B 455 16.29 -35.28 19.67
CA LEU B 455 15.24 -36.31 19.69
C LEU B 455 15.66 -37.66 19.20
N GLY B 456 16.49 -37.67 18.19
CA GLY B 456 17.02 -38.95 17.66
C GLY B 456 18.22 -39.46 18.43
N HIS B 457 18.58 -38.83 19.55
CA HIS B 457 19.81 -39.22 20.27
C HIS B 457 21.04 -39.18 19.37
N LYS B 458 21.11 -38.21 18.48
CA LYS B 458 22.30 -37.99 17.69
C LYS B 458 23.21 -37.03 18.45
N LYS B 459 24.52 -37.16 18.26
CA LYS B 459 25.48 -36.31 18.96
C LYS B 459 25.89 -35.13 18.11
N TYR B 460 26.14 -33.99 18.78
CA TYR B 460 26.53 -32.79 18.08
C TYR B 460 27.55 -32.07 18.90
N ASP B 461 28.23 -31.13 18.26
CA ASP B 461 29.10 -30.20 18.97
C ASP B 461 28.34 -28.87 19.15
N PHE B 462 28.58 -28.20 20.29
CA PHE B 462 27.89 -26.97 20.62
C PHE B 462 28.85 -25.98 21.27
N ILE B 463 28.56 -24.71 21.06
CA ILE B 463 29.08 -23.63 21.92
C ILE B 463 27.89 -22.85 22.45
N VAL B 464 27.80 -22.68 23.77
CA VAL B 464 26.79 -21.85 24.42
C VAL B 464 27.47 -20.62 24.98
N THR B 465 27.07 -19.45 24.50
CA THR B 465 27.64 -18.19 24.89
C THR B 465 26.71 -17.48 25.89
N HIS B 466 27.33 -16.70 26.75
CA HIS B 466 26.65 -16.00 27.81
C HIS B 466 27.25 -14.59 27.94
N GLN B 467 26.47 -13.58 27.59
CA GLN B 467 26.86 -12.22 27.71
C GLN B 467 26.61 -11.79 29.15
N LEU B 468 27.66 -11.87 29.96
CA LEU B 468 27.53 -11.60 31.38
C LEU B 468 27.42 -10.15 31.67
N THR B 469 26.73 -9.84 32.75
CA THR B 469 26.73 -8.52 33.32
C THR B 469 27.27 -8.54 34.78
N VAL B 470 26.59 -9.24 35.68
CA VAL B 470 26.90 -9.35 37.10
C VAL B 470 26.92 -7.94 37.67
N GLY B 471 25.75 -7.35 37.65
CA GLY B 471 25.59 -5.91 37.66
C GLY B 471 24.60 -5.47 36.59
N PRO B 472 24.32 -4.16 36.54
CA PRO B 472 23.19 -3.66 35.70
C PRO B 472 23.35 -3.75 34.18
N ASN B 473 24.56 -3.69 33.70
CA ASN B 473 24.80 -3.54 32.26
C ASN B 473 26.06 -4.30 31.85
N GLU B 474 26.06 -4.75 30.62
CA GLU B 474 27.27 -5.35 30.03
C GLU B 474 28.35 -4.27 29.77
N TYR B 475 29.61 -4.69 29.83
CA TYR B 475 30.74 -3.82 29.45
C TYR B 475 30.98 -2.67 30.43
N GLU B 476 30.50 -2.79 31.65
CA GLU B 476 30.61 -1.69 32.60
C GLU B 476 31.64 -2.01 33.66
N ASN B 477 31.63 -3.22 34.20
CA ASN B 477 32.49 -3.53 35.35
C ASN B 477 33.02 -4.90 35.27
N GLU B 478 34.17 -5.10 35.92
CA GLU B 478 34.79 -6.39 35.98
C GLU B 478 33.94 -7.37 36.82
N ILE B 479 34.20 -8.65 36.63
CA ILE B 479 33.38 -9.71 37.26
C ILE B 479 34.29 -10.73 37.94
N LYS B 480 33.92 -11.18 39.15
CA LYS B 480 34.67 -12.21 39.81
C LYS B 480 34.09 -13.55 39.38
N LEU B 481 34.94 -14.43 38.90
CA LEU B 481 34.53 -15.74 38.46
C LEU B 481 35.45 -16.77 39.06
N THR B 482 34.87 -17.76 39.72
CA THR B 482 35.66 -18.93 40.19
C THR B 482 35.01 -20.21 39.73
N ARG B 483 35.82 -21.24 39.64
CA ARG B 483 35.40 -22.51 39.14
C ARG B 483 35.87 -23.59 40.09
N GLU B 484 35.01 -24.57 40.32
CA GLU B 484 35.31 -25.71 41.19
C GLU B 484 34.65 -26.91 40.46
N GLY B 485 35.39 -27.57 39.59
CA GLY B 485 34.89 -28.70 38.81
C GLY B 485 33.88 -28.24 37.78
N ASN B 486 32.67 -28.73 37.91
CA ASN B 486 31.60 -28.36 36.99
C ASN B 486 30.70 -27.19 37.54
N ILE B 487 31.15 -26.49 38.57
CA ILE B 487 30.38 -25.40 39.17
C ILE B 487 31.15 -24.08 39.05
N LEU B 488 30.47 -23.06 38.50
CA LEU B 488 31.01 -21.72 38.36
C LEU B 488 30.30 -20.85 39.34
N GLN B 489 31.00 -19.93 39.96
CA GLN B 489 30.39 -18.91 40.82
C GLN B 489 30.80 -17.53 40.37
N LEU B 490 29.83 -16.63 40.22
CA LEU B 490 30.09 -15.31 39.70
C LEU B 490 29.59 -14.28 40.67
N SER B 491 30.38 -13.26 40.89
CA SER B 491 29.94 -12.20 41.77
C SER B 491 30.53 -10.84 41.41
N PRO B 492 29.85 -9.76 41.81
CA PRO B 492 30.21 -8.43 41.38
C PRO B 492 31.43 -7.85 42.10
N THR B 493 32.25 -7.10 41.40
CA THR B 493 33.44 -6.52 42.01
C THR B 493 33.01 -5.29 42.82
N ASP B 494 33.91 -4.81 43.69
CA ASP B 494 33.60 -3.75 44.67
C ASP B 494 32.92 -2.51 44.18
N PRO B 495 33.37 -1.93 43.03
CA PRO B 495 32.70 -0.67 42.55
C PRO B 495 31.21 -0.84 42.15
N VAL B 496 30.78 -2.05 41.82
CA VAL B 496 29.42 -2.25 41.29
C VAL B 496 28.38 -1.92 42.40
N VAL B 497 27.35 -1.20 42.00
CA VAL B 497 26.33 -0.71 42.93
C VAL B 497 25.63 -1.90 43.67
N THR B 498 25.49 -3.00 42.93
CA THR B 498 24.96 -4.27 43.42
C THR B 498 25.71 -4.75 44.63
N ASN B 499 27.03 -4.65 44.53
CA ASN B 499 27.90 -5.07 45.63
C ASN B 499 27.64 -4.28 46.90
N HIS B 500 27.22 -3.06 46.76
CA HIS B 500 27.01 -2.27 47.94
C HIS B 500 25.75 -2.63 48.73
N PHE B 501 24.61 -2.81 48.07
CA PHE B 501 23.35 -3.09 48.78
C PHE B 501 23.00 -4.58 48.88
N TYR B 502 23.63 -5.40 48.04
CA TYR B 502 23.56 -6.86 48.11
C TYR B 502 24.95 -7.48 48.12
N PRO B 503 25.72 -7.22 49.22
CA PRO B 503 27.11 -7.58 49.28
C PRO B 503 27.31 -9.08 49.24
N GLU B 504 26.32 -9.86 49.58
CA GLU B 504 26.41 -11.32 49.50
C GLU B 504 25.82 -11.87 48.20
N LEU B 505 25.55 -11.01 47.24
CA LEU B 505 24.92 -11.52 46.02
C LEU B 505 25.92 -12.35 45.26
N SER B 506 25.47 -13.52 44.80
CA SER B 506 26.21 -14.22 43.80
C SER B 506 25.31 -15.08 42.89
N PHE B 507 25.92 -15.55 41.81
CA PHE B 507 25.27 -16.51 40.89
C PHE B 507 26.11 -17.72 40.77
N ARG B 508 25.49 -18.84 40.43
CA ARG B 508 26.20 -20.04 40.14
C ARG B 508 25.66 -20.70 38.87
N ARG B 510 25.98 -24.65 37.06
CA ARG B 510 26.49 -25.97 36.88
C ARG B 510 26.56 -26.25 35.38
N ILE B 511 27.76 -26.52 34.91
CA ILE B 511 28.02 -26.75 33.48
C ILE B 511 28.27 -28.21 33.22
N PRO B 512 28.17 -28.64 31.96
CA PRO B 512 28.37 -30.06 31.69
C PRO B 512 29.82 -30.55 31.94
N GLU B 513 29.93 -31.80 32.37
CA GLU B 513 31.20 -32.39 32.69
C GLU B 513 32.04 -32.44 31.41
N ASP B 514 33.29 -32.06 31.53
CA ASP B 514 34.18 -32.14 30.37
C ASP B 514 34.05 -31.04 29.33
N CYS B 515 33.17 -30.06 29.51
CA CYS B 515 33.12 -28.96 28.56
C CYS B 515 34.37 -28.12 28.71
N THR B 516 34.65 -27.22 27.77
CA THR B 516 35.73 -26.30 27.94
C THR B 516 35.15 -24.89 28.01
N LEU B 517 35.80 -24.09 28.84
CA LEU B 517 35.40 -22.74 29.16
C LEU B 517 36.33 -21.73 28.57
N SER B 518 35.79 -20.68 27.98
CA SER B 518 36.60 -19.59 27.49
C SER B 518 35.79 -18.33 27.44
N ASP B 519 36.33 -17.30 26.82
CA ASP B 519 35.60 -16.12 26.43
C ASP B 519 35.34 -16.17 24.93
N ASP B 520 35.28 -15.03 24.25
CA ASP B 520 35.11 -15.02 22.80
C ASP B 520 36.35 -15.47 21.97
N SER B 521 37.45 -15.76 22.66
CA SER B 521 38.74 -16.10 21.98
C SER B 521 38.60 -17.30 21.05
N ILE B 522 37.85 -18.30 21.46
CA ILE B 522 37.65 -19.49 20.65
C ILE B 522 36.93 -19.29 19.33
N PHE B 523 36.29 -18.16 19.13
CA PHE B 523 35.70 -17.82 17.86
C PHE B 523 36.65 -17.31 16.80
N PHE B 524 37.86 -16.89 17.21
CA PHE B 524 38.76 -16.17 16.31
C PHE B 524 40.01 -17.00 15.90
N HIS B 525 40.49 -16.77 14.68
CA HIS B 525 41.79 -17.39 14.20
C HIS B 525 42.92 -17.14 15.17
N ASN B 526 43.01 -15.88 15.57
CA ASN B 526 43.89 -15.35 16.62
C ASN B 526 43.96 -16.29 17.82
N ASN B 527 42.79 -16.84 18.16
CA ASN B 527 42.50 -17.35 19.48
C ASN B 527 42.65 -16.24 20.57
N THR B 528 42.41 -14.97 20.21
CA THR B 528 42.68 -13.89 21.14
C THR B 528 41.38 -13.22 21.58
N THR B 529 41.29 -13.05 22.87
CA THR B 529 40.14 -12.45 23.50
C THR B 529 39.88 -11.02 23.02
N ILE B 530 38.61 -10.68 22.75
CA ILE B 530 38.26 -9.27 22.57
C ILE B 530 37.29 -8.86 23.63
N ASN B 531 36.17 -9.57 23.70
CA ASN B 531 35.24 -9.45 24.80
C ASN B 531 35.53 -10.52 25.87
N PRO B 532 36.15 -10.11 27.00
CA PRO B 532 36.45 -11.04 28.11
C PRO B 532 35.26 -11.49 28.95
N SER B 533 34.13 -10.79 28.87
CA SER B 533 32.95 -11.11 29.67
C SER B 533 31.89 -11.92 28.88
N LEU B 534 32.22 -12.39 27.67
CA LEU B 534 31.44 -13.40 27.03
C LEU B 534 31.90 -14.69 27.54
N LEU B 535 31.07 -15.41 28.28
CA LEU B 535 31.41 -16.71 28.83
C LEU B 535 30.93 -17.81 27.90
N SER B 536 31.87 -18.54 27.29
CA SER B 536 31.57 -19.54 26.26
C SER B 536 31.90 -20.94 26.73
N ILE B 537 30.98 -21.85 26.44
CA ILE B 537 31.05 -23.17 26.91
C ILE B 537 31.00 -24.09 25.70
N GLU B 538 32.10 -24.79 25.42
CA GLU B 538 32.16 -25.71 24.31
C GLU B 538 31.92 -27.14 24.75
N ILE B 539 30.98 -27.76 24.09
CA ILE B 539 30.50 -29.09 24.50
C ILE B 539 30.58 -29.93 23.28
N LEU B 540 31.37 -31.00 23.35
CA LEU B 540 31.69 -31.79 22.17
C LEU B 540 30.99 -33.10 22.18
N GLN B 541 30.46 -33.48 21.01
CA GLN B 541 29.89 -34.81 20.85
C GLN B 541 28.91 -35.28 21.92
N LYS B 542 27.86 -34.48 22.14
CA LYS B 542 26.76 -34.89 23.07
C LYS B 542 25.44 -34.83 22.42
N SER B 543 24.57 -35.76 22.76
CA SER B 543 23.18 -35.76 22.29
C SER B 543 22.22 -35.03 23.27
N SER B 544 22.73 -34.67 24.45
CA SER B 544 22.01 -33.85 25.37
C SER B 544 22.92 -33.27 26.43
N PHE B 545 22.53 -32.16 26.99
CA PHE B 545 23.25 -31.58 28.10
C PHE B 545 22.33 -30.61 28.78
N ASP B 546 22.80 -30.09 29.92
CA ASP B 546 22.12 -29.01 30.56
C ASP B 546 23.06 -28.01 31.19
N ILE B 547 22.51 -26.82 31.44
CA ILE B 547 23.18 -25.78 32.18
C ILE B 547 22.17 -25.26 33.19
N VAL B 548 22.54 -25.30 34.49
CA VAL B 548 21.62 -24.90 35.55
C VAL B 548 22.12 -23.61 36.19
N GLN B 550 21.73 -20.51 38.99
CA GLN B 550 21.20 -20.21 40.32
C GLN B 550 21.47 -18.75 40.63
N GLY B 551 20.53 -18.12 41.33
CA GLY B 551 20.69 -16.78 41.82
C GLY B 551 20.56 -16.71 43.34
N PHE B 552 21.48 -16.00 44.01
CA PHE B 552 21.42 -15.85 45.45
C PHE B 552 21.65 -14.43 45.83
N ASP B 553 20.59 -13.70 46.11
CA ASP B 553 20.73 -12.27 46.46
C ASP B 553 21.33 -12.05 47.85
N THR B 554 21.08 -13.01 48.74
CA THR B 554 21.57 -12.88 50.16
C THR B 554 22.59 -13.95 50.49
N GLY B 555 23.17 -14.60 49.51
CA GLY B 555 24.16 -15.60 49.77
C GLY B 555 23.71 -16.91 50.37
N ASN B 556 22.43 -17.24 50.29
CA ASN B 556 21.97 -18.53 50.82
C ASN B 556 22.18 -19.67 49.79
N VAL B 557 23.43 -19.98 49.50
CA VAL B 557 23.80 -20.92 48.43
C VAL B 557 23.28 -22.30 48.78
N ILE B 558 22.64 -22.98 47.84
CA ILE B 558 22.22 -24.37 48.05
C ILE B 558 22.85 -25.27 46.97
N PRO B 559 23.08 -26.55 47.30
CA PRO B 559 23.59 -27.46 46.32
C PRO B 559 22.63 -27.69 45.14
N PHE B 560 23.21 -28.08 44.01
CA PHE B 560 22.48 -28.49 42.87
C PHE B 560 21.83 -29.82 43.14
N LEU B 561 20.68 -30.06 42.53
CA LEU B 561 20.06 -31.36 42.53
C LEU B 561 20.84 -32.27 41.61
N ASP B 562 20.64 -33.57 41.78
CA ASP B 562 21.21 -34.54 40.84
C ASP B 562 20.44 -34.52 39.54
N GLN B 563 19.12 -34.40 39.59
CA GLN B 563 18.27 -34.45 38.37
C GLN B 563 17.39 -33.17 38.30
N TYR B 564 17.28 -32.60 37.10
CA TYR B 564 16.44 -31.43 36.80
C TYR B 564 15.38 -31.78 35.77
N ASP B 565 14.16 -31.92 36.23
CA ASP B 565 13.05 -32.49 35.42
C ASP B 565 11.99 -31.41 35.16
N TYR B 566 11.74 -31.07 33.91
CA TYR B 566 10.79 -30.03 33.56
C TYR B 566 9.36 -30.45 33.97
N LYS B 567 9.00 -31.67 33.66
CA LYS B 567 7.63 -32.12 33.92
C LYS B 567 7.21 -31.91 35.39
N GLU B 568 8.06 -32.26 36.34
CA GLU B 568 7.70 -31.99 37.73
C GLU B 568 7.49 -30.51 38.04
N GLN B 569 8.25 -29.62 37.40
CA GLN B 569 8.07 -28.18 37.65
C GLN B 569 6.76 -27.73 37.04
N LEU B 570 6.52 -28.21 35.82
CA LEU B 570 5.30 -27.88 35.13
C LEU B 570 4.00 -28.24 35.96
N GLU B 571 4.01 -29.39 36.59
CA GLU B 571 2.87 -29.78 37.41
C GLU B 571 2.75 -28.90 38.64
N ALA B 572 3.87 -28.65 39.29
CA ALA B 572 3.82 -27.78 40.49
C ALA B 572 3.34 -26.34 40.11
N TYR B 573 3.89 -25.76 39.04
CA TYR B 573 3.45 -24.43 38.59
C TYR B 573 2.00 -24.44 38.15
N ARG B 574 1.52 -25.54 37.57
CA ARG B 574 0.13 -25.61 37.19
C ARG B 574 -0.79 -25.41 38.40
N ILE B 575 -0.47 -26.09 39.48
CA ILE B 575 -1.24 -26.01 40.70
C ILE B 575 -1.14 -24.63 41.32
N TYR B 576 0.07 -24.09 41.36
CA TYR B 576 0.29 -22.76 41.93
C TYR B 576 -0.57 -21.72 41.21
N TYR B 577 -0.59 -21.77 39.88
CA TYR B 577 -1.43 -20.82 39.11
C TYR B 577 -2.94 -21.10 39.28
N ASP B 578 -3.34 -22.39 39.34
CA ASP B 578 -4.77 -22.75 39.57
C ASP B 578 -5.22 -22.09 40.92
N GLN B 579 -4.39 -22.21 41.94
CA GLN B 579 -4.68 -21.65 43.25
C GLN B 579 -4.71 -20.16 43.21
N LEU B 580 -3.83 -19.57 42.42
CA LEU B 580 -3.79 -18.14 42.32
C LEU B 580 -5.05 -17.57 41.75
N VAL B 581 -5.65 -18.25 40.77
CA VAL B 581 -6.95 -17.82 40.23
C VAL B 581 -8.18 -18.55 40.83
N CYS B 582 -8.02 -19.10 42.02
CA CYS B 582 -9.14 -19.72 42.77
C CYS B 582 -9.83 -20.81 41.94
N ASN B 583 -9.04 -21.56 41.17
CA ASN B 583 -9.50 -22.70 40.37
C ASN B 583 -10.55 -22.35 39.34
N PHE B 584 -10.49 -21.11 38.86
CA PHE B 584 -11.35 -20.58 37.85
C PHE B 584 -11.52 -21.56 36.73
N LYS B 585 -12.75 -21.91 36.39
CA LYS B 585 -12.97 -22.71 35.18
C LYS B 585 -14.41 -22.62 34.77
N LEU B 586 -14.65 -22.34 33.50
CA LEU B 586 -15.96 -22.23 32.96
C LEU B 586 -16.27 -23.49 32.25
N SER B 587 -17.50 -24.01 32.39
CA SER B 587 -17.88 -25.27 31.71
C SER B 587 -19.35 -25.24 31.31
N ALA B 588 -19.72 -26.14 30.43
CA ALA B 588 -21.12 -26.30 30.01
C ALA B 588 -21.33 -27.70 29.48
N PRO B 589 -22.58 -28.22 29.56
CA PRO B 589 -22.84 -29.55 29.02
C PRO B 589 -22.75 -29.60 27.53
N ASP B 590 -23.28 -28.58 26.87
CA ASP B 590 -23.19 -28.50 25.42
C ASP B 590 -21.82 -27.81 25.08
N LYS B 591 -21.66 -27.33 23.88
CA LYS B 591 -20.41 -26.66 23.51
C LYS B 591 -20.32 -25.38 24.32
N ILE B 592 -19.24 -25.20 25.03
CA ILE B 592 -19.00 -23.96 25.74
C ILE B 592 -18.95 -22.77 24.71
N PRO B 593 -19.53 -21.61 24.99
CA PRO B 593 -19.38 -20.48 24.08
C PRO B 593 -17.88 -20.05 23.91
N LEU B 594 -17.56 -19.56 22.75
CA LEU B 594 -16.18 -19.20 22.41
C LEU B 594 -15.53 -18.21 23.41
N SER B 595 -16.36 -17.28 23.91
CA SER B 595 -15.86 -16.33 24.89
C SER B 595 -15.44 -16.99 26.20
N ALA B 596 -16.21 -17.98 26.65
CA ALA B 596 -15.82 -18.74 27.81
C ALA B 596 -14.55 -19.55 27.55
N GLU B 597 -14.44 -20.12 26.36
CA GLU B 597 -13.27 -20.92 25.96
C GLU B 597 -11.97 -20.07 25.91
N LYS B 598 -12.09 -18.83 25.43
CA LYS B 598 -11.00 -17.88 25.49
C LYS B 598 -10.63 -17.49 26.91
N LEU B 599 -11.64 -17.25 27.77
CA LEU B 599 -11.33 -16.90 29.15
C LEU B 599 -10.59 -18.02 29.91
N ASN B 600 -11.01 -19.27 29.68
CA ASN B 600 -10.34 -20.42 30.28
C ASN B 600 -8.90 -20.54 29.78
N ALA B 601 -8.68 -20.22 28.49
CA ALA B 601 -7.32 -20.27 27.89
C ALA B 601 -6.44 -19.13 28.31
N ILE B 602 -7.02 -17.95 28.58
CA ILE B 602 -6.19 -16.76 28.85
C ILE B 602 -5.95 -16.45 30.30
N ILE B 603 -6.80 -16.95 31.23
CA ILE B 603 -6.80 -16.43 32.56
C ILE B 603 -5.49 -16.69 33.31
N HIS B 604 -4.87 -17.85 33.10
CA HIS B 604 -3.59 -18.14 33.80
C HIS B 604 -2.49 -17.33 33.15
N TRP B 605 -2.59 -17.09 31.85
CA TRP B 605 -1.59 -16.21 31.15
C TRP B 605 -1.63 -14.76 31.68
N TYR B 606 -2.83 -14.22 31.83
CA TYR B 606 -2.97 -12.89 32.45
C TYR B 606 -2.53 -12.89 33.91
N ALA B 607 -2.81 -13.99 34.61
CA ALA B 607 -2.34 -14.13 35.95
C ALA B 607 -0.84 -14.07 36.06
N HIS B 608 -0.16 -14.81 35.20
CA HIS B 608 1.27 -14.78 35.12
C HIS B 608 1.78 -13.39 34.82
N ASP B 609 1.21 -12.77 33.80
CA ASP B 609 1.63 -11.40 33.47
C ASP B 609 1.48 -10.41 34.63
N ALA B 610 0.35 -10.48 35.32
CA ALA B 610 0.11 -9.62 36.45
C ALA B 610 1.04 -9.92 37.60
N LEU B 611 1.35 -11.21 37.78
CA LEU B 611 2.24 -11.64 38.86
C LEU B 611 3.69 -11.12 38.61
N ILE B 612 4.12 -11.16 37.34
CA ILE B 612 5.38 -10.47 36.94
C ILE B 612 5.35 -8.96 37.21
N HIS B 613 4.31 -8.30 36.73
CA HIS B 613 4.11 -6.87 36.98
C HIS B 613 4.24 -6.49 38.46
N PHE B 614 3.74 -7.35 39.30
CA PHE B 614 3.88 -7.17 40.72
C PHE B 614 5.27 -7.52 41.28
N ALA B 615 5.73 -8.75 41.06
CA ALA B 615 6.83 -9.31 41.85
C ALA B 615 8.18 -9.19 41.21
N SER B 616 8.24 -9.18 39.87
CA SER B 616 9.49 -9.01 39.14
C SER B 616 9.31 -7.99 38.00
N PRO B 617 9.15 -6.70 38.33
CA PRO B 617 8.57 -5.79 37.40
C PRO B 617 9.42 -5.47 36.20
N HIS B 618 9.05 -6.07 35.06
CA HIS B 618 9.62 -5.75 33.79
C HIS B 618 8.78 -6.43 32.74
N GLY B 619 8.97 -5.97 31.52
CA GLY B 619 8.25 -6.48 30.36
C GLY B 619 9.13 -6.94 29.24
N LEU B 620 8.52 -7.19 28.09
CA LEU B 620 9.28 -7.58 26.92
C LEU B 620 9.97 -6.35 26.31
N GLU B 621 9.21 -5.44 25.71
CA GLU B 621 9.79 -4.15 25.30
C GLU B 621 10.32 -3.35 26.51
N GLN B 622 9.57 -3.33 27.61
CA GLN B 622 9.93 -2.47 28.74
C GLN B 622 10.78 -3.25 29.73
N SER B 623 12.04 -3.45 29.37
CA SER B 623 12.93 -4.36 30.14
C SER B 623 13.43 -3.68 31.39
N GLY B 624 13.49 -2.36 31.36
CA GLY B 624 13.96 -1.52 32.50
C GLY B 624 12.74 -1.13 33.36
N GLY B 625 12.52 -1.84 34.44
CA GLY B 625 11.38 -1.55 35.33
C GLY B 625 11.93 -1.55 36.72
N ALA B 626 11.87 -2.68 37.36
CA ALA B 626 12.41 -2.92 38.66
C ALA B 626 11.61 -2.28 39.80
N ALA B 627 11.20 -1.04 39.60
CA ALA B 627 10.39 -0.33 40.60
C ALA B 627 8.91 -0.72 40.59
N TRP B 628 8.24 -0.41 41.69
CA TRP B 628 6.81 -0.24 41.63
C TRP B 628 6.46 1.17 41.22
N GLY B 629 5.54 1.31 40.27
CA GLY B 629 4.82 2.54 40.02
C GLY B 629 3.79 2.68 41.10
N THR B 630 3.74 3.84 41.74
CA THR B 630 2.83 3.98 42.88
C THR B 630 1.37 3.73 42.45
N ARG B 631 0.95 4.38 41.40
CA ARG B 631 -0.43 4.19 40.97
C ARG B 631 -0.65 2.80 40.41
N ASP B 632 0.39 2.17 39.90
CA ASP B 632 0.30 0.86 39.25
C ASP B 632 0.14 -0.27 40.27
N VAL B 633 0.91 -0.24 41.36
CA VAL B 633 0.82 -1.27 42.35
C VAL B 633 -0.60 -1.21 43.00
N CYS B 634 -1.15 0.00 43.11
CA CYS B 634 -2.51 0.16 43.59
C CYS B 634 -3.64 -0.39 42.65
N GLN B 635 -3.33 -0.69 41.41
CA GLN B 635 -4.29 -1.16 40.44
C GLN B 635 -4.11 -2.59 40.09
N GLY B 636 -3.20 -2.93 39.17
CA GLY B 636 -3.10 -4.31 38.69
C GLY B 636 -2.94 -5.37 39.81
N PRO B 637 -1.94 -5.21 40.66
CA PRO B 637 -1.74 -6.19 41.71
C PRO B 637 -2.82 -6.17 42.79
N ILE B 638 -3.10 -5.01 43.37
CA ILE B 638 -4.09 -4.97 44.45
C ILE B 638 -5.48 -5.45 43.95
N GLU B 639 -5.89 -5.03 42.75
CA GLU B 639 -7.14 -5.48 42.25
C GLU B 639 -7.16 -6.98 42.01
N PHE B 640 -6.08 -7.52 41.45
CA PHE B 640 -5.99 -8.96 41.22
C PHE B 640 -6.09 -9.71 42.55
N PHE B 641 -5.30 -9.30 43.51
CA PHE B 641 -5.26 -10.02 44.76
C PHE B 641 -6.57 -9.86 45.58
N LEU B 642 -7.21 -8.68 45.58
CA LEU B 642 -8.53 -8.53 46.20
C LEU B 642 -9.60 -9.38 45.56
N THR B 643 -9.51 -9.56 44.26
CA THR B 643 -10.44 -10.36 43.56
C THR B 643 -10.36 -11.87 43.95
N THR B 644 -9.15 -12.33 44.20
CA THR B 644 -8.89 -13.71 44.45
C THR B 644 -8.76 -14.05 45.91
N GLY B 645 -8.87 -13.07 46.78
CA GLY B 645 -8.80 -13.31 48.22
C GLY B 645 -7.43 -13.45 48.84
N HIS B 646 -6.40 -12.90 48.18
CA HIS B 646 -5.09 -12.86 48.75
C HIS B 646 -4.92 -11.64 49.65
N PHE B 647 -5.70 -11.61 50.71
CA PHE B 647 -5.82 -10.42 51.60
C PHE B 647 -4.56 -10.15 52.43
N ASP B 648 -3.91 -11.21 52.91
CA ASP B 648 -2.67 -11.03 53.68
C ASP B 648 -1.66 -10.31 52.79
N LEU B 649 -1.57 -10.73 51.55
CA LEU B 649 -0.62 -10.17 50.64
C LEU B 649 -0.92 -8.72 50.46
N VAL B 650 -2.17 -8.38 50.19
CA VAL B 650 -2.54 -6.99 50.02
C VAL B 650 -2.20 -6.16 51.24
N ARG B 651 -2.36 -6.74 52.42
CA ARG B 651 -2.03 -5.96 53.65
C ARG B 651 -0.56 -5.56 53.65
N HIS B 652 0.28 -6.51 53.29
CA HIS B 652 1.72 -6.30 53.31
C HIS B 652 2.11 -5.34 52.21
N ILE B 653 1.48 -5.46 51.04
CA ILE B 653 1.67 -4.46 49.99
C ILE B 653 1.37 -3.07 50.50
N LEU B 654 0.22 -2.90 51.13
CA LEU B 654 -0.17 -1.58 51.60
C LEU B 654 0.83 -1.02 52.68
N ILE B 655 1.23 -1.83 53.63
CA ILE B 655 2.25 -1.37 54.60
C ILE B 655 3.53 -0.94 53.88
N THR B 656 3.97 -1.74 52.92
CA THR B 656 5.17 -1.40 52.21
C THR B 656 4.98 -0.06 51.52
N LEU B 657 3.85 0.05 50.84
CA LEU B 657 3.52 1.26 50.06
C LEU B 657 3.52 2.51 50.96
N TYR B 658 2.85 2.43 52.09
CA TYR B 658 2.76 3.63 52.97
C TYR B 658 4.18 4.07 53.51
N SER B 659 5.10 3.11 53.58
CA SER B 659 6.46 3.32 54.08
C SER B 659 7.25 4.09 53.08
N HIS B 660 6.73 4.20 51.85
CA HIS B 660 7.36 4.95 50.80
C HIS B 660 6.76 6.34 50.55
N GLN B 661 5.78 6.74 51.36
CA GLN B 661 5.28 8.10 51.31
C GLN B 661 6.47 9.07 51.68
N ILE B 662 6.52 10.24 51.09
CA ILE B 662 7.69 11.10 51.18
C ILE B 662 7.51 12.09 52.34
N GLU B 663 8.54 12.20 53.14
CA GLU B 663 8.52 13.14 54.25
C GLU B 663 8.47 14.55 53.76
N GLY B 664 7.72 15.37 54.47
CA GLY B 664 7.65 16.80 54.26
C GLY B 664 6.61 17.13 53.22
N GLY B 665 6.74 16.61 52.00
CA GLY B 665 5.72 16.82 50.94
C GLY B 665 4.47 16.01 51.26
N PHE B 666 4.68 14.86 51.87
CA PHE B 666 3.66 13.89 52.24
C PHE B 666 2.79 13.32 51.09
N GLU B 667 3.29 13.41 49.85
CA GLU B 667 2.72 12.70 48.70
C GLU B 667 3.60 11.46 48.41
N TRP B 668 3.30 10.72 47.34
CA TRP B 668 4.13 9.55 46.99
C TRP B 668 5.04 9.91 45.83
N PRO B 669 6.15 9.23 45.72
CA PRO B 669 6.94 9.32 44.49
C PRO B 669 6.14 8.68 43.33
N GLN B 670 6.52 9.01 42.12
CA GLN B 670 5.90 8.40 40.93
C GLN B 670 6.13 6.89 40.96
N TRP B 671 7.31 6.50 41.38
CA TRP B 671 7.76 5.11 41.44
C TRP B 671 8.88 4.96 42.45
N PHE B 672 9.00 3.76 43.00
CA PHE B 672 9.99 3.42 44.00
C PHE B 672 10.44 1.99 43.91
N PHE B 674 11.19 -1.36 45.78
CA PHE B 674 10.59 -1.91 47.00
C PHE B 674 11.51 -2.91 47.69
N ASP B 675 12.79 -2.86 47.33
CA ASP B 675 13.83 -3.74 47.85
C ASP B 675 14.85 -2.84 48.58
N HIS B 676 16.09 -3.26 48.73
CA HIS B 676 17.09 -2.45 49.48
C HIS B 676 17.71 -1.32 48.74
N TYR B 677 17.44 -1.20 47.43
CA TYR B 677 17.92 -0.04 46.68
C TYR B 677 17.10 1.16 47.05
N PRO B 678 17.74 2.22 47.62
CA PRO B 678 17.08 3.48 47.90
C PRO B 678 17.00 4.39 46.68
N ILE B 679 16.01 4.14 45.82
CA ILE B 679 15.86 4.85 44.57
C ILE B 679 14.39 5.08 44.27
N HIS B 680 14.01 6.32 44.09
CA HIS B 680 12.63 6.68 43.78
C HIS B 680 12.61 7.92 42.96
N GLN B 681 11.49 8.18 42.32
CA GLN B 681 11.26 9.41 41.57
C GLN B 681 10.30 10.23 42.39
N GLU B 682 10.83 11.17 43.14
CA GLU B 682 10.01 11.99 44.09
C GLU B 682 9.03 12.95 43.41
N ASP B 683 9.28 13.39 42.19
CA ASP B 683 8.34 14.18 41.44
C ASP B 683 7.22 13.25 40.88
N CYS B 684 5.98 13.62 41.08
CA CYS B 684 4.85 12.79 40.72
C CYS B 684 3.79 13.55 39.97
N HIS B 685 2.95 12.79 39.27
CA HIS B 685 1.70 13.33 38.75
C HIS B 685 0.71 13.64 39.89
N GLY B 686 -0.26 14.49 39.59
CA GLY B 686 -1.28 14.95 40.55
C GLY B 686 -2.30 13.91 40.96
N ASP B 687 -2.49 12.84 40.15
CA ASP B 687 -3.40 11.76 40.60
C ASP B 687 -2.82 10.78 41.59
N VAL B 688 -1.49 10.74 41.70
CA VAL B 688 -0.81 9.62 42.34
C VAL B 688 -1.19 9.51 43.78
N VAL B 689 -1.34 10.63 44.45
CA VAL B 689 -1.68 10.60 45.89
C VAL B 689 -2.99 9.88 46.24
N PHE B 690 -3.94 9.88 45.33
CA PHE B 690 -5.26 9.26 45.54
C PHE B 690 -5.18 7.72 45.59
N TRP B 691 -4.27 7.11 44.82
CA TRP B 691 -4.31 5.67 44.62
C TRP B 691 -4.06 4.86 45.92
N PRO B 692 -3.06 5.23 46.72
CA PRO B 692 -2.87 4.53 48.02
C PRO B 692 -4.04 4.69 48.99
N LEU B 693 -4.69 5.85 48.93
CA LEU B 693 -5.90 6.12 49.71
C LEU B 693 -7.06 5.22 49.22
N LYS B 694 -7.30 5.21 47.94
CA LYS B 694 -8.33 4.31 47.38
C LYS B 694 -8.04 2.83 47.71
N ALA B 695 -6.81 2.39 47.45
CA ALA B 695 -6.44 1.02 47.74
C ALA B 695 -6.58 0.57 49.17
N ILE B 696 -6.14 1.36 50.13
CA ILE B 696 -6.33 0.99 51.53
C ILE B 696 -7.83 0.91 51.87
N SER B 697 -8.63 1.77 51.25
CA SER B 697 -10.09 1.76 51.51
C SER B 697 -10.72 0.55 50.91
N ASP B 698 -10.30 0.18 49.69
CA ASP B 698 -10.83 -1.06 49.07
C ASP B 698 -10.44 -2.25 49.95
N TYR B 699 -9.19 -2.25 50.44
CA TYR B 699 -8.75 -3.36 51.28
C TYR B 699 -9.63 -3.47 52.57
N ILE B 700 -9.78 -2.34 53.25
CA ILE B 700 -10.58 -2.28 54.51
C ILE B 700 -11.99 -2.73 54.29
N GLN B 701 -12.59 -2.28 53.20
CA GLN B 701 -13.96 -2.70 52.83
C GLN B 701 -14.08 -4.17 52.51
N ALA B 702 -13.09 -4.75 51.82
CA ALA B 702 -13.08 -6.19 51.53
C ALA B 702 -12.86 -7.08 52.75
N THR B 703 -12.20 -6.59 53.77
CA THR B 703 -11.74 -7.48 54.84
C THR B 703 -12.25 -7.09 56.22
N GLY B 704 -12.64 -5.84 56.40
CA GLY B 704 -12.93 -5.34 57.71
C GLY B 704 -11.71 -5.05 58.54
N ASP B 705 -10.51 -5.22 57.98
CA ASP B 705 -9.28 -5.11 58.75
C ASP B 705 -8.87 -3.67 58.98
N THR B 706 -9.58 -2.98 59.87
CA THR B 706 -9.22 -1.62 60.26
C THR B 706 -7.91 -1.49 61.07
N SER B 707 -7.39 -2.58 61.60
CA SER B 707 -6.09 -2.59 62.32
C SER B 707 -4.95 -2.05 61.51
N ILE B 708 -5.03 -2.15 60.17
CA ILE B 708 -3.95 -1.65 59.30
C ILE B 708 -3.70 -0.17 59.56
N LEU B 709 -4.75 0.54 59.98
CA LEU B 709 -4.68 1.95 60.24
C LEU B 709 -3.81 2.31 61.42
N ASN B 710 -3.60 1.36 62.33
CA ASN B 710 -2.74 1.57 63.52
C ASN B 710 -1.28 1.16 63.35
N GLU B 711 -0.94 0.50 62.23
CA GLU B 711 0.43 0.10 62.00
C GLU B 711 1.31 1.34 61.95
N LEU B 712 2.48 1.22 62.59
CA LEU B 712 3.45 2.30 62.64
C LEU B 712 4.39 2.13 61.51
N VAL B 713 4.54 3.16 60.69
CA VAL B 713 5.24 3.04 59.43
C VAL B 713 6.00 4.33 59.21
N ASP B 714 7.18 4.15 58.67
CA ASP B 714 8.14 5.20 58.41
C ASP B 714 7.82 5.95 57.12
N TYR B 715 8.58 7.00 56.85
CA TYR B 715 8.55 7.71 55.57
C TYR B 715 9.92 7.61 54.90
N ARG B 716 10.02 8.17 53.70
CA ARG B 716 11.28 8.23 52.99
C ARG B 716 11.62 9.70 52.71
N THR B 717 12.91 10.01 52.75
CA THR B 717 13.38 11.34 52.40
C THR B 717 13.29 11.53 50.90
N ALA B 718 13.01 12.74 50.47
CA ALA B 718 12.78 13.03 49.06
C ALA B 718 14.01 12.82 48.17
N LYS B 719 15.11 13.45 48.55
CA LYS B 719 16.31 13.43 47.67
C LYS B 719 17.11 12.12 47.70
N ASP B 720 17.21 11.54 48.88
CA ASP B 720 17.98 10.33 49.17
C ASP B 720 17.21 9.01 49.20
N ALA B 721 15.88 9.07 49.33
CA ALA B 721 15.05 7.83 49.34
C ALA B 721 15.41 6.95 50.52
N LEU B 722 15.78 7.57 51.64
CA LEU B 722 16.08 6.80 52.83
C LEU B 722 15.03 6.92 53.91
N PRO B 723 14.90 5.88 54.70
CA PRO B 723 14.00 5.92 55.84
C PRO B 723 14.31 7.14 56.72
N THR B 724 13.27 7.78 57.24
CA THR B 724 13.45 8.89 58.16
C THR B 724 13.58 8.43 59.61
N ASN B 725 13.25 7.18 59.89
CA ASN B 725 13.16 6.64 61.27
C ASN B 725 12.29 7.54 62.18
N GLN B 726 11.17 7.97 61.64
CA GLN B 726 10.20 8.75 62.40
C GLN B 726 8.82 8.25 62.04
N PRO B 727 8.47 7.08 62.51
CA PRO B 727 7.26 6.44 62.03
C PRO B 727 6.02 7.02 62.67
N GLU B 728 4.91 6.96 61.94
CA GLU B 728 3.62 7.39 62.46
C GLU B 728 2.63 6.32 61.98
N THR B 729 1.48 6.32 62.59
CA THR B 729 0.40 5.40 62.19
C THR B 729 -0.03 5.67 60.73
N ILE B 730 -0.48 4.61 60.08
CA ILE B 730 -1.02 4.73 58.74
C ILE B 730 -2.19 5.73 58.73
N LEU B 731 -2.97 5.77 59.79
CA LEU B 731 -4.01 6.76 59.85
C LEU B 731 -3.49 8.19 59.71
N ILE B 732 -2.39 8.47 60.36
CA ILE B 732 -1.81 9.80 60.26
C ILE B 732 -1.15 10.01 58.89
N HIS B 733 -0.52 8.97 58.32
CA HIS B 733 -0.05 9.05 56.91
C HIS B 733 -1.17 9.55 56.03
N ILE B 734 -2.34 8.99 56.26
CA ILE B 734 -3.53 9.31 55.47
C ILE B 734 -3.92 10.76 55.69
N LYS B 735 -3.96 11.17 56.96
CA LYS B 735 -4.29 12.61 57.27
C LYS B 735 -3.38 13.60 56.58
N ARG B 736 -2.09 13.30 56.59
CA ARG B 736 -1.16 14.18 55.92
C ARG B 736 -1.40 14.18 54.44
N ALA B 737 -1.65 13.00 53.85
CA ALA B 737 -1.88 12.99 52.39
C ALA B 737 -3.10 13.82 52.04
N VAL B 738 -4.13 13.68 52.84
CA VAL B 738 -5.39 14.45 52.63
C VAL B 738 -5.16 15.96 52.77
N THR B 739 -4.29 16.38 53.69
CA THR B 739 -3.92 17.82 53.75
C THR B 739 -3.39 18.29 52.42
N THR B 740 -2.51 17.50 51.79
CA THR B 740 -2.00 17.90 50.44
C THR B 740 -3.11 18.08 49.41
N ILE B 741 -4.15 17.29 49.54
CA ILE B 741 -5.30 17.40 48.61
C ILE B 741 -6.06 18.69 48.82
N LYS B 742 -6.31 19.04 50.09
CA LYS B 742 -6.93 20.39 50.37
C LYS B 742 -6.14 21.51 49.73
N ASN B 743 -4.83 21.40 49.80
CA ASN B 743 -3.95 22.44 49.26
C ASN B 743 -4.00 22.57 47.75
N ARG B 744 -4.65 21.64 47.06
CA ARG B 744 -4.72 21.73 45.61
C ARG B 744 -5.92 22.48 45.08
N TYR B 745 -6.83 22.88 45.97
CA TYR B 745 -8.05 23.61 45.56
C TYR B 745 -7.70 24.89 44.89
N LEU B 746 -8.30 25.12 43.73
CA LEU B 746 -8.20 26.39 43.04
C LEU B 746 -9.00 27.40 43.85
N SER B 747 -8.45 28.59 44.06
CA SER B 747 -9.04 29.50 45.08
C SER B 747 -10.49 29.81 44.76
N GLY B 748 -11.30 29.76 45.81
CA GLY B 748 -12.74 29.96 45.73
C GLY B 748 -13.57 28.75 45.28
N THR B 749 -12.94 27.59 45.12
CA THR B 749 -13.58 26.38 44.61
C THR B 749 -13.07 25.19 45.38
N ALA B 750 -13.59 24.02 45.04
CA ALA B 750 -12.98 22.71 45.40
C ALA B 750 -12.57 21.96 44.13
N LEU B 751 -12.10 22.68 43.14
CA LEU B 751 -11.56 22.09 41.93
C LEU B 751 -10.11 21.75 42.24
N ILE B 752 -9.70 20.51 41.92
CA ILE B 752 -8.35 20.02 42.19
C ILE B 752 -7.45 20.39 41.05
N SER B 753 -6.35 21.08 41.37
CA SER B 753 -5.43 21.50 40.34
C SER B 753 -4.79 20.29 39.70
N TYR B 754 -4.47 20.43 38.44
CA TYR B 754 -3.88 19.30 37.64
C TYR B 754 -2.53 18.92 38.18
N ALA B 755 -1.76 19.93 38.64
CA ALA B 755 -0.39 19.73 39.16
C ALA B 755 0.50 18.95 38.12
N GLY B 756 1.21 17.92 38.53
CA GLY B 756 2.11 17.22 37.60
C GLY B 756 1.40 16.43 36.46
N GLY B 757 0.08 16.27 36.55
CA GLY B 757 -0.71 15.63 35.51
C GLY B 757 -1.69 14.57 36.08
N ASP B 758 -2.29 13.80 35.20
CA ASP B 758 -3.21 12.73 35.67
C ASP B 758 -2.74 11.36 35.19
N TRP B 759 -3.67 10.41 35.13
CA TRP B 759 -3.34 9.02 34.71
C TRP B 759 -2.52 8.93 33.46
N ASP B 760 -2.78 9.80 32.50
CA ASP B 760 -2.16 9.64 31.19
C ASP B 760 -0.81 10.32 31.28
N ASP B 761 0.24 9.52 31.31
CA ASP B 761 1.60 10.03 31.48
C ASP B 761 2.05 10.91 30.31
N THR B 762 1.38 10.83 29.17
CA THR B 762 1.73 11.68 28.02
C THR B 762 1.14 13.10 28.05
N LEU B 763 0.25 13.34 29.04
CA LEU B 763 -0.46 14.60 29.13
C LEU B 763 0.09 15.50 30.24
N GLN B 764 1.36 15.37 30.54
CA GLN B 764 2.01 16.29 31.46
C GLN B 764 1.84 17.72 30.94
N PRO B 765 1.52 18.67 31.82
CA PRO B 765 1.36 20.07 31.39
C PRO B 765 2.69 20.68 30.87
N ALA B 766 2.64 21.41 29.77
CA ALA B 766 3.87 21.99 29.16
C ALA B 766 4.45 23.21 29.88
N ASN B 767 3.73 23.80 30.83
CA ASN B 767 4.24 24.99 31.56
C ASN B 767 3.58 25.10 32.91
N SER B 768 4.14 25.97 33.75
CA SER B 768 3.70 26.14 35.16
C SER B 768 2.29 26.70 35.30
N GLU B 769 1.85 27.53 34.39
CA GLU B 769 0.49 28.07 34.53
C GLU B 769 -0.56 26.94 34.26
N LEU B 770 -0.26 26.03 33.33
CA LEU B 770 -1.11 24.85 33.06
C LEU B 770 -1.15 23.96 34.26
N LYS B 771 0.01 23.78 34.87
CA LYS B 771 0.12 23.04 36.13
C LYS B 771 -0.78 23.59 37.27
N GLU B 772 -0.85 24.91 37.43
CA GLU B 772 -1.65 25.54 38.51
C GLU B 772 -3.10 25.73 38.13
N ASN B 773 -3.40 26.01 36.88
CA ASN B 773 -4.75 26.47 36.54
C ASN B 773 -5.60 25.48 35.71
N LEU B 774 -5.00 24.37 35.26
CA LEU B 774 -5.78 23.31 34.66
C LEU B 774 -6.43 22.50 35.77
N VAL B 775 -7.61 21.98 35.44
CA VAL B 775 -8.28 20.96 36.21
C VAL B 775 -8.63 19.80 35.26
N SER B 776 -8.20 18.60 35.63
CA SER B 776 -8.62 17.39 34.97
C SER B 776 -9.94 16.91 35.62
N ALA B 777 -10.97 16.75 34.79
CA ALA B 777 -12.25 16.20 35.24
C ALA B 777 -12.13 14.77 35.79
N TRP B 778 -11.24 13.98 35.19
CA TRP B 778 -11.00 12.61 35.63
C TRP B 778 -10.41 12.61 37.01
N THR B 779 -9.41 13.45 37.19
CA THR B 779 -8.84 13.61 38.55
C THR B 779 -9.89 14.05 39.61
N GLN B 780 -10.72 15.01 39.24
CA GLN B 780 -11.78 15.52 40.13
C GLN B 780 -12.69 14.36 40.54
N ALA B 781 -13.08 13.58 39.54
CA ALA B 781 -13.91 12.39 39.77
C ALA B 781 -13.23 11.31 40.64
N LEU B 782 -11.98 11.04 40.35
CA LEU B 782 -11.20 10.08 41.12
C LEU B 782 -11.14 10.54 42.58
N ALA B 783 -10.99 11.86 42.75
CA ALA B 783 -10.83 12.44 44.10
C ALA B 783 -12.14 12.25 44.90
N GLU B 784 -13.26 12.52 44.25
CA GLU B 784 -14.57 12.29 44.87
C GLU B 784 -14.74 10.84 45.24
N GLN B 785 -14.44 9.97 44.28
CA GLN B 785 -14.54 8.52 44.54
C GLN B 785 -13.73 8.09 45.76
N THR B 786 -12.48 8.55 45.79
CA THR B 786 -11.53 8.13 46.79
C THR B 786 -11.92 8.58 48.16
N LEU B 787 -12.28 9.86 48.24
CA LEU B 787 -12.63 10.47 49.58
C LEU B 787 -13.89 9.89 50.17
N GLU B 788 -14.84 9.52 49.30
CA GLU B 788 -16.01 8.75 49.74
C GLU B 788 -15.64 7.36 50.24
N LEU B 789 -14.81 6.61 49.49
CA LEU B 789 -14.37 5.28 49.96
C LEU B 789 -13.62 5.40 51.30
N LEU B 790 -12.74 6.38 51.39
CA LEU B 790 -11.97 6.61 52.59
C LEU B 790 -12.90 6.98 53.77
N CYS B 791 -13.86 7.86 53.51
CA CYS B 791 -14.89 8.16 54.51
C CYS B 791 -15.48 6.89 55.11
N SER B 792 -15.95 5.99 54.27
CA SER B 792 -16.55 4.73 54.77
C SER B 792 -15.56 3.85 55.49
N ALA B 793 -14.33 3.83 55.02
CA ALA B 793 -13.33 2.93 55.60
C ALA B 793 -12.94 3.40 56.98
N ILE B 794 -12.95 4.71 57.20
CA ILE B 794 -12.48 5.33 58.47
C ILE B 794 -13.59 5.67 59.52
N LYS B 795 -14.84 5.51 59.07
CA LYS B 795 -16.00 5.63 59.92
C LYS B 795 -15.84 4.56 60.96
N GLY B 796 -16.13 4.86 62.19
CA GLY B 796 -15.98 3.81 63.20
C GLY B 796 -14.59 3.71 63.80
N ILE B 797 -13.62 4.45 63.25
CA ILE B 797 -12.30 4.54 63.82
C ILE B 797 -11.97 5.95 64.25
N ASP B 798 -12.30 6.93 63.40
CA ASP B 798 -12.06 8.33 63.67
C ASP B 798 -13.25 9.13 63.09
N HIS B 799 -14.21 9.39 63.97
CA HIS B 799 -15.49 9.96 63.58
C HIS B 799 -15.28 11.29 62.91
N ASP B 800 -14.46 12.15 63.53
CA ASP B 800 -14.31 13.52 63.02
C ASP B 800 -13.66 13.55 61.64
N PHE B 801 -12.63 12.72 61.47
CA PHE B 801 -11.94 12.64 60.20
C PHE B 801 -12.95 12.17 59.13
N SER B 802 -13.69 11.15 59.47
CA SER B 802 -14.64 10.60 58.56
C SER B 802 -15.65 11.67 58.11
N LYS B 803 -16.12 12.50 59.04
CA LYS B 803 -17.01 13.61 58.70
C LYS B 803 -16.37 14.61 57.79
N GLU B 804 -15.15 14.95 58.08
CA GLU B 804 -14.44 15.89 57.25
C GLU B 804 -14.26 15.36 55.82
N LEU B 805 -13.96 14.08 55.71
CA LEU B 805 -13.86 13.46 54.36
C LEU B 805 -15.18 13.56 53.61
N SER B 806 -16.27 13.36 54.32
CA SER B 806 -17.60 13.45 53.72
C SER B 806 -17.86 14.84 53.17
N HIS B 807 -17.49 15.84 53.93
CA HIS B 807 -17.60 17.24 53.50
C HIS B 807 -16.67 17.55 52.32
N ALA B 809 -15.58 15.45 50.13
CA ALA B 809 -16.12 14.71 48.97
C ALA B 809 -17.29 15.49 48.36
N ASN B 810 -18.11 16.07 49.24
CA ASN B 810 -19.25 16.88 48.81
C ASN B 810 -18.83 18.12 48.10
N ASP B 811 -17.88 18.83 48.69
CA ASP B 811 -17.30 20.03 48.04
C ASP B 811 -16.76 19.69 46.63
N ILE B 812 -15.97 18.60 46.55
CA ILE B 812 -15.32 18.21 45.29
C ILE B 812 -16.41 17.85 44.27
N ARG B 813 -17.41 17.13 44.74
CA ARG B 813 -18.59 16.74 43.91
C ARG B 813 -19.34 17.94 43.42
N THR B 814 -19.53 18.92 44.32
CA THR B 814 -20.19 20.18 43.94
C THR B 814 -19.41 20.94 42.88
N SER B 815 -18.11 21.10 43.07
CA SER B 815 -17.34 21.80 42.04
C SER B 815 -17.34 21.07 40.72
N PHE B 816 -17.34 19.73 40.77
CA PHE B 816 -17.42 18.94 39.50
C PHE B 816 -18.65 19.33 38.71
N TYR B 817 -19.80 19.29 39.38
CA TYR B 817 -21.12 19.60 38.69
C TYR B 817 -21.25 21.05 38.34
N GLN B 818 -20.72 21.88 39.20
CA GLN B 818 -20.79 23.34 39.00
C GLN B 818 -19.94 23.85 37.83
N TYR B 819 -18.76 23.27 37.59
CA TYR B 819 -17.81 23.81 36.59
C TYR B 819 -17.47 22.96 35.42
N LEU B 820 -17.55 21.64 35.55
CA LEU B 820 -16.94 20.75 34.53
C LEU B 820 -17.89 20.17 33.55
N ILE B 821 -19.17 20.56 33.62
CA ILE B 821 -20.18 20.04 32.75
C ILE B 821 -20.88 21.17 32.03
N LYS B 822 -20.93 21.10 30.70
CA LYS B 822 -21.69 22.07 29.94
C LYS B 822 -22.41 21.39 28.78
N ASP B 823 -23.69 21.70 28.61
CA ASP B 823 -24.55 21.14 27.58
C ASP B 823 -24.58 19.63 27.71
N GLY B 824 -24.53 19.19 28.96
CA GLY B 824 -24.61 17.76 29.29
C GLY B 824 -23.30 16.95 29.03
N VAL B 825 -22.24 17.61 28.56
CA VAL B 825 -20.97 16.97 28.28
C VAL B 825 -19.95 17.36 29.33
N ILE B 826 -19.31 16.34 29.94
CA ILE B 826 -18.23 16.57 30.86
C ILE B 826 -17.03 16.96 30.07
N ALA B 827 -16.45 18.11 30.39
CA ALA B 827 -15.21 18.53 29.71
C ALA B 827 -14.03 17.67 30.20
N GLY B 828 -13.12 17.37 29.29
CA GLY B 828 -11.84 16.76 29.74
C GLY B 828 -11.10 17.65 30.72
N PHE B 829 -11.02 18.95 30.41
CA PHE B 829 -10.35 19.89 31.29
C PHE B 829 -11.05 21.23 31.38
N LEU B 830 -10.81 21.90 32.48
CA LEU B 830 -11.13 23.32 32.65
C LEU B 830 -9.83 24.05 32.87
N TYR B 831 -9.65 25.14 32.13
CA TYR B 831 -8.54 26.09 32.39
C TYR B 831 -9.11 27.28 33.11
N ARG B 832 -8.67 27.52 34.33
CA ARG B 832 -9.27 28.55 35.16
C ARG B 832 -8.24 29.49 35.77
N GLU B 833 -8.12 30.68 35.22
CA GLU B 833 -7.29 31.69 35.87
C GLU B 833 -8.02 32.34 37.02
N SER B 834 -9.32 32.56 36.86
CA SER B 834 -10.14 33.11 37.94
C SER B 834 -11.57 32.83 37.58
N GLU B 835 -12.50 33.15 38.47
CA GLU B 835 -13.93 33.04 38.16
C GLU B 835 -14.35 33.77 36.86
N GLU B 836 -13.65 34.85 36.54
CA GLU B 836 -13.98 35.65 35.36
C GLU B 836 -13.30 35.14 34.09
N HIS B 837 -12.29 34.30 34.25
CA HIS B 837 -11.46 33.86 33.13
C HIS B 837 -11.34 32.30 33.12
N LYS B 839 -11.95 28.54 30.70
CA LYS B 839 -12.15 27.94 29.39
C LYS B 839 -12.15 26.40 29.47
N TYR B 840 -12.95 25.75 28.65
CA TYR B 840 -12.83 24.32 28.49
C TYR B 840 -11.78 23.90 27.49
N LEU B 842 -10.91 19.96 25.51
CA LEU B 842 -11.48 18.62 25.27
C LEU B 842 -12.98 18.65 25.60
N HIS B 843 -13.63 19.65 25.03
CA HIS B 843 -15.08 19.86 25.17
C HIS B 843 -15.50 20.48 23.85
N PRO B 844 -16.74 20.19 23.36
CA PRO B 844 -17.21 20.78 22.06
C PRO B 844 -17.15 22.34 21.95
N ASP B 845 -17.23 23.04 23.09
CA ASP B 845 -17.08 24.51 23.14
C ASP B 845 -15.70 24.96 22.70
N ASP B 846 -14.68 24.09 22.77
CA ASP B 846 -13.33 24.47 22.31
C ASP B 846 -13.23 24.35 20.80
N THR B 847 -13.95 25.26 20.13
CA THR B 847 -14.16 25.21 18.69
C THR B 847 -12.87 25.40 17.91
N GLU B 848 -11.90 26.10 18.52
CA GLU B 848 -10.59 26.28 17.92
C GLU B 848 -9.75 24.96 17.85
N SER B 849 -9.99 24.04 18.79
CA SER B 849 -9.28 22.78 18.86
C SER B 849 -9.91 21.76 17.93
N SER B 850 -9.08 20.81 17.48
CA SER B 850 -9.59 19.62 16.77
C SER B 850 -10.13 18.52 17.74
N ILE B 851 -9.91 18.70 19.05
CA ILE B 851 -10.27 17.67 20.06
C ILE B 851 -11.42 18.12 20.94
N HIS B 852 -12.51 17.37 20.93
CA HIS B 852 -13.71 17.77 21.68
C HIS B 852 -14.27 16.79 22.74
N TYR B 853 -13.72 15.61 22.86
CA TYR B 853 -14.21 14.65 23.88
C TYR B 853 -13.11 13.82 24.46
N ARG B 854 -13.18 13.57 25.74
CA ARG B 854 -12.19 12.80 26.48
C ARG B 854 -12.94 11.64 27.15
N LEU B 855 -12.39 10.44 26.99
CA LEU B 855 -12.96 9.23 27.58
C LEU B 855 -12.93 9.17 29.08
N LEU B 856 -11.80 9.47 29.66
CA LEU B 856 -11.52 9.13 31.05
C LEU B 856 -12.60 9.63 32.05
N PRO B 857 -12.99 10.90 31.93
CA PRO B 857 -14.01 11.44 32.91
C PRO B 857 -15.36 10.74 32.73
N LEU B 858 -15.64 10.33 31.52
CA LEU B 858 -16.91 9.69 31.24
C LEU B 858 -17.01 8.29 31.94
N THR B 859 -15.90 7.53 31.96
CA THR B 859 -15.90 6.24 32.64
C THR B 859 -15.72 6.39 34.11
N ARG B 860 -14.83 7.22 34.54
CA ARG B 860 -14.59 7.30 35.98
C ARG B 860 -15.84 7.80 36.73
N SER B 861 -16.56 8.73 36.11
CA SER B 861 -17.73 9.31 36.79
C SER B 861 -18.81 8.22 36.94
N ILE B 862 -18.83 7.24 36.01
CA ILE B 862 -19.79 6.10 36.13
C ILE B 862 -19.32 5.10 37.17
N ILE B 863 -18.03 4.72 37.09
CA ILE B 863 -17.44 3.76 38.03
C ILE B 863 -17.68 4.25 39.44
N ALA B 864 -17.54 5.54 39.67
CA ALA B 864 -17.69 6.06 41.03
C ALA B 864 -19.15 6.27 41.43
N GLN B 865 -20.09 6.09 40.52
CA GLN B 865 -21.50 6.38 40.77
C GLN B 865 -21.65 7.89 41.11
N LEU B 866 -20.80 8.72 40.49
CA LEU B 866 -20.79 10.15 40.68
C LEU B 866 -21.74 10.78 39.65
N ALA B 867 -21.72 10.25 38.43
CA ALA B 867 -22.60 10.73 37.39
C ALA B 867 -24.00 10.22 37.66
N ASP B 868 -24.97 11.14 37.67
CA ASP B 868 -26.38 10.75 37.89
C ASP B 868 -26.83 9.97 36.66
N PHE B 869 -27.88 9.18 36.81
CA PHE B 869 -28.36 8.24 35.76
C PHE B 869 -28.46 8.88 34.37
N LYS B 870 -29.03 10.08 34.29
CA LYS B 870 -29.20 10.79 33.01
C LYS B 870 -27.82 11.21 32.40
N LEU B 871 -26.94 11.77 33.19
CA LEU B 871 -25.59 12.10 32.75
C LEU B 871 -24.79 10.85 32.29
N ALA B 872 -24.92 9.77 33.03
CA ALA B 872 -24.24 8.53 32.73
C ALA B 872 -24.73 8.03 31.41
N THR B 873 -26.03 8.14 31.19
CA THR B 873 -26.59 7.73 29.91
C THR B 873 -26.01 8.54 28.76
N ARG B 874 -25.89 9.83 28.98
CA ARG B 874 -25.24 10.71 27.99
C ARG B 874 -23.78 10.34 27.76
N ASN B 875 -23.03 10.11 28.84
CA ASN B 875 -21.64 9.62 28.71
C ASN B 875 -21.51 8.44 27.72
N LEU B 876 -22.42 7.48 27.82
CA LEU B 876 -22.42 6.32 26.90
C LEU B 876 -22.73 6.67 25.45
N GLU B 877 -23.68 7.55 25.24
CA GLU B 877 -23.98 8.06 23.90
C GLU B 877 -22.79 8.79 23.27
N ILE B 878 -22.10 9.57 24.07
CA ILE B 878 -20.86 10.27 23.60
C ILE B 878 -19.79 9.25 23.20
N ILE B 879 -19.59 8.25 24.07
CA ILE B 879 -18.62 7.19 23.78
C ILE B 879 -18.98 6.51 22.45
N ASP B 880 -20.22 6.11 22.30
CA ASP B 880 -20.65 5.41 21.07
C ASP B 880 -20.46 6.27 19.82
N GLU B 881 -20.84 7.54 19.90
CA GLU B 881 -20.75 8.39 18.72
C GLU B 881 -19.34 8.82 18.32
N HIS B 882 -18.49 9.14 19.30
CA HIS B 882 -17.23 9.81 19.06
C HIS B 882 -15.96 9.01 19.42
N LEU B 883 -16.07 7.99 20.28
CA LEU B 883 -14.87 7.30 20.82
C LEU B 883 -14.80 5.81 20.50
N ALA B 884 -15.94 5.15 20.30
CA ALA B 884 -15.98 3.71 20.05
C ALA B 884 -15.44 3.34 18.69
N CYS B 885 -14.51 2.40 18.67
CA CYS B 885 -13.98 1.83 17.43
C CYS B 885 -13.99 0.32 17.49
N PRO B 886 -13.80 -0.35 16.35
CA PRO B 886 -13.79 -1.82 16.31
C PRO B 886 -12.72 -2.44 17.17
N ASP B 887 -11.62 -1.71 17.44
CA ASP B 887 -10.58 -2.25 18.27
C ASP B 887 -10.63 -1.80 19.69
N GLY B 888 -11.69 -1.09 20.04
CA GLY B 888 -11.91 -0.63 21.42
C GLY B 888 -12.30 0.83 21.48
N VAL B 889 -12.49 1.32 22.69
CA VAL B 889 -12.83 2.70 22.84
C VAL B 889 -11.57 3.54 22.96
N ARG B 890 -11.61 4.71 22.30
CA ARG B 890 -10.47 5.64 22.30
C ARG B 890 -10.48 6.73 23.36
N LEU B 891 -9.29 7.20 23.66
CA LEU B 891 -9.06 8.13 24.78
C LEU B 891 -9.57 9.54 24.50
N ASP B 893 -11.33 11.98 20.95
CA ASP B 893 -11.95 11.85 19.60
C ASP B 893 -11.08 12.30 18.44
N HIS B 894 -9.86 12.73 18.74
CA HIS B 894 -8.91 13.20 17.74
C HIS B 894 -7.51 13.20 18.36
N PRO B 895 -6.44 12.99 17.55
CA PRO B 895 -5.13 13.00 18.18
C PRO B 895 -4.70 14.33 18.81
N ALA B 896 -3.76 14.25 19.74
CA ALA B 896 -3.11 15.46 20.26
C ALA B 896 -2.38 16.19 19.14
N SER B 897 -2.01 17.44 19.39
CA SER B 897 -1.28 18.25 18.39
C SER B 897 0.06 17.66 18.10
N TYR B 898 0.42 17.73 16.83
CA TYR B 898 1.79 17.47 16.44
C TYR B 898 2.19 18.50 15.40
N SER B 899 3.25 19.26 15.67
CA SER B 899 3.71 20.24 14.69
C SER B 899 5.22 20.26 14.68
N GLY B 900 5.83 19.10 14.45
CA GLY B 900 7.28 18.99 14.37
C GLY B 900 8.01 18.72 15.66
N GLY B 901 7.31 18.59 16.74
CA GLY B 901 7.87 17.99 17.91
C GLY B 901 7.84 18.86 19.13
N ILE B 902 7.48 20.14 18.97
CA ILE B 902 7.46 21.10 20.07
C ILE B 902 6.14 21.13 20.75
N SER B 903 6.16 21.16 22.07
CA SER B 903 4.94 21.10 22.89
C SER B 903 4.37 22.48 23.19
N LYS B 904 3.05 22.61 23.06
CA LYS B 904 2.32 23.84 23.47
C LYS B 904 1.48 23.59 24.71
N ILE B 905 0.71 22.49 24.77
CA ILE B 905 -0.12 22.24 25.97
C ILE B 905 0.32 20.99 26.77
N PHE B 906 0.47 19.86 26.07
CA PHE B 906 0.85 18.60 26.67
C PHE B 906 2.27 18.24 26.23
N LEU B 907 3.02 17.60 27.13
CA LEU B 907 4.41 17.26 26.77
C LEU B 907 4.53 16.07 25.77
N ARG B 908 4.58 14.86 26.28
CA ARG B 908 4.95 13.72 25.39
C ARG B 908 3.91 13.45 24.31
N ALA B 909 2.66 13.78 24.58
CA ALA B 909 1.60 13.64 23.60
C ALA B 909 1.82 14.44 22.36
N GLU B 910 2.52 15.56 22.50
CA GLU B 910 2.84 16.44 21.35
C GLU B 910 4.24 16.25 20.83
N GLN B 911 5.04 15.44 21.53
CA GLN B 911 6.41 15.16 21.12
C GLN B 911 6.58 13.84 20.35
N ALA B 912 5.73 12.85 20.62
CA ALA B 912 5.89 11.53 20.03
C ALA B 912 5.69 11.58 18.54
N ALA B 913 6.70 11.13 17.80
CA ALA B 913 6.63 11.00 16.33
C ALA B 913 5.96 9.71 15.89
N ASN B 914 6.01 8.70 16.77
CA ASN B 914 5.43 7.40 16.53
C ASN B 914 3.93 7.37 16.99
N VAL B 915 3.07 6.80 16.16
CA VAL B 915 1.72 6.52 16.58
C VAL B 915 1.74 5.21 17.36
N GLY B 916 1.79 5.30 18.67
CA GLY B 916 1.88 4.07 19.50
C GLY B 916 1.66 4.44 20.95
N ARG B 917 1.67 3.44 21.82
CA ARG B 917 1.48 3.66 23.24
C ARG B 917 0.21 4.50 23.45
N GLU B 918 0.23 5.44 24.41
CA GLU B 918 -0.98 6.27 24.71
C GLU B 918 -1.41 7.15 23.53
N ILE B 919 -0.45 7.49 22.66
CA ILE B 919 -0.65 8.35 21.48
C ILE B 919 -1.56 7.63 20.46
N SER B 920 -1.57 6.31 20.53
CA SER B 920 -2.48 5.47 19.73
C SER B 920 -3.94 5.77 20.03
N LEU B 921 -4.19 6.34 21.19
CA LEU B 921 -5.54 6.63 21.70
C LEU B 921 -6.37 5.40 22.08
N GLN B 922 -5.85 4.18 21.90
CA GLN B 922 -6.52 3.00 22.47
C GLN B 922 -5.51 2.33 23.36
N TYR B 923 -5.41 2.84 24.57
CA TYR B 923 -4.52 2.29 25.57
C TYR B 923 -5.40 1.33 26.39
N VAL B 924 -5.09 0.06 26.28
CA VAL B 924 -6.01 -1.00 26.69
C VAL B 924 -6.51 -0.86 28.11
N HIS B 925 -5.65 -0.43 29.01
CA HIS B 925 -6.04 -0.22 30.39
C HIS B 925 -7.29 0.68 30.52
N ALA B 926 -7.38 1.76 29.76
CA ALA B 926 -8.52 2.63 29.76
C ALA B 926 -9.77 2.00 29.17
N HIS B 927 -9.62 1.15 28.15
CA HIS B 927 -10.70 0.33 27.65
C HIS B 927 -11.22 -0.64 28.74
N ILE B 928 -10.32 -1.17 29.56
CA ILE B 928 -10.73 -2.05 30.65
C ILE B 928 -11.60 -1.27 31.68
N ARG B 929 -11.24 -0.04 31.95
CA ARG B 929 -12.08 0.82 32.79
C ARG B 929 -13.45 1.11 32.13
N TYR B 930 -13.49 1.18 30.80
CA TYR B 930 -14.76 1.28 30.12
C TYR B 930 -15.64 0.09 30.42
N ILE B 931 -15.03 -1.11 30.42
CA ILE B 931 -15.73 -2.33 30.78
C ILE B 931 -16.28 -2.25 32.22
N GLU B 932 -15.49 -1.79 33.16
CA GLU B 932 -15.89 -1.64 34.51
C GLU B 932 -17.12 -0.73 34.62
N ALA B 933 -17.11 0.35 33.87
CA ALA B 933 -18.24 1.29 33.84
C ALA B 933 -19.52 0.60 33.28
N LEU B 934 -19.37 -0.12 32.16
CA LEU B 934 -20.47 -0.85 31.55
C LEU B 934 -21.06 -1.85 32.57
N ALA B 935 -20.20 -2.45 33.37
CA ALA B 935 -20.63 -3.43 34.32
C ALA B 935 -21.40 -2.72 35.44
N THR B 936 -20.89 -1.58 35.89
CA THR B 936 -21.61 -0.76 36.85
C THR B 936 -23.06 -0.46 36.38
N GLY B 938 -24.74 -2.30 34.22
CA GLY B 938 -25.34 -3.56 33.91
C GLY B 938 -25.49 -3.81 32.46
N LEU B 939 -24.65 -3.23 31.64
CA LEU B 939 -24.80 -3.37 30.23
C LEU B 939 -24.03 -4.57 29.67
N SER B 940 -24.64 -5.72 29.76
CA SER B 940 -23.93 -6.97 29.58
C SER B 940 -23.45 -7.16 28.15
N LYS B 941 -24.27 -6.81 27.19
CA LYS B 941 -23.92 -7.09 25.81
C LYS B 941 -22.70 -6.20 25.39
N LYS B 942 -22.78 -4.93 25.73
CA LYS B 942 -21.64 -4.04 25.47
C LYS B 942 -20.36 -4.46 26.23
N ALA B 943 -20.56 -4.90 27.47
CA ALA B 943 -19.43 -5.20 28.35
C ALA B 943 -18.67 -6.43 27.80
N TRP B 944 -19.43 -7.48 27.46
CA TRP B 944 -18.83 -8.73 26.97
C TRP B 944 -18.22 -8.50 25.61
N ASP B 945 -18.88 -7.74 24.76
CA ASP B 945 -18.27 -7.39 23.46
C ASP B 945 -16.95 -6.66 23.68
N ALA B 946 -16.94 -5.71 24.60
CA ALA B 946 -15.71 -4.95 24.91
C ALA B 946 -14.61 -5.85 25.46
N LEU B 947 -14.98 -6.83 26.28
CA LEU B 947 -14.02 -7.78 26.78
C LEU B 947 -13.33 -8.56 25.66
N ARG B 949 -13.07 -7.64 22.42
CA ARG B 949 -12.32 -6.77 21.47
C ARG B 949 -10.85 -6.55 21.84
N ILE B 950 -10.47 -6.79 23.11
CA ILE B 950 -9.11 -6.67 23.58
C ILE B 950 -8.52 -8.04 24.06
N ASN B 951 -9.22 -9.14 23.76
CA ASN B 951 -8.74 -10.45 24.08
C ASN B 951 -7.92 -10.99 22.91
N PRO B 952 -6.64 -11.25 23.16
CA PRO B 952 -5.68 -11.63 22.12
C PRO B 952 -5.95 -12.95 21.45
N ILE B 953 -6.72 -13.82 22.08
CA ILE B 953 -6.96 -15.13 21.46
C ILE B 953 -7.95 -14.95 20.30
N LEU B 954 -7.55 -15.35 19.12
CA LEU B 954 -8.35 -15.25 17.91
C LEU B 954 -8.89 -13.82 17.62
N LEU B 955 -8.09 -12.84 17.99
CA LEU B 955 -8.45 -11.47 17.88
C LEU B 955 -8.81 -11.06 16.48
N THR B 956 -8.03 -11.55 15.52
CA THR B 956 -8.27 -11.17 14.15
C THR B 956 -9.62 -11.66 13.63
N ASP B 957 -10.18 -12.72 14.20
CA ASP B 957 -11.54 -13.17 13.82
C ASP B 957 -12.58 -12.26 14.47
N TYR B 958 -12.30 -11.70 15.61
CA TYR B 958 -13.28 -10.85 16.30
C TYR B 958 -13.25 -9.39 15.73
N VAL B 959 -12.07 -8.86 15.49
CA VAL B 959 -11.85 -7.46 15.04
C VAL B 959 -11.16 -7.59 13.69
N PRO B 960 -11.90 -7.43 12.60
CA PRO B 960 -11.39 -7.80 11.26
C PRO B 960 -10.21 -6.95 10.77
N ASN B 961 -10.09 -5.73 11.30
CA ASN B 961 -8.96 -4.87 10.88
C ASN B 961 -7.77 -4.98 11.86
N ALA B 962 -7.83 -5.88 12.83
CA ALA B 962 -6.72 -6.07 13.72
C ALA B 962 -5.71 -7.00 13.07
N LEU B 963 -4.42 -6.64 13.15
CA LEU B 963 -3.38 -7.55 12.70
C LEU B 963 -3.05 -8.50 13.89
N THR B 964 -2.62 -9.71 13.55
CA THR B 964 -2.37 -10.72 14.58
C THR B 964 -1.11 -10.34 15.42
N ARG B 965 -1.03 -10.91 16.60
CA ARG B 965 0.02 -10.60 17.57
C ARG B 965 0.06 -11.82 18.49
N GLN B 966 1.02 -11.84 19.35
CA GLN B 966 1.19 -12.95 20.26
C GLN B 966 -0.11 -13.17 21.06
N SER B 967 -0.64 -14.39 21.06
CA SER B 967 -1.98 -14.60 21.58
C SER B 967 -2.07 -14.92 23.09
N ASN B 968 -0.95 -15.16 23.75
CA ASN B 968 -0.93 -15.55 25.13
C ASN B 968 -0.29 -14.56 26.04
N VAL B 969 -0.30 -13.31 25.64
CA VAL B 969 0.28 -12.23 26.45
C VAL B 969 -0.58 -10.99 26.30
N TYR B 970 -0.62 -10.18 27.32
CA TYR B 970 -1.31 -8.91 27.26
C TYR B 970 -0.68 -7.88 26.31
N PHE B 971 -1.50 -7.21 25.53
CA PHE B 971 -1.04 -6.07 24.70
C PHE B 971 -1.59 -4.75 25.23
N SER B 972 -0.72 -3.76 25.34
CA SER B 972 -1.01 -2.54 26.08
C SER B 972 -1.73 -1.44 25.28
N SER B 973 -1.66 -1.52 23.95
CA SER B 973 -2.25 -0.50 23.12
C SER B 973 -2.59 -1.08 21.79
N SER B 974 -3.45 -0.37 21.06
CA SER B 974 -3.85 -0.76 19.68
C SER B 974 -3.72 0.48 18.85
N GLU B 975 -2.83 0.44 17.88
CA GLU B 975 -2.50 1.66 17.07
C GLU B 975 -2.76 1.43 15.64
N GLY B 976 -3.38 2.44 14.99
CA GLY B 976 -3.54 2.37 13.52
C GLY B 976 -2.16 2.34 12.84
N CYS B 977 -2.10 1.65 11.69
CA CYS B 977 -0.85 1.54 10.95
C CYS B 977 -0.61 2.84 10.13
N PHE B 978 -0.40 3.93 10.85
CA PHE B 978 -0.09 5.22 10.25
C PHE B 978 1.43 5.45 10.36
N ASP B 979 2.05 5.94 9.27
CA ASP B 979 3.50 6.15 9.26
C ASP B 979 3.99 7.34 10.06
N ASP B 980 3.11 8.29 10.30
CA ASP B 980 3.52 9.53 10.99
C ASP B 980 2.28 10.18 11.56
N ARG B 981 2.52 11.17 12.42
CA ARG B 981 1.46 11.92 13.07
C ARG B 981 0.53 12.70 12.13
N TYR B 982 1.04 13.20 11.01
CA TYR B 982 0.23 13.98 10.08
C TYR B 982 -0.85 13.14 9.38
N GLU B 983 -0.44 11.98 8.86
CA GLU B 983 -1.34 11.08 8.24
C GLU B 983 -2.33 10.58 9.30
N TYR B 984 -1.88 10.43 10.57
CA TYR B 984 -2.76 9.95 11.66
C TYR B 984 -3.90 10.97 11.91
N ALA B 985 -3.54 12.24 11.99
CA ALA B 985 -4.53 13.30 12.20
C ALA B 985 -5.48 13.42 10.98
N LYS B 986 -4.93 13.39 9.78
CA LYS B 986 -5.70 13.55 8.55
C LYS B 986 -6.73 12.47 8.40
N ASN B 987 -6.34 11.23 8.69
CA ASN B 987 -7.20 10.06 8.37
C ASN B 987 -7.70 9.25 9.56
N PHE B 988 -7.80 9.94 10.68
CA PHE B 988 -8.12 9.39 11.97
C PHE B 988 -9.43 8.63 11.92
N ASP B 989 -10.36 9.17 11.12
CA ASP B 989 -11.70 8.63 11.06
C ASP B 989 -11.67 7.19 10.57
N LYS B 990 -10.60 6.80 9.85
CA LYS B 990 -10.45 5.37 9.45
C LYS B 990 -10.50 4.39 10.64
N LEU B 991 -10.02 4.87 11.79
CA LEU B 991 -10.04 4.05 12.99
C LEU B 991 -11.50 3.75 13.43
N ARG B 992 -12.39 4.73 13.28
CA ARG B 992 -13.79 4.55 13.66
C ARG B 992 -14.46 3.51 12.79
N THR B 993 -14.17 3.52 11.51
CA THR B 993 -14.88 2.68 10.54
C THR B 993 -14.15 1.33 10.29
N GLY B 994 -12.95 1.18 10.82
CA GLY B 994 -12.08 0.00 10.55
C GLY B 994 -11.53 -0.05 9.14
N ASP B 995 -11.34 1.12 8.51
CA ASP B 995 -10.72 1.21 7.16
C ASP B 995 -9.18 1.40 7.21
N ILE B 996 -8.58 1.27 8.40
CA ILE B 996 -7.18 1.09 8.49
C ILE B 996 -6.92 -0.14 9.41
N ASN B 997 -5.84 -0.88 9.14
CA ASN B 997 -5.41 -1.93 10.07
C ASN B 997 -4.88 -1.33 11.35
N VAL B 998 -5.05 -2.06 12.45
CA VAL B 998 -4.44 -1.68 13.72
C VAL B 998 -3.56 -2.85 14.27
N LYS B 999 -2.56 -2.46 15.03
CA LYS B 999 -1.55 -3.42 15.47
C LYS B 999 -1.26 -3.23 16.91
N GLY B 1000 -0.73 -4.26 17.54
CA GLY B 1000 -0.58 -4.30 19.01
C GLY B 1000 0.69 -3.59 19.48
N GLY B 1001 0.57 -3.03 20.64
CA GLY B 1001 1.67 -2.37 21.31
C GLY B 1001 2.46 -3.25 22.25
N TRP B 1002 3.11 -2.61 23.19
CA TRP B 1002 4.04 -3.27 24.08
C TRP B 1002 3.34 -4.33 24.94
N ARG B 1003 4.07 -5.41 25.23
CA ARG B 1003 3.53 -6.56 25.84
C ARG B 1003 3.84 -6.69 27.35
N LEU B 1004 2.88 -7.36 28.00
CA LEU B 1004 3.00 -8.05 29.24
C LEU B 1004 2.95 -7.10 30.42
N TYR B 1005 3.83 -6.13 30.47
CA TYR B 1005 4.06 -5.38 31.72
C TYR B 1005 3.12 -4.19 31.74
N SER B 1006 2.12 -4.32 32.58
CA SER B 1006 0.99 -3.37 32.66
C SER B 1006 0.12 -3.76 33.84
N SER B 1007 -0.63 -2.80 34.37
CA SER B 1007 -1.77 -3.07 35.28
C SER B 1007 -2.93 -3.79 34.55
N GLY B 1008 -2.93 -3.72 33.21
CA GLY B 1008 -4.00 -4.29 32.44
C GLY B 1008 -4.42 -5.69 32.85
N PRO B 1009 -3.48 -6.63 32.90
CA PRO B 1009 -3.82 -8.04 33.14
C PRO B 1009 -4.53 -8.26 34.42
N GLY B 1010 -3.99 -7.73 35.49
CA GLY B 1010 -4.67 -7.80 36.79
C GLY B 1010 -6.04 -7.16 36.82
N ILE B 1011 -6.22 -6.01 36.15
CA ILE B 1011 -7.53 -5.34 36.15
C ILE B 1011 -8.55 -5.98 35.21
N TYR B 1012 -8.05 -6.65 34.17
CA TYR B 1012 -8.92 -7.44 33.25
C TYR B 1012 -9.48 -8.62 34.03
N ILE B 1013 -8.60 -9.29 34.78
CA ILE B 1013 -8.98 -10.42 35.60
C ILE B 1013 -10.09 -9.99 36.56
N ARG B 1014 -9.91 -8.88 37.23
CA ARG B 1014 -10.98 -8.34 38.10
C ARG B 1014 -12.27 -8.03 37.37
N ARG B 1015 -12.20 -7.46 36.19
CA ARG B 1015 -13.41 -7.34 35.37
C ARG B 1015 -14.13 -8.67 35.14
N ILE B 1016 -13.36 -9.69 34.75
CA ILE B 1016 -13.94 -10.97 34.42
C ILE B 1016 -14.69 -11.56 35.62
N ILE B 1017 -14.00 -11.63 36.74
CA ILE B 1017 -14.48 -12.35 37.89
C ILE B 1017 -15.43 -11.46 38.77
N ALA B 1018 -14.95 -10.30 39.23
CA ALA B 1018 -15.73 -9.41 40.07
C ALA B 1018 -16.89 -8.72 39.40
N ASP B 1019 -16.69 -8.17 38.21
CA ASP B 1019 -17.71 -7.25 37.64
C ASP B 1019 -18.68 -7.90 36.66
N LEU B 1020 -18.22 -8.92 35.92
CA LEU B 1020 -19.04 -9.58 34.93
C LEU B 1020 -19.66 -10.92 35.43
N LEU B 1021 -18.83 -11.89 35.81
CA LEU B 1021 -19.30 -13.14 36.44
C LEU B 1021 -19.90 -12.80 37.82
N GLY B 1022 -19.47 -11.69 38.39
CA GLY B 1022 -20.13 -11.06 39.51
C GLY B 1022 -19.83 -11.64 40.89
N ILE B 1023 -18.70 -12.30 41.06
CA ILE B 1023 -18.32 -12.85 42.35
C ILE B 1023 -17.32 -11.92 43.07
N ARG B 1024 -17.77 -11.30 44.16
CA ARG B 1024 -16.94 -10.37 44.92
C ARG B 1024 -16.98 -10.67 46.43
N PHE B 1025 -15.86 -10.36 47.10
CA PHE B 1025 -15.68 -10.66 48.51
C PHE B 1025 -15.65 -9.43 49.34
N GLY B 1026 -16.39 -9.51 50.42
CA GLY B 1026 -16.58 -8.39 51.34
C GLY B 1026 -16.36 -8.91 52.74
N HIS B 1027 -16.48 -8.01 53.70
CA HIS B 1027 -16.24 -8.35 55.09
C HIS B 1027 -17.28 -9.35 55.63
N ASN B 1028 -16.88 -10.60 55.74
CA ASN B 1028 -17.80 -11.70 56.11
C ASN B 1028 -19.05 -11.80 55.26
N VAL B 1029 -18.92 -11.38 54.01
CA VAL B 1029 -19.98 -11.49 53.04
C VAL B 1029 -19.40 -11.84 51.65
N ILE B 1030 -20.29 -12.34 50.79
CA ILE B 1030 -20.01 -12.59 49.39
C ILE B 1030 -21.10 -11.80 48.67
N HIS B 1031 -20.68 -11.07 47.63
CA HIS B 1031 -21.58 -10.33 46.77
C HIS B 1031 -21.69 -11.05 45.50
N ILE B 1032 -22.90 -11.21 45.02
CA ILE B 1032 -23.15 -11.95 43.79
C ILE B 1032 -23.91 -10.96 42.95
N ASP B 1033 -23.27 -10.47 41.89
CA ASP B 1033 -23.81 -9.39 41.10
C ASP B 1033 -23.44 -9.53 39.63
N PRO B 1034 -23.91 -10.57 38.98
CA PRO B 1034 -23.47 -10.82 37.60
C PRO B 1034 -24.02 -9.85 36.62
N VAL B 1035 -23.20 -9.57 35.61
CA VAL B 1035 -23.58 -8.80 34.41
C VAL B 1035 -23.18 -9.71 33.27
N VAL B 1036 -24.13 -10.52 32.84
CA VAL B 1036 -23.86 -11.57 31.86
C VAL B 1036 -24.91 -11.53 30.75
N THR B 1037 -24.55 -12.09 29.61
CA THR B 1037 -25.48 -12.14 28.48
C THR B 1037 -26.15 -13.50 28.50
N LYS B 1038 -27.09 -13.66 27.61
CA LYS B 1038 -27.81 -14.90 27.47
C LYS B 1038 -26.90 -16.07 27.08
N GLU B 1039 -25.79 -15.81 26.41
CA GLU B 1039 -24.90 -16.94 26.08
C GLU B 1039 -24.25 -17.57 27.28
N LEU B 1040 -24.27 -16.93 28.45
CA LEU B 1040 -23.86 -17.57 29.68
C LEU B 1040 -24.95 -18.43 30.40
N ASP B 1041 -26.13 -18.46 29.86
CA ASP B 1041 -27.16 -19.29 30.39
C ASP B 1041 -26.68 -20.74 30.27
N GLY B 1042 -26.70 -21.44 31.40
CA GLY B 1042 -26.33 -22.84 31.47
C GLY B 1042 -24.84 -23.09 31.60
N VAL B 1043 -24.03 -22.02 31.66
CA VAL B 1043 -22.62 -22.14 31.82
C VAL B 1043 -22.39 -22.13 33.30
N THR B 1044 -21.40 -22.86 33.77
CA THR B 1044 -21.01 -22.93 35.16
C THR B 1044 -19.62 -22.39 35.37
N LEU B 1045 -19.45 -21.65 36.44
CA LEU B 1045 -18.12 -21.28 36.92
C LEU B 1045 -17.70 -22.04 38.18
N GLN B 1046 -16.59 -22.73 38.09
CA GLN B 1046 -15.90 -23.24 39.26
C GLN B 1046 -15.04 -22.14 39.87
N PHE B 1047 -15.21 -21.91 41.16
CA PHE B 1047 -14.43 -20.87 41.82
C PHE B 1047 -14.32 -21.16 43.29
N THR B 1048 -13.13 -20.92 43.85
CA THR B 1048 -12.88 -21.18 45.26
C THR B 1048 -13.15 -19.92 46.05
N CYS B 1049 -14.12 -20.02 46.98
CA CYS B 1049 -14.60 -18.91 47.81
C CYS B 1049 -14.43 -19.19 49.32
N PHE B 1050 -13.72 -18.28 50.00
CA PHE B 1050 -13.32 -18.49 51.40
C PHE B 1050 -12.71 -19.86 51.64
N GLY B 1051 -11.89 -20.32 50.71
CA GLY B 1051 -11.28 -21.61 50.80
C GLY B 1051 -12.12 -22.80 50.39
N LYS B 1052 -13.34 -22.60 49.96
CA LYS B 1052 -14.22 -23.70 49.54
C LYS B 1052 -14.57 -23.61 48.05
N THR B 1053 -14.32 -24.67 47.33
CA THR B 1053 -14.56 -24.66 45.92
C THR B 1053 -16.05 -24.84 45.73
N VAL B 1054 -16.64 -23.94 44.96
CA VAL B 1054 -18.06 -24.00 44.62
C VAL B 1054 -18.26 -23.95 43.14
N PHE B 1055 -19.46 -24.28 42.70
CA PHE B 1055 -19.81 -24.20 41.28
C PHE B 1055 -21.00 -23.30 41.11
N PHE B 1056 -20.84 -22.22 40.32
CA PHE B 1056 -21.90 -21.25 40.09
C PHE B 1056 -22.47 -21.49 38.72
N THR B 1057 -23.73 -21.95 38.60
CA THR B 1057 -24.38 -22.13 37.32
C THR B 1057 -25.31 -20.94 37.06
N TYR B 1058 -25.19 -20.35 35.86
CA TYR B 1058 -25.91 -19.14 35.50
C TYR B 1058 -27.18 -19.52 34.78
N HIS B 1059 -28.25 -18.88 35.20
CA HIS B 1059 -29.52 -18.95 34.51
C HIS B 1059 -29.94 -17.52 34.26
N VAL B 1060 -30.12 -17.19 33.00
CA VAL B 1060 -30.38 -15.81 32.58
C VAL B 1060 -31.81 -15.70 32.07
N ASP B 1061 -32.66 -15.07 32.88
CA ASP B 1061 -34.11 -15.15 32.68
C ASP B 1061 -34.69 -13.74 32.78
N ASP B 1062 -34.94 -13.14 31.61
CA ASP B 1062 -35.41 -11.76 31.55
C ASP B 1062 -36.86 -11.59 31.99
N THR B 1063 -37.59 -12.70 32.16
CA THR B 1063 -38.99 -12.69 32.58
C THR B 1063 -39.19 -12.79 34.10
N ASP B 1065 -39.41 -12.04 38.25
CA ASP B 1065 -39.96 -10.97 39.07
C ASP B 1065 -38.82 -10.14 39.73
N LYS B 1066 -37.93 -10.81 40.45
CA LYS B 1066 -36.82 -10.10 41.11
C LYS B 1066 -35.57 -10.06 40.19
N HIS B 1067 -34.59 -9.24 40.55
CA HIS B 1067 -33.43 -9.11 39.70
C HIS B 1067 -32.55 -10.36 39.77
N ILE B 1068 -32.39 -10.87 40.97
CA ILE B 1068 -31.51 -12.02 41.22
C ILE B 1068 -32.08 -12.99 42.26
N CYS B 1069 -31.82 -14.26 42.09
CA CYS B 1069 -32.13 -15.27 43.11
C CYS B 1069 -30.99 -16.30 43.12
N VAL B 1070 -30.47 -16.67 44.27
CA VAL B 1070 -29.47 -17.73 44.32
C VAL B 1070 -29.91 -18.91 45.19
N LYS B 1071 -29.84 -20.11 44.59
CA LYS B 1071 -30.28 -21.36 45.23
C LYS B 1071 -29.17 -22.36 45.37
N SER B 1072 -29.21 -23.10 46.46
CA SER B 1072 -28.39 -24.30 46.59
C SER B 1072 -29.28 -25.42 47.10
N ASN B 1073 -29.28 -26.55 46.41
CA ASN B 1073 -30.24 -27.65 46.67
C ASN B 1073 -31.68 -27.11 46.81
N ASN B 1074 -32.01 -26.24 45.89
CA ASN B 1074 -33.29 -25.61 45.76
C ASN B 1074 -33.68 -24.65 46.89
N ASN B 1075 -32.80 -24.41 47.85
CA ASN B 1075 -33.09 -23.46 48.93
C ASN B 1075 -32.58 -22.11 48.49
N ILE B 1076 -33.41 -21.10 48.63
CA ILE B 1076 -33.03 -19.73 48.35
C ILE B 1076 -32.13 -19.20 49.46
N LEU B 1077 -30.97 -18.68 49.06
CA LEU B 1077 -30.09 -18.04 49.99
C LEU B 1077 -30.60 -16.68 50.36
N PRO B 1078 -30.72 -16.40 51.68
CA PRO B 1078 -31.14 -15.10 52.11
C PRO B 1078 -29.97 -14.09 51.97
N GLY B 1079 -30.31 -12.83 51.83
CA GLY B 1079 -29.31 -11.79 51.81
C GLY B 1079 -29.94 -10.43 51.66
N ASP B 1080 -29.11 -9.41 51.46
CA ASP B 1080 -29.54 -8.01 51.29
C ASP B 1080 -29.24 -7.52 49.88
N ASN B 1081 -29.96 -6.51 49.44
CA ASN B 1081 -29.73 -6.01 48.09
C ASN B 1081 -28.58 -5.05 48.06
N LEU B 1082 -27.77 -5.08 47.01
CA LEU B 1082 -26.70 -4.11 46.83
C LEU B 1082 -27.20 -2.80 46.31
N ASN B 1083 -26.48 -1.72 46.60
CA ASN B 1083 -26.87 -0.38 46.12
C ASN B 1083 -26.22 -0.06 44.82
N ASN B 1084 -27.02 0.38 43.88
CA ASN B 1084 -26.50 0.79 42.61
C ASN B 1084 -27.50 1.80 42.05
N ILE B 1085 -27.03 3.02 41.75
CA ILE B 1085 -27.95 4.06 41.23
C ILE B 1085 -28.41 3.86 39.82
N TYR B 1086 -27.81 2.92 39.06
CA TYR B 1086 -28.14 2.81 37.69
C TYR B 1086 -29.06 1.63 37.35
N ARG B 1087 -29.23 0.71 38.26
CA ARG B 1087 -29.91 -0.56 37.94
C ARG B 1087 -30.17 -1.23 39.23
N ASP B 1088 -30.90 -2.33 39.18
CA ASP B 1088 -31.04 -3.21 40.35
C ASP B 1088 -29.75 -3.82 40.68
N GLY B 1089 -29.37 -3.73 41.94
CA GLY B 1089 -28.11 -4.33 42.38
C GLY B 1089 -28.22 -5.84 42.58
N GLY B 1090 -27.10 -6.47 42.92
CA GLY B 1090 -27.04 -7.93 43.14
C GLY B 1090 -27.42 -8.25 44.58
N ILE B 1091 -26.83 -9.30 45.13
CA ILE B 1091 -27.16 -9.66 46.49
C ILE B 1091 -25.93 -9.89 47.35
N GLN B 1092 -26.02 -9.48 48.60
CA GLN B 1092 -25.03 -9.73 49.60
C GLN B 1092 -25.49 -10.85 50.48
N ILE B 1093 -24.67 -11.89 50.59
CA ILE B 1093 -24.97 -13.06 51.38
C ILE B 1093 -23.89 -13.20 52.40
N ALA B 1094 -24.31 -13.47 53.63
CA ALA B 1094 -23.37 -13.68 54.72
C ALA B 1094 -22.50 -14.92 54.46
N LYS B 1095 -21.26 -14.80 54.89
CA LYS B 1095 -20.26 -15.83 54.70
C LYS B 1095 -20.67 -17.12 55.33
N ASP B 1096 -21.15 -17.04 56.57
CA ASP B 1096 -21.54 -18.28 57.29
C ASP B 1096 -22.75 -18.98 56.65
N VAL B 1097 -23.72 -18.20 56.23
CA VAL B 1097 -24.86 -18.71 55.47
C VAL B 1097 -24.36 -19.37 54.16
N PHE B 1098 -23.53 -18.65 53.41
CA PHE B 1098 -23.01 -19.18 52.14
C PHE B 1098 -22.22 -20.47 52.36
N LEU B 1099 -21.27 -20.47 53.29
CA LEU B 1099 -20.47 -21.70 53.51
C LEU B 1099 -21.31 -22.90 54.03
N SER B 1100 -22.28 -22.61 54.87
CA SER B 1100 -23.16 -23.67 55.42
C SER B 1100 -23.95 -24.33 54.28
N ALA B 1101 -24.52 -23.50 53.41
CA ALA B 1101 -25.13 -24.00 52.18
C ALA B 1101 -24.16 -24.80 51.32
N ALA B 1102 -22.91 -24.34 51.24
CA ALA B 1102 -21.93 -25.00 50.34
C ALA B 1102 -21.51 -26.34 50.84
N SER B 1104 -23.42 -28.49 52.38
CA SER B 1104 -24.41 -29.52 51.93
C SER B 1104 -24.54 -29.71 50.43
N ASP B 1105 -24.40 -28.63 49.67
CA ASP B 1105 -24.46 -28.72 48.19
C ASP B 1105 -23.71 -27.54 47.58
N ASN B 1106 -22.60 -27.85 46.93
CA ASN B 1106 -21.70 -26.80 46.46
C ASN B 1106 -22.01 -26.33 45.04
N ASN B 1107 -23.12 -26.76 44.45
CA ASN B 1107 -23.54 -26.21 43.14
C ASN B 1107 -24.60 -25.12 43.39
N PHE B 1108 -24.18 -23.84 43.30
CA PHE B 1108 -25.10 -22.69 43.52
C PHE B 1108 -25.67 -22.32 42.19
N HIS B 1109 -26.95 -22.09 42.14
CA HIS B 1109 -27.61 -21.73 40.90
C HIS B 1109 -27.93 -20.26 40.99
N ILE B 1110 -27.47 -19.50 40.01
CA ILE B 1110 -27.72 -18.04 40.04
C ILE B 1110 -28.70 -17.66 38.98
N TYR B 1111 -29.86 -17.17 39.42
CA TYR B 1111 -30.94 -16.75 38.51
C TYR B 1111 -30.91 -15.23 38.39
N VAL B 1112 -30.66 -14.73 37.19
CA VAL B 1112 -30.46 -13.30 37.06
C VAL B 1112 -31.13 -12.78 35.80
N LYS B 1113 -31.61 -11.54 35.83
CA LYS B 1113 -31.99 -10.80 34.59
C LYS B 1113 -30.77 -10.19 33.83
N ASN B 1114 -30.75 -10.34 32.50
CA ASN B 1114 -29.64 -9.82 31.64
C ASN B 1114 -29.96 -8.38 31.33
#